data_3BEE
# 
_entry.id   3BEE 
# 
_audit_conform.dict_name       mmcif_pdbx.dic 
_audit_conform.dict_version    5.399 
_audit_conform.dict_location   http://mmcif.pdb.org/dictionaries/ascii/mmcif_pdbx.dic 
# 
loop_
_database_2.database_id 
_database_2.database_code 
_database_2.pdbx_database_accession 
_database_2.pdbx_DOI 
PDB   3BEE         pdb_00003bee 10.2210/pdb3bee/pdb 
RCSB  RCSB045415   ?            ?                   
WWPDB D_1000045415 ?            ?                   
# 
loop_
_pdbx_audit_revision_history.ordinal 
_pdbx_audit_revision_history.data_content_type 
_pdbx_audit_revision_history.major_revision 
_pdbx_audit_revision_history.minor_revision 
_pdbx_audit_revision_history.revision_date 
1 'Structure model' 1 0 2007-12-04 
2 'Structure model' 1 1 2011-07-13 
3 'Structure model' 1 2 2024-11-20 
# 
_pdbx_audit_revision_details.ordinal             1 
_pdbx_audit_revision_details.revision_ordinal    1 
_pdbx_audit_revision_details.data_content_type   'Structure model' 
_pdbx_audit_revision_details.provider            repository 
_pdbx_audit_revision_details.type                'Initial release' 
_pdbx_audit_revision_details.description         ? 
_pdbx_audit_revision_details.details             ? 
# 
loop_
_pdbx_audit_revision_group.ordinal 
_pdbx_audit_revision_group.revision_ordinal 
_pdbx_audit_revision_group.data_content_type 
_pdbx_audit_revision_group.group 
1 2 'Structure model' Advisory                    
2 2 'Structure model' 'Version format compliance' 
3 3 'Structure model' 'Data collection'           
4 3 'Structure model' 'Database references'       
5 3 'Structure model' 'Derived calculations'      
6 3 'Structure model' 'Structure summary'         
# 
loop_
_pdbx_audit_revision_category.ordinal 
_pdbx_audit_revision_category.revision_ordinal 
_pdbx_audit_revision_category.data_content_type 
_pdbx_audit_revision_category.category 
1 3 'Structure model' chem_comp_atom            
2 3 'Structure model' chem_comp_bond            
3 3 'Structure model' database_2                
4 3 'Structure model' pdbx_entry_details        
5 3 'Structure model' pdbx_modification_feature 
6 3 'Structure model' struct_conn               
7 3 'Structure model' struct_ref_seq_dif        
8 3 'Structure model' struct_site               
# 
loop_
_pdbx_audit_revision_item.ordinal 
_pdbx_audit_revision_item.revision_ordinal 
_pdbx_audit_revision_item.data_content_type 
_pdbx_audit_revision_item.item 
1 3 'Structure model' '_database_2.pdbx_DOI'                
2 3 'Structure model' '_database_2.pdbx_database_accession' 
3 3 'Structure model' '_struct_conn.pdbx_leaving_atom_flag' 
4 3 'Structure model' '_struct_ref_seq_dif.details'         
5 3 'Structure model' '_struct_site.pdbx_auth_asym_id'      
6 3 'Structure model' '_struct_site.pdbx_auth_comp_id'      
7 3 'Structure model' '_struct_site.pdbx_auth_seq_id'       
# 
_pdbx_database_status.status_code                     REL 
_pdbx_database_status.entry_id                        3BEE 
_pdbx_database_status.recvd_initial_deposition_date   2007-11-16 
_pdbx_database_status.deposit_site                    RCSB 
_pdbx_database_status.process_site                    RCSB 
_pdbx_database_status.status_code_sf                  REL 
_pdbx_database_status.status_code_mr                  ? 
_pdbx_database_status.SG_entry                        Y 
_pdbx_database_status.pdb_format_compatible           Y 
_pdbx_database_status.status_code_cs                  ? 
_pdbx_database_status.status_code_nmr_data            ? 
_pdbx_database_status.methods_development_category    ? 
# 
_pdbx_database_related.db_name        TargetDB 
_pdbx_database_related.db_id          APC91400.1 
_pdbx_database_related.details        . 
_pdbx_database_related.content_type   unspecified 
# 
loop_
_audit_author.name 
_audit_author.pdbx_ordinal 
'Chang, C.'                                     1 
'Hatzos, C.'                                    2 
'Abdullah, J.'                                  3 
'Joachimiak, A.'                                4 
'Midwest Center for Structural Genomics (MCSG)' 5 
# 
_citation.id                        primary 
_citation.title                     'Crystal structure of putative YfrE protein from Vibrio parahaemolyticus.' 
_citation.journal_abbrev            'To be Published' 
_citation.journal_volume            ? 
_citation.page_first                ? 
_citation.page_last                 ? 
_citation.year                      ? 
_citation.journal_id_ASTM           ? 
_citation.country                   ? 
_citation.journal_id_ISSN           ? 
_citation.journal_id_CSD            0353 
_citation.book_publisher            ? 
_citation.pdbx_database_id_PubMed   ? 
_citation.pdbx_database_id_DOI      ? 
# 
loop_
_citation_author.citation_id 
_citation_author.name 
_citation_author.ordinal 
_citation_author.identifier_ORCID 
primary 'Chang, C.'      1 ? 
primary 'Hatzos, C.'     2 ? 
primary 'Abdullah, J.'   3 ? 
primary 'Joachimiak, A.' 4 ? 
# 
loop_
_entity.id 
_entity.type 
_entity.src_method 
_entity.pdbx_description 
_entity.formula_weight 
_entity.pdbx_number_of_molecules 
_entity.pdbx_ec 
_entity.pdbx_mutation 
_entity.pdbx_fragment 
_entity.details 
1 polymer     man 'Putative YfrE protein' 10568.690 2   ? ? 'Residues 146-235' ? 
2 non-polymer syn 1,2-ETHANEDIOL          62.068    4   ? ? ?                  ? 
3 water       nat water                   18.015    103 ? ? ?                  ? 
# 
_entity_poly.entity_id                      1 
_entity_poly.type                           'polypeptide(L)' 
_entity_poly.nstd_linkage                   no 
_entity_poly.nstd_monomer                   yes 
_entity_poly.pdbx_seq_one_letter_code       
;SNAVTATQLAAKATTLYYLHKQA(MSE)TDEVSLLLEQALQLEPYNEAALSLIANDHFISFRFQEAIDTWVLLLDSNDPN
LDRVTIIESINKAKKL(MSE)
;
_entity_poly.pdbx_seq_one_letter_code_can   
;SNAVTATQLAAKATTLYYLHKQAMTDEVSLLLEQALQLEPYNEAALSLIANDHFISFRFQEAIDTWVLLLDSNDPNLDRV
TIIESINKAKKLM
;
_entity_poly.pdbx_strand_id                 A,B 
_entity_poly.pdbx_target_identifier         APC91400.1 
# 
loop_
_pdbx_entity_nonpoly.entity_id 
_pdbx_entity_nonpoly.name 
_pdbx_entity_nonpoly.comp_id 
2 1,2-ETHANEDIOL EDO 
3 water          HOH 
# 
loop_
_entity_poly_seq.entity_id 
_entity_poly_seq.num 
_entity_poly_seq.mon_id 
_entity_poly_seq.hetero 
1 1  SER n 
1 2  ASN n 
1 3  ALA n 
1 4  VAL n 
1 5  THR n 
1 6  ALA n 
1 7  THR n 
1 8  GLN n 
1 9  LEU n 
1 10 ALA n 
1 11 ALA n 
1 12 LYS n 
1 13 ALA n 
1 14 THR n 
1 15 THR n 
1 16 LEU n 
1 17 TYR n 
1 18 TYR n 
1 19 LEU n 
1 20 HIS n 
1 21 LYS n 
1 22 GLN n 
1 23 ALA n 
1 24 MSE n 
1 25 THR n 
1 26 ASP n 
1 27 GLU n 
1 28 VAL n 
1 29 SER n 
1 30 LEU n 
1 31 LEU n 
1 32 LEU n 
1 33 GLU n 
1 34 GLN n 
1 35 ALA n 
1 36 LEU n 
1 37 GLN n 
1 38 LEU n 
1 39 GLU n 
1 40 PRO n 
1 41 TYR n 
1 42 ASN n 
1 43 GLU n 
1 44 ALA n 
1 45 ALA n 
1 46 LEU n 
1 47 SER n 
1 48 LEU n 
1 49 ILE n 
1 50 ALA n 
1 51 ASN n 
1 52 ASP n 
1 53 HIS n 
1 54 PHE n 
1 55 ILE n 
1 56 SER n 
1 57 PHE n 
1 58 ARG n 
1 59 PHE n 
1 60 GLN n 
1 61 GLU n 
1 62 ALA n 
1 63 ILE n 
1 64 ASP n 
1 65 THR n 
1 66 TRP n 
1 67 VAL n 
1 68 LEU n 
1 69 LEU n 
1 70 LEU n 
1 71 ASP n 
1 72 SER n 
1 73 ASN n 
1 74 ASP n 
1 75 PRO n 
1 76 ASN n 
1 77 LEU n 
1 78 ASP n 
1 79 ARG n 
1 80 VAL n 
1 81 THR n 
1 82 ILE n 
1 83 ILE n 
1 84 GLU n 
1 85 SER n 
1 86 ILE n 
1 87 ASN n 
1 88 LYS n 
1 89 ALA n 
1 90 LYS n 
1 91 LYS n 
1 92 LEU n 
1 93 MSE n 
# 
_entity_src_gen.entity_id                          1 
_entity_src_gen.pdbx_src_id                        1 
_entity_src_gen.pdbx_alt_source_flag               sample 
_entity_src_gen.pdbx_seq_type                      ? 
_entity_src_gen.pdbx_beg_seq_num                   ? 
_entity_src_gen.pdbx_end_seq_num                   ? 
_entity_src_gen.gene_src_common_name               ? 
_entity_src_gen.gene_src_genus                     Vibrio 
_entity_src_gen.pdbx_gene_src_gene                 VP1931 
_entity_src_gen.gene_src_species                   'Vibrio parahaemolyticus' 
_entity_src_gen.gene_src_strain                    'RIMD 2210633 / Serotype O3:K6' 
_entity_src_gen.gene_src_tissue                    ? 
_entity_src_gen.gene_src_tissue_fraction           ? 
_entity_src_gen.gene_src_details                   ? 
_entity_src_gen.pdbx_gene_src_fragment             ? 
_entity_src_gen.pdbx_gene_src_scientific_name      'Vibrio parahaemolyticus RIMD 2210633' 
_entity_src_gen.pdbx_gene_src_ncbi_taxonomy_id     223926 
_entity_src_gen.pdbx_gene_src_variant              ? 
_entity_src_gen.pdbx_gene_src_cell_line            ? 
_entity_src_gen.pdbx_gene_src_atcc                 ? 
_entity_src_gen.pdbx_gene_src_organ                ? 
_entity_src_gen.pdbx_gene_src_organelle            ? 
_entity_src_gen.pdbx_gene_src_cell                 ? 
_entity_src_gen.pdbx_gene_src_cellular_location    ? 
_entity_src_gen.host_org_common_name               ? 
_entity_src_gen.pdbx_host_org_scientific_name      'Escherichia coli' 
_entity_src_gen.pdbx_host_org_ncbi_taxonomy_id     562 
_entity_src_gen.host_org_genus                     Escherichia 
_entity_src_gen.pdbx_host_org_gene                 ? 
_entity_src_gen.pdbx_host_org_organ                ? 
_entity_src_gen.host_org_species                   ? 
_entity_src_gen.pdbx_host_org_tissue               ? 
_entity_src_gen.pdbx_host_org_tissue_fraction      ? 
_entity_src_gen.pdbx_host_org_strain               'BL21(DE3) derivative' 
_entity_src_gen.pdbx_host_org_variant              ? 
_entity_src_gen.pdbx_host_org_cell_line            ? 
_entity_src_gen.pdbx_host_org_atcc                 ? 
_entity_src_gen.pdbx_host_org_culture_collection   ? 
_entity_src_gen.pdbx_host_org_cell                 ? 
_entity_src_gen.pdbx_host_org_organelle            ? 
_entity_src_gen.pdbx_host_org_cellular_location    ? 
_entity_src_gen.pdbx_host_org_vector_type          Plasmid 
_entity_src_gen.pdbx_host_org_vector               ? 
_entity_src_gen.host_org_details                   ? 
_entity_src_gen.expression_system_id               ? 
_entity_src_gen.plasmid_name                       pMCSG7 
_entity_src_gen.plasmid_details                    ? 
_entity_src_gen.pdbx_description                   ? 
# 
loop_
_chem_comp.id 
_chem_comp.type 
_chem_comp.mon_nstd_flag 
_chem_comp.name 
_chem_comp.pdbx_synonyms 
_chem_comp.formula 
_chem_comp.formula_weight 
ALA 'L-peptide linking' y ALANINE          ?                 'C3 H7 N O2'     89.093  
ARG 'L-peptide linking' y ARGININE         ?                 'C6 H15 N4 O2 1' 175.209 
ASN 'L-peptide linking' y ASPARAGINE       ?                 'C4 H8 N2 O3'    132.118 
ASP 'L-peptide linking' y 'ASPARTIC ACID'  ?                 'C4 H7 N O4'     133.103 
EDO non-polymer         . 1,2-ETHANEDIOL   'ETHYLENE GLYCOL' 'C2 H6 O2'       62.068  
GLN 'L-peptide linking' y GLUTAMINE        ?                 'C5 H10 N2 O3'   146.144 
GLU 'L-peptide linking' y 'GLUTAMIC ACID'  ?                 'C5 H9 N O4'     147.129 
HIS 'L-peptide linking' y HISTIDINE        ?                 'C6 H10 N3 O2 1' 156.162 
HOH non-polymer         . WATER            ?                 'H2 O'           18.015  
ILE 'L-peptide linking' y ISOLEUCINE       ?                 'C6 H13 N O2'    131.173 
LEU 'L-peptide linking' y LEUCINE          ?                 'C6 H13 N O2'    131.173 
LYS 'L-peptide linking' y LYSINE           ?                 'C6 H15 N2 O2 1' 147.195 
MSE 'L-peptide linking' n SELENOMETHIONINE ?                 'C5 H11 N O2 Se' 196.106 
PHE 'L-peptide linking' y PHENYLALANINE    ?                 'C9 H11 N O2'    165.189 
PRO 'L-peptide linking' y PROLINE          ?                 'C5 H9 N O2'     115.130 
SER 'L-peptide linking' y SERINE           ?                 'C3 H7 N O3'     105.093 
THR 'L-peptide linking' y THREONINE        ?                 'C4 H9 N O3'     119.119 
TRP 'L-peptide linking' y TRYPTOPHAN       ?                 'C11 H12 N2 O2'  204.225 
TYR 'L-peptide linking' y TYROSINE         ?                 'C9 H11 N O3'    181.189 
VAL 'L-peptide linking' y VALINE           ?                 'C5 H11 N O2'    117.146 
# 
loop_
_pdbx_poly_seq_scheme.asym_id 
_pdbx_poly_seq_scheme.entity_id 
_pdbx_poly_seq_scheme.seq_id 
_pdbx_poly_seq_scheme.mon_id 
_pdbx_poly_seq_scheme.ndb_seq_num 
_pdbx_poly_seq_scheme.pdb_seq_num 
_pdbx_poly_seq_scheme.auth_seq_num 
_pdbx_poly_seq_scheme.pdb_mon_id 
_pdbx_poly_seq_scheme.auth_mon_id 
_pdbx_poly_seq_scheme.pdb_strand_id 
_pdbx_poly_seq_scheme.pdb_ins_code 
_pdbx_poly_seq_scheme.hetero 
A 1 1  SER 1  143 ?   ?   ?   A . n 
A 1 2  ASN 2  144 144 ASN ALA A . n 
A 1 3  ALA 3  145 145 ALA ALA A . n 
A 1 4  VAL 4  146 146 VAL VAL A . n 
A 1 5  THR 5  147 147 THR THR A . n 
A 1 6  ALA 6  148 148 ALA ALA A . n 
A 1 7  THR 7  149 149 THR THR A . n 
A 1 8  GLN 8  150 150 GLN GLN A . n 
A 1 9  LEU 9  151 151 LEU LEU A . n 
A 1 10 ALA 10 152 152 ALA ALA A . n 
A 1 11 ALA 11 153 153 ALA ALA A . n 
A 1 12 LYS 12 154 154 LYS LYS A . n 
A 1 13 ALA 13 155 155 ALA ALA A . n 
A 1 14 THR 14 156 156 THR THR A . n 
A 1 15 THR 15 157 157 THR THR A . n 
A 1 16 LEU 16 158 158 LEU LEU A . n 
A 1 17 TYR 17 159 159 TYR TYR A . n 
A 1 18 TYR 18 160 160 TYR TYR A . n 
A 1 19 LEU 19 161 161 LEU LEU A . n 
A 1 20 HIS 20 162 162 HIS HIS A . n 
A 1 21 LYS 21 163 163 LYS LYS A . n 
A 1 22 GLN 22 164 164 GLN GLN A . n 
A 1 23 ALA 23 165 165 ALA ALA A . n 
A 1 24 MSE 24 166 166 MSE MSE A . n 
A 1 25 THR 25 167 167 THR THR A . n 
A 1 26 ASP 26 168 168 ASP ASP A . n 
A 1 27 GLU 27 169 169 GLU GLU A . n 
A 1 28 VAL 28 170 170 VAL VAL A . n 
A 1 29 SER 29 171 171 SER SER A . n 
A 1 30 LEU 30 172 172 LEU LEU A . n 
A 1 31 LEU 31 173 173 LEU LEU A . n 
A 1 32 LEU 32 174 174 LEU LEU A . n 
A 1 33 GLU 33 175 175 GLU GLU A . n 
A 1 34 GLN 34 176 176 GLN GLN A . n 
A 1 35 ALA 35 177 177 ALA ALA A . n 
A 1 36 LEU 36 178 178 LEU LEU A . n 
A 1 37 GLN 37 179 179 GLN GLN A . n 
A 1 38 LEU 38 180 180 LEU LEU A . n 
A 1 39 GLU 39 181 181 GLU GLU A . n 
A 1 40 PRO 40 182 182 PRO PRO A . n 
A 1 41 TYR 41 183 183 TYR TYR A . n 
A 1 42 ASN 42 184 184 ASN ASN A . n 
A 1 43 GLU 43 185 185 GLU GLU A . n 
A 1 44 ALA 44 186 186 ALA ALA A . n 
A 1 45 ALA 45 187 187 ALA ALA A . n 
A 1 46 LEU 46 188 188 LEU LEU A . n 
A 1 47 SER 47 189 189 SER SER A . n 
A 1 48 LEU 48 190 190 LEU LEU A . n 
A 1 49 ILE 49 191 191 ILE ILE A . n 
A 1 50 ALA 50 192 192 ALA ALA A . n 
A 1 51 ASN 51 193 193 ASN ASN A . n 
A 1 52 ASP 52 194 194 ASP ASP A . n 
A 1 53 HIS 53 195 195 HIS HIS A . n 
A 1 54 PHE 54 196 196 PHE PHE A . n 
A 1 55 ILE 55 197 197 ILE ILE A . n 
A 1 56 SER 56 198 198 SER SER A . n 
A 1 57 PHE 57 199 199 PHE PHE A . n 
A 1 58 ARG 58 200 200 ARG ARG A . n 
A 1 59 PHE 59 201 201 PHE PHE A . n 
A 1 60 GLN 60 202 202 GLN GLN A . n 
A 1 61 GLU 61 203 203 GLU GLU A . n 
A 1 62 ALA 62 204 204 ALA ALA A . n 
A 1 63 ILE 63 205 205 ILE ILE A . n 
A 1 64 ASP 64 206 206 ASP ASP A . n 
A 1 65 THR 65 207 207 THR THR A . n 
A 1 66 TRP 66 208 208 TRP TRP A . n 
A 1 67 VAL 67 209 209 VAL VAL A . n 
A 1 68 LEU 68 210 210 LEU LEU A . n 
A 1 69 LEU 69 211 211 LEU LEU A . n 
A 1 70 LEU 70 212 212 LEU LEU A . n 
A 1 71 ASP 71 213 213 ASP ASP A . n 
A 1 72 SER 72 214 214 SER SER A . n 
A 1 73 ASN 73 215 215 ASN ASN A . n 
A 1 74 ASP 74 216 216 ASP ASP A . n 
A 1 75 PRO 75 217 217 PRO PRO A . n 
A 1 76 ASN 76 218 218 ASN ASN A . n 
A 1 77 LEU 77 219 219 LEU LEU A . n 
A 1 78 ASP 78 220 220 ASP ASP A . n 
A 1 79 ARG 79 221 221 ARG ARG A . n 
A 1 80 VAL 80 222 222 VAL VAL A . n 
A 1 81 THR 81 223 223 THR THR A . n 
A 1 82 ILE 82 224 224 ILE ILE A . n 
A 1 83 ILE 83 225 225 ILE ILE A . n 
A 1 84 GLU 84 226 226 GLU GLU A . n 
A 1 85 SER 85 227 227 SER SER A . n 
A 1 86 ILE 86 228 228 ILE ILE A . n 
A 1 87 ASN 87 229 229 ASN ASN A . n 
A 1 88 LYS 88 230 230 LYS LYS A . n 
A 1 89 ALA 89 231 231 ALA ALA A . n 
A 1 90 LYS 90 232 232 LYS LYS A . n 
A 1 91 LYS 91 233 233 LYS LYS A . n 
A 1 92 LEU 92 234 234 LEU LEU A . n 
A 1 93 MSE 93 235 235 MSE MSE A . n 
B 1 1  SER 1  143 ?   ?   ?   B . n 
B 1 2  ASN 2  144 ?   ?   ?   B . n 
B 1 3  ALA 3  145 145 ALA ALA B . n 
B 1 4  VAL 4  146 146 VAL ALA B . n 
B 1 5  THR 5  147 147 THR THR B . n 
B 1 6  ALA 6  148 148 ALA ALA B . n 
B 1 7  THR 7  149 149 THR THR B . n 
B 1 8  GLN 8  150 150 GLN GLN B . n 
B 1 9  LEU 9  151 151 LEU LEU B . n 
B 1 10 ALA 10 152 152 ALA ALA B . n 
B 1 11 ALA 11 153 153 ALA ALA B . n 
B 1 12 LYS 12 154 154 LYS LYS B . n 
B 1 13 ALA 13 155 155 ALA ALA B . n 
B 1 14 THR 14 156 156 THR THR B . n 
B 1 15 THR 15 157 157 THR THR B . n 
B 1 16 LEU 16 158 158 LEU LEU B . n 
B 1 17 TYR 17 159 159 TYR TYR B . n 
B 1 18 TYR 18 160 160 TYR TYR B . n 
B 1 19 LEU 19 161 161 LEU LEU B . n 
B 1 20 HIS 20 162 162 HIS HIS B . n 
B 1 21 LYS 21 163 163 LYS LYS B . n 
B 1 22 GLN 22 164 164 GLN GLN B . n 
B 1 23 ALA 23 165 165 ALA ALA B . n 
B 1 24 MSE 24 166 166 MSE MSE B . n 
B 1 25 THR 25 167 167 THR THR B . n 
B 1 26 ASP 26 168 168 ASP ASP B . n 
B 1 27 GLU 27 169 169 GLU GLU B . n 
B 1 28 VAL 28 170 170 VAL VAL B . n 
B 1 29 SER 29 171 171 SER SER B . n 
B 1 30 LEU 30 172 172 LEU LEU B . n 
B 1 31 LEU 31 173 173 LEU LEU B . n 
B 1 32 LEU 32 174 174 LEU LEU B . n 
B 1 33 GLU 33 175 175 GLU GLU B . n 
B 1 34 GLN 34 176 176 GLN GLN B . n 
B 1 35 ALA 35 177 177 ALA ALA B . n 
B 1 36 LEU 36 178 178 LEU LEU B . n 
B 1 37 GLN 37 179 179 GLN GLN B . n 
B 1 38 LEU 38 180 180 LEU LEU B . n 
B 1 39 GLU 39 181 181 GLU GLU B . n 
B 1 40 PRO 40 182 182 PRO PRO B . n 
B 1 41 TYR 41 183 183 TYR TYR B . n 
B 1 42 ASN 42 184 184 ASN ASN B . n 
B 1 43 GLU 43 185 185 GLU GLU B . n 
B 1 44 ALA 44 186 186 ALA ALA B . n 
B 1 45 ALA 45 187 187 ALA ALA B . n 
B 1 46 LEU 46 188 188 LEU LEU B . n 
B 1 47 SER 47 189 189 SER SER B . n 
B 1 48 LEU 48 190 190 LEU LEU B . n 
B 1 49 ILE 49 191 191 ILE ILE B . n 
B 1 50 ALA 50 192 192 ALA ALA B . n 
B 1 51 ASN 51 193 193 ASN ASN B . n 
B 1 52 ASP 52 194 194 ASP ASP B . n 
B 1 53 HIS 53 195 195 HIS HIS B . n 
B 1 54 PHE 54 196 196 PHE PHE B . n 
B 1 55 ILE 55 197 197 ILE ILE B . n 
B 1 56 SER 56 198 198 SER SER B . n 
B 1 57 PHE 57 199 199 PHE PHE B . n 
B 1 58 ARG 58 200 200 ARG ARG B . n 
B 1 59 PHE 59 201 201 PHE PHE B . n 
B 1 60 GLN 60 202 202 GLN GLN B . n 
B 1 61 GLU 61 203 203 GLU GLU B . n 
B 1 62 ALA 62 204 204 ALA ALA B . n 
B 1 63 ILE 63 205 205 ILE ILE B . n 
B 1 64 ASP 64 206 206 ASP ASP B . n 
B 1 65 THR 65 207 207 THR THR B . n 
B 1 66 TRP 66 208 208 TRP TRP B . n 
B 1 67 VAL 67 209 209 VAL VAL B . n 
B 1 68 LEU 68 210 210 LEU LEU B . n 
B 1 69 LEU 69 211 211 LEU LEU B . n 
B 1 70 LEU 70 212 212 LEU LEU B . n 
B 1 71 ASP 71 213 213 ASP ASP B . n 
B 1 72 SER 72 214 214 SER SER B . n 
B 1 73 ASN 73 215 215 ASN ASN B . n 
B 1 74 ASP 74 216 216 ASP ASP B . n 
B 1 75 PRO 75 217 217 PRO PRO B . n 
B 1 76 ASN 76 218 218 ASN ASN B . n 
B 1 77 LEU 77 219 219 LEU LEU B . n 
B 1 78 ASP 78 220 220 ASP ASP B . n 
B 1 79 ARG 79 221 221 ARG ARG B . n 
B 1 80 VAL 80 222 222 VAL VAL B . n 
B 1 81 THR 81 223 223 THR THR B . n 
B 1 82 ILE 82 224 224 ILE ILE B . n 
B 1 83 ILE 83 225 225 ILE ILE B . n 
B 1 84 GLU 84 226 226 GLU GLU B . n 
B 1 85 SER 85 227 227 SER SER B . n 
B 1 86 ILE 86 228 228 ILE ILE B . n 
B 1 87 ASN 87 229 229 ASN ASN B . n 
B 1 88 LYS 88 230 230 LYS LYS B . n 
B 1 89 ALA 89 231 231 ALA ALA B . n 
B 1 90 LYS 90 232 232 LYS LYS B . n 
B 1 91 LYS 91 233 233 LYS LYS B . n 
B 1 92 LEU 92 234 234 LEU LEU B . n 
B 1 93 MSE 93 235 235 MSE MSE B . n 
# 
loop_
_pdbx_nonpoly_scheme.asym_id 
_pdbx_nonpoly_scheme.entity_id 
_pdbx_nonpoly_scheme.mon_id 
_pdbx_nonpoly_scheme.ndb_seq_num 
_pdbx_nonpoly_scheme.pdb_seq_num 
_pdbx_nonpoly_scheme.auth_seq_num 
_pdbx_nonpoly_scheme.pdb_mon_id 
_pdbx_nonpoly_scheme.auth_mon_id 
_pdbx_nonpoly_scheme.pdb_strand_id 
_pdbx_nonpoly_scheme.pdb_ins_code 
C 2 EDO 1  301 301 EDO EDO A . 
D 2 EDO 1  302 302 EDO EDO A . 
E 2 EDO 1  304 304 EDO EDO A . 
F 2 EDO 1  303 303 EDO EDO B . 
G 3 HOH 1  3   3   HOH HOH A . 
G 3 HOH 2  5   5   HOH HOH A . 
G 3 HOH 3  7   7   HOH HOH A . 
G 3 HOH 4  9   9   HOH HOH A . 
G 3 HOH 5  12  12  HOH HOH A . 
G 3 HOH 6  13  13  HOH HOH A . 
G 3 HOH 7  14  14  HOH HOH A . 
G 3 HOH 8  15  15  HOH HOH A . 
G 3 HOH 9  25  25  HOH HOH A . 
G 3 HOH 10 28  28  HOH HOH A . 
G 3 HOH 11 30  30  HOH HOH A . 
G 3 HOH 12 31  31  HOH HOH A . 
G 3 HOH 13 33  33  HOH HOH A . 
G 3 HOH 14 35  35  HOH HOH A . 
G 3 HOH 15 41  41  HOH HOH A . 
G 3 HOH 16 42  42  HOH HOH A . 
G 3 HOH 17 44  44  HOH HOH A . 
G 3 HOH 18 46  46  HOH HOH A . 
G 3 HOH 19 48  48  HOH HOH A . 
G 3 HOH 20 49  49  HOH HOH A . 
G 3 HOH 21 50  50  HOH HOH A . 
G 3 HOH 22 56  56  HOH HOH A . 
G 3 HOH 23 59  59  HOH HOH A . 
G 3 HOH 24 60  60  HOH HOH A . 
G 3 HOH 25 66  66  HOH HOH A . 
G 3 HOH 26 67  67  HOH HOH A . 
G 3 HOH 27 70  70  HOH HOH A . 
G 3 HOH 28 71  71  HOH HOH A . 
G 3 HOH 29 73  73  HOH HOH A . 
G 3 HOH 30 75  75  HOH HOH A . 
G 3 HOH 31 77  77  HOH HOH A . 
G 3 HOH 32 79  79  HOH HOH A . 
G 3 HOH 33 80  80  HOH HOH A . 
G 3 HOH 34 81  81  HOH HOH A . 
G 3 HOH 35 82  82  HOH HOH A . 
G 3 HOH 36 86  86  HOH HOH A . 
G 3 HOH 37 87  87  HOH HOH A . 
G 3 HOH 38 90  90  HOH HOH A . 
G 3 HOH 39 91  91  HOH HOH A . 
G 3 HOH 40 92  92  HOH HOH A . 
G 3 HOH 41 93  93  HOH HOH A . 
G 3 HOH 42 96  96  HOH HOH A . 
G 3 HOH 43 97  97  HOH HOH A . 
G 3 HOH 44 98  98  HOH HOH A . 
G 3 HOH 45 99  99  HOH HOH A . 
G 3 HOH 46 101 101 HOH HOH A . 
G 3 HOH 47 103 103 HOH HOH A . 
H 3 HOH 1  1   1   HOH HOH B . 
H 3 HOH 2  2   2   HOH HOH B . 
H 3 HOH 3  4   4   HOH HOH B . 
H 3 HOH 4  6   6   HOH HOH B . 
H 3 HOH 5  8   8   HOH HOH B . 
H 3 HOH 6  10  10  HOH HOH B . 
H 3 HOH 7  11  11  HOH HOH B . 
H 3 HOH 8  16  16  HOH HOH B . 
H 3 HOH 9  17  17  HOH HOH B . 
H 3 HOH 10 18  18  HOH HOH B . 
H 3 HOH 11 19  19  HOH HOH B . 
H 3 HOH 12 20  20  HOH HOH B . 
H 3 HOH 13 21  21  HOH HOH B . 
H 3 HOH 14 22  22  HOH HOH B . 
H 3 HOH 15 23  23  HOH HOH B . 
H 3 HOH 16 24  24  HOH HOH B . 
H 3 HOH 17 26  26  HOH HOH B . 
H 3 HOH 18 27  27  HOH HOH B . 
H 3 HOH 19 29  29  HOH HOH B . 
H 3 HOH 20 32  32  HOH HOH B . 
H 3 HOH 21 34  34  HOH HOH B . 
H 3 HOH 22 36  36  HOH HOH B . 
H 3 HOH 23 37  37  HOH HOH B . 
H 3 HOH 24 38  38  HOH HOH B . 
H 3 HOH 25 39  39  HOH HOH B . 
H 3 HOH 26 40  40  HOH HOH B . 
H 3 HOH 27 43  43  HOH HOH B . 
H 3 HOH 28 45  45  HOH HOH B . 
H 3 HOH 29 47  47  HOH HOH B . 
H 3 HOH 30 51  51  HOH HOH B . 
H 3 HOH 31 52  52  HOH HOH B . 
H 3 HOH 32 53  53  HOH HOH B . 
H 3 HOH 33 54  54  HOH HOH B . 
H 3 HOH 34 55  55  HOH HOH B . 
H 3 HOH 35 57  57  HOH HOH B . 
H 3 HOH 36 58  58  HOH HOH B . 
H 3 HOH 37 61  61  HOH HOH B . 
H 3 HOH 38 62  62  HOH HOH B . 
H 3 HOH 39 63  63  HOH HOH B . 
H 3 HOH 40 64  64  HOH HOH B . 
H 3 HOH 41 65  65  HOH HOH B . 
H 3 HOH 42 68  68  HOH HOH B . 
H 3 HOH 43 69  69  HOH HOH B . 
H 3 HOH 44 72  72  HOH HOH B . 
H 3 HOH 45 74  74  HOH HOH B . 
H 3 HOH 46 76  76  HOH HOH B . 
H 3 HOH 47 78  78  HOH HOH B . 
H 3 HOH 48 83  83  HOH HOH B . 
H 3 HOH 49 84  84  HOH HOH B . 
H 3 HOH 50 85  85  HOH HOH B . 
H 3 HOH 51 88  88  HOH HOH B . 
H 3 HOH 52 89  89  HOH HOH B . 
H 3 HOH 53 94  94  HOH HOH B . 
H 3 HOH 54 95  95  HOH HOH B . 
H 3 HOH 55 100 100 HOH HOH B . 
H 3 HOH 56 102 102 HOH HOH B . 
# 
loop_
_pdbx_unobs_or_zero_occ_atoms.id 
_pdbx_unobs_or_zero_occ_atoms.PDB_model_num 
_pdbx_unobs_or_zero_occ_atoms.polymer_flag 
_pdbx_unobs_or_zero_occ_atoms.occupancy_flag 
_pdbx_unobs_or_zero_occ_atoms.auth_asym_id 
_pdbx_unobs_or_zero_occ_atoms.auth_comp_id 
_pdbx_unobs_or_zero_occ_atoms.auth_seq_id 
_pdbx_unobs_or_zero_occ_atoms.PDB_ins_code 
_pdbx_unobs_or_zero_occ_atoms.auth_atom_id 
_pdbx_unobs_or_zero_occ_atoms.label_alt_id 
_pdbx_unobs_or_zero_occ_atoms.label_asym_id 
_pdbx_unobs_or_zero_occ_atoms.label_comp_id 
_pdbx_unobs_or_zero_occ_atoms.label_seq_id 
_pdbx_unobs_or_zero_occ_atoms.label_atom_id 
1 1 Y 1 A ASN 144 ? CG  ? A ASN 2 CG  
2 1 Y 1 A ASN 144 ? OD1 ? A ASN 2 OD1 
3 1 Y 1 A ASN 144 ? ND2 ? A ASN 2 ND2 
4 1 Y 1 B VAL 146 ? CG1 ? B VAL 4 CG1 
5 1 Y 1 B VAL 146 ? CG2 ? B VAL 4 CG2 
# 
loop_
_software.name 
_software.classification 
_software.version 
_software.citation_id 
_software.pdbx_ordinal 
REFMAC      refinement        5.2.0019 ? 1 
SBC-Collect 'data collection' .        ? 2 
HKL-3000    'data reduction'  .        ? 3 
HKL-3000    'data scaling'    .        ? 4 
HKL-3000    phasing           .        ? 5 
# 
_cell.entry_id           3BEE 
_cell.length_a           82.383 
_cell.length_b           82.383 
_cell.length_c           74.342 
_cell.angle_alpha        90.00 
_cell.angle_beta         90.00 
_cell.angle_gamma        90.00 
_cell.Z_PDB              16 
_cell.pdbx_unique_axis   ? 
_cell.length_a_esd       ? 
_cell.length_b_esd       ? 
_cell.length_c_esd       ? 
_cell.angle_alpha_esd    ? 
_cell.angle_beta_esd     ? 
_cell.angle_gamma_esd    ? 
# 
_symmetry.entry_id                         3BEE 
_symmetry.space_group_name_H-M             'P 43 21 2' 
_symmetry.pdbx_full_space_group_name_H-M   ? 
_symmetry.cell_setting                     ? 
_symmetry.Int_Tables_number                96 
_symmetry.space_group_name_Hall            ? 
# 
_exptl.entry_id          3BEE 
_exptl.method            'X-RAY DIFFRACTION' 
_exptl.crystals_number   1 
# 
_exptl_crystal.id                    1 
_exptl_crystal.density_meas          ? 
_exptl_crystal.density_Matthews      2.98 
_exptl_crystal.density_percent_sol   58.78 
_exptl_crystal.description           ? 
_exptl_crystal.F_000                 ? 
_exptl_crystal.preparation           ? 
# 
_exptl_crystal_grow.crystal_id      1 
_exptl_crystal_grow.method          'VAPOR DIFFUSION, SITTING DROP' 
_exptl_crystal_grow.temp            289 
_exptl_crystal_grow.temp_details    ? 
_exptl_crystal_grow.pH              9.0 
_exptl_crystal_grow.pdbx_details    '2.4 M Ammonium sulfate, 0.1 M Bicine, pH 9.0, VAPOR DIFFUSION, SITTING DROP, temperature 289K' 
_exptl_crystal_grow.pdbx_pH_range   . 
# 
_diffrn.id                     1 
_diffrn.ambient_temp           100 
_diffrn.ambient_temp_details   ? 
_diffrn.crystal_id             1 
# 
_diffrn_detector.diffrn_id              1 
_diffrn_detector.detector               CCD 
_diffrn_detector.type                   'ADSC QUANTUM 315' 
_diffrn_detector.pdbx_collection_date   2007-10-04 
_diffrn_detector.details                ? 
# 
_diffrn_radiation.diffrn_id                        1 
_diffrn_radiation.wavelength_id                    1 
_diffrn_radiation.pdbx_monochromatic_or_laue_m_l   M 
_diffrn_radiation.monochromator                    'Double crystal' 
_diffrn_radiation.pdbx_diffrn_protocol             'SINGLE WAVELENGTH' 
_diffrn_radiation.pdbx_scattering_type             x-ray 
# 
_diffrn_radiation_wavelength.id           1 
_diffrn_radiation_wavelength.wavelength   0.97857 
_diffrn_radiation_wavelength.wt           1.0 
# 
_diffrn_source.diffrn_id                   1 
_diffrn_source.source                      SYNCHROTRON 
_diffrn_source.type                        'APS BEAMLINE 19-ID' 
_diffrn_source.pdbx_synchrotron_site       APS 
_diffrn_source.pdbx_synchrotron_beamline   19-ID 
_diffrn_source.pdbx_wavelength             ? 
_diffrn_source.pdbx_wavelength_list        0.97857 
# 
_reflns.entry_id                     3BEE 
_reflns.observed_criterion_sigma_F   ? 
_reflns.observed_criterion_sigma_I   -3 
_reflns.d_resolution_high            2.15 
_reflns.d_resolution_low             50 
_reflns.number_all                   14481 
_reflns.number_obs                   14459 
_reflns.percent_possible_obs         99.9 
_reflns.pdbx_Rmerge_I_obs            0.059 
_reflns.pdbx_Rsym_value              ? 
_reflns.pdbx_netI_over_sigmaI        55.96 
_reflns.B_iso_Wilson_estimate        39.7 
_reflns.pdbx_redundancy              11.6 
_reflns.R_free_details               ? 
_reflns.limit_h_max                  ? 
_reflns.limit_h_min                  ? 
_reflns.limit_k_max                  ? 
_reflns.limit_k_min                  ? 
_reflns.limit_l_max                  ? 
_reflns.limit_l_min                  ? 
_reflns.observed_criterion_F_max     ? 
_reflns.observed_criterion_F_min     ? 
_reflns.pdbx_chi_squared             ? 
_reflns.pdbx_scaling_rejects         ? 
_reflns.pdbx_ordinal                 1 
_reflns.pdbx_diffrn_id               1 
# 
_reflns_shell.d_res_high             2.15 
_reflns_shell.d_res_low              2.23 
_reflns_shell.percent_possible_all   100 
_reflns_shell.Rmerge_I_obs           0.416 
_reflns_shell.pdbx_Rsym_value        ? 
_reflns_shell.meanI_over_sigI_obs    7.11 
_reflns_shell.pdbx_redundancy        11.9 
_reflns_shell.percent_possible_obs   ? 
_reflns_shell.number_unique_all      1411 
_reflns_shell.number_measured_all    ? 
_reflns_shell.number_measured_obs    ? 
_reflns_shell.number_unique_obs      ? 
_reflns_shell.pdbx_chi_squared       ? 
_reflns_shell.pdbx_ordinal           1 
_reflns_shell.pdbx_diffrn_id         1 
# 
_refine.entry_id                                 3BEE 
_refine.ls_number_reflns_obs                     14417 
_refine.ls_number_reflns_all                     14417 
_refine.pdbx_ls_sigma_I                          ? 
_refine.pdbx_ls_sigma_F                          0 
_refine.pdbx_data_cutoff_high_absF               ? 
_refine.pdbx_data_cutoff_low_absF                ? 
_refine.pdbx_data_cutoff_high_rms_absF           ? 
_refine.ls_d_res_low                             41.20 
_refine.ls_d_res_high                            2.15 
_refine.ls_percent_reflns_obs                    99.83 
_refine.ls_R_factor_obs                          0.1921 
_refine.ls_R_factor_all                          0.1921 
_refine.ls_R_factor_R_work                       0.19093 
_refine.ls_R_factor_R_free                       0.21447 
_refine.ls_R_factor_R_free_error                 ? 
_refine.ls_R_factor_R_free_error_details         ? 
_refine.ls_percent_reflns_R_free                 5.0 
_refine.ls_number_reflns_R_free                  726 
_refine.ls_number_parameters                     ? 
_refine.ls_number_restraints                     ? 
_refine.occupancy_min                            ? 
_refine.occupancy_max                            ? 
_refine.correlation_coeff_Fo_to_Fc               0.954 
_refine.correlation_coeff_Fo_to_Fc_free          0.945 
_refine.B_iso_mean                               39.329 
_refine.aniso_B[1][1]                            0.20 
_refine.aniso_B[2][2]                            0.20 
_refine.aniso_B[3][3]                            -0.40 
_refine.aniso_B[1][2]                            0.00 
_refine.aniso_B[1][3]                            0.00 
_refine.aniso_B[2][3]                            0.00 
_refine.solvent_model_details                    MASK 
_refine.solvent_model_param_ksol                 ? 
_refine.solvent_model_param_bsol                 ? 
_refine.pdbx_solvent_vdw_probe_radii             1.20 
_refine.pdbx_solvent_ion_probe_radii             0.80 
_refine.pdbx_solvent_shrinkage_radii             0.80 
_refine.pdbx_ls_cross_valid_method               THROUGHOUT 
_refine.details                                  'HYDROGENS HAVE BEEN ADDED IN THE RIDING POSITIONS' 
_refine.pdbx_starting_model                      ? 
_refine.pdbx_method_to_determine_struct          SAD 
_refine.pdbx_isotropic_thermal_model             ? 
_refine.pdbx_stereochemistry_target_values       'MAXIMUM LIKELIHOOD' 
_refine.pdbx_stereochem_target_val_spec_case     ? 
_refine.pdbx_R_Free_selection_details            RANDOM 
_refine.pdbx_overall_ESU_R                       0.194 
_refine.pdbx_overall_ESU_R_Free                  0.160 
_refine.overall_SU_ML                            0.104 
_refine.overall_SU_B                             7.786 
_refine.ls_redundancy_reflns_obs                 ? 
_refine.B_iso_min                                ? 
_refine.B_iso_max                                ? 
_refine.overall_SU_R_Cruickshank_DPI             ? 
_refine.overall_SU_R_free                        ? 
_refine.ls_wR_factor_R_free                      ? 
_refine.ls_wR_factor_R_work                      ? 
_refine.overall_FOM_free_R_set                   ? 
_refine.overall_FOM_work_R_set                   ? 
_refine.pdbx_refine_id                           'X-RAY DIFFRACTION' 
_refine.pdbx_TLS_residual_ADP_flag               'LIKELY RESIDUAL' 
_refine.pdbx_diffrn_id                           1 
_refine.pdbx_overall_phase_error                 ? 
_refine.pdbx_overall_SU_R_free_Cruickshank_DPI   ? 
_refine.pdbx_overall_SU_R_Blow_DPI               ? 
_refine.pdbx_overall_SU_R_free_Blow_DPI          ? 
# 
_refine_hist.pdbx_refine_id                   'X-RAY DIFFRACTION' 
_refine_hist.cycle_id                         LAST 
_refine_hist.pdbx_number_atoms_protein        1447 
_refine_hist.pdbx_number_atoms_nucleic_acid   0 
_refine_hist.pdbx_number_atoms_ligand         16 
_refine_hist.number_atoms_solvent             103 
_refine_hist.number_atoms_total               1566 
_refine_hist.d_res_high                       2.15 
_refine_hist.d_res_low                        41.20 
# 
loop_
_refine_ls_restr.type 
_refine_ls_restr.dev_ideal 
_refine_ls_restr.dev_ideal_target 
_refine_ls_restr.weight 
_refine_ls_restr.number 
_refine_ls_restr.pdbx_refine_id 
_refine_ls_restr.pdbx_restraint_function 
r_bond_refined_d             0.015  0.022  ? 1498 'X-RAY DIFFRACTION' ? 
r_bond_other_d               ?      ?      ? ?    'X-RAY DIFFRACTION' ? 
r_angle_refined_deg          1.256  1.973  ? 2031 'X-RAY DIFFRACTION' ? 
r_angle_other_deg            ?      ?      ? ?    'X-RAY DIFFRACTION' ? 
r_dihedral_angle_1_deg       4.589  5.000  ? 185  'X-RAY DIFFRACTION' ? 
r_dihedral_angle_2_deg       39.529 26.119 ? 67   'X-RAY DIFFRACTION' ? 
r_dihedral_angle_3_deg       12.874 15.000 ? 269  'X-RAY DIFFRACTION' ? 
r_dihedral_angle_4_deg       6.879  15.000 ? 4    'X-RAY DIFFRACTION' ? 
r_chiral_restr               0.085  0.200  ? 248  'X-RAY DIFFRACTION' ? 
r_gen_planes_refined         0.005  0.020  ? 1086 'X-RAY DIFFRACTION' ? 
r_gen_planes_other           ?      ?      ? ?    'X-RAY DIFFRACTION' ? 
r_nbd_refined                0.195  0.200  ? 724  'X-RAY DIFFRACTION' ? 
r_nbd_other                  ?      ?      ? ?    'X-RAY DIFFRACTION' ? 
r_nbtor_refined              0.298  0.200  ? 1061 'X-RAY DIFFRACTION' ? 
r_nbtor_other                ?      ?      ? ?    'X-RAY DIFFRACTION' ? 
r_xyhbond_nbd_refined        0.145  0.200  ? 77   'X-RAY DIFFRACTION' ? 
r_xyhbond_nbd_other          ?      ?      ? ?    'X-RAY DIFFRACTION' ? 
r_metal_ion_refined          ?      ?      ? ?    'X-RAY DIFFRACTION' ? 
r_metal_ion_other            ?      ?      ? ?    'X-RAY DIFFRACTION' ? 
r_symmetry_vdw_refined       0.257  0.200  ? 36   'X-RAY DIFFRACTION' ? 
r_symmetry_vdw_other         ?      ?      ? ?    'X-RAY DIFFRACTION' ? 
r_symmetry_hbond_refined     0.282  0.200  ? 6    'X-RAY DIFFRACTION' ? 
r_symmetry_hbond_other       ?      ?      ? ?    'X-RAY DIFFRACTION' ? 
r_symmetry_metal_ion_refined ?      ?      ? ?    'X-RAY DIFFRACTION' ? 
r_symmetry_metal_ion_other   ?      ?      ? ?    'X-RAY DIFFRACTION' ? 
r_mcbond_it                  0.860  1.500  ? 970  'X-RAY DIFFRACTION' ? 
r_mcbond_other               ?      ?      ? ?    'X-RAY DIFFRACTION' ? 
r_mcangle_it                 1.249  2.000  ? 1494 'X-RAY DIFFRACTION' ? 
r_scbond_it                  2.514  3.000  ? 614  'X-RAY DIFFRACTION' ? 
r_scangle_it                 3.429  4.500  ? 536  'X-RAY DIFFRACTION' ? 
r_rigid_bond_restr           ?      ?      ? ?    'X-RAY DIFFRACTION' ? 
r_sphericity_free            ?      ?      ? ?    'X-RAY DIFFRACTION' ? 
r_sphericity_bonded          ?      ?      ? ?    'X-RAY DIFFRACTION' ? 
# 
_refine_ls_shell.pdbx_total_number_of_bins_used   20 
_refine_ls_shell.d_res_high                       2.150 
_refine_ls_shell.d_res_low                        2.206 
_refine_ls_shell.number_reflns_R_work             985 
_refine_ls_shell.R_factor_R_work                  0.178 
_refine_ls_shell.percent_reflns_obs               99.71 
_refine_ls_shell.R_factor_R_free                  0.221 
_refine_ls_shell.R_factor_R_free_error            ? 
_refine_ls_shell.percent_reflns_R_free            ? 
_refine_ls_shell.number_reflns_R_free             56 
_refine_ls_shell.number_reflns_all                ? 
_refine_ls_shell.R_factor_all                     ? 
_refine_ls_shell.number_reflns_obs                ? 
_refine_ls_shell.redundancy_reflns_obs            ? 
_refine_ls_shell.pdbx_refine_id                   'X-RAY DIFFRACTION' 
# 
_struct.entry_id                  3BEE 
_struct.title                     'Crystal structure of putative YfrE protein from Vibrio parahaemolyticus' 
_struct.pdbx_model_details        ? 
_struct.pdbx_CASP_flag            ? 
_struct.pdbx_model_type_details   ? 
# 
_struct_keywords.entry_id        3BEE 
_struct_keywords.pdbx_keywords   'STRUCTURAL GENOMICS, UNKNOWN FUNCTION' 
_struct_keywords.text            
;putaive YfrE protein, Vibrio parahaemolyticus, Structural Genomics, PSI-2, Protein Structure Initiative, Midwest Center for Structural Genomics, MCSG, TPR repeat, UNKNOWN FUNCTION
;
# 
loop_
_struct_asym.id 
_struct_asym.pdbx_blank_PDB_chainid_flag 
_struct_asym.pdbx_modified 
_struct_asym.entity_id 
_struct_asym.details 
A N N 1 ? 
B N N 1 ? 
C N N 2 ? 
D N N 2 ? 
E N N 2 ? 
F N N 2 ? 
G N N 3 ? 
H N N 3 ? 
# 
_struct_ref.id                         1 
_struct_ref.db_name                    UNP 
_struct_ref.db_code                    Q87ND7_VIBPA 
_struct_ref.pdbx_db_accession          Q87ND7 
_struct_ref.entity_id                  1 
_struct_ref.pdbx_seq_one_letter_code   
;VTATQLAAKATTLYYLHKQAMTDEVSLLLEQALQLEPYNEAALSLIANDHFISFRFQEAIDTWVLLLDSNDPNLDRVTII
ESINKAKKLM
;
_struct_ref.pdbx_align_begin           146 
_struct_ref.pdbx_db_isoform            ? 
# 
loop_
_struct_ref_seq.align_id 
_struct_ref_seq.ref_id 
_struct_ref_seq.pdbx_PDB_id_code 
_struct_ref_seq.pdbx_strand_id 
_struct_ref_seq.seq_align_beg 
_struct_ref_seq.pdbx_seq_align_beg_ins_code 
_struct_ref_seq.seq_align_end 
_struct_ref_seq.pdbx_seq_align_end_ins_code 
_struct_ref_seq.pdbx_db_accession 
_struct_ref_seq.db_align_beg 
_struct_ref_seq.pdbx_db_align_beg_ins_code 
_struct_ref_seq.db_align_end 
_struct_ref_seq.pdbx_db_align_end_ins_code 
_struct_ref_seq.pdbx_auth_seq_align_beg 
_struct_ref_seq.pdbx_auth_seq_align_end 
1 1 3BEE A 4 ? 93 ? Q87ND7 146 ? 235 ? 146 235 
2 1 3BEE B 4 ? 93 ? Q87ND7 146 ? 235 ? 146 235 
# 
loop_
_struct_ref_seq_dif.align_id 
_struct_ref_seq_dif.pdbx_pdb_id_code 
_struct_ref_seq_dif.mon_id 
_struct_ref_seq_dif.pdbx_pdb_strand_id 
_struct_ref_seq_dif.seq_num 
_struct_ref_seq_dif.pdbx_pdb_ins_code 
_struct_ref_seq_dif.pdbx_seq_db_name 
_struct_ref_seq_dif.pdbx_seq_db_accession_code 
_struct_ref_seq_dif.db_mon_id 
_struct_ref_seq_dif.pdbx_seq_db_seq_num 
_struct_ref_seq_dif.details 
_struct_ref_seq_dif.pdbx_auth_seq_num 
_struct_ref_seq_dif.pdbx_ordinal 
1 3BEE SER A 1 ? UNP Q87ND7 ? ? 'expression tag' 143 1 
1 3BEE ASN A 2 ? UNP Q87ND7 ? ? 'expression tag' 144 2 
1 3BEE ALA A 3 ? UNP Q87ND7 ? ? 'expression tag' 145 3 
2 3BEE SER B 1 ? UNP Q87ND7 ? ? 'expression tag' 143 4 
2 3BEE ASN B 2 ? UNP Q87ND7 ? ? 'expression tag' 144 5 
2 3BEE ALA B 3 ? UNP Q87ND7 ? ? 'expression tag' 145 6 
# 
loop_
_pdbx_struct_assembly.id 
_pdbx_struct_assembly.details 
_pdbx_struct_assembly.method_details 
_pdbx_struct_assembly.oligomeric_details 
_pdbx_struct_assembly.oligomeric_count 
1 author_and_software_defined_assembly PISA monomeric 1 
2 author_and_software_defined_assembly PISA monomeric 1 
# 
loop_
_pdbx_struct_assembly_gen.assembly_id 
_pdbx_struct_assembly_gen.oper_expression 
_pdbx_struct_assembly_gen.asym_id_list 
1 1 A,C,D,E,G 
2 1 B,F,H     
# 
_pdbx_struct_oper_list.id                   1 
_pdbx_struct_oper_list.type                 'identity operation' 
_pdbx_struct_oper_list.name                 1_555 
_pdbx_struct_oper_list.symmetry_operation   x,y,z 
_pdbx_struct_oper_list.matrix[1][1]         1.0000000000 
_pdbx_struct_oper_list.matrix[1][2]         0.0000000000 
_pdbx_struct_oper_list.matrix[1][3]         0.0000000000 
_pdbx_struct_oper_list.vector[1]            0.0000000000 
_pdbx_struct_oper_list.matrix[2][1]         0.0000000000 
_pdbx_struct_oper_list.matrix[2][2]         1.0000000000 
_pdbx_struct_oper_list.matrix[2][3]         0.0000000000 
_pdbx_struct_oper_list.vector[2]            0.0000000000 
_pdbx_struct_oper_list.matrix[3][1]         0.0000000000 
_pdbx_struct_oper_list.matrix[3][2]         0.0000000000 
_pdbx_struct_oper_list.matrix[3][3]         1.0000000000 
_pdbx_struct_oper_list.vector[3]            0.0000000000 
# 
_struct_biol.id        1 
_struct_biol.details   ? 
# 
loop_
_struct_conf.conf_type_id 
_struct_conf.id 
_struct_conf.pdbx_PDB_helix_id 
_struct_conf.beg_label_comp_id 
_struct_conf.beg_label_asym_id 
_struct_conf.beg_label_seq_id 
_struct_conf.pdbx_beg_PDB_ins_code 
_struct_conf.end_label_comp_id 
_struct_conf.end_label_asym_id 
_struct_conf.end_label_seq_id 
_struct_conf.pdbx_end_PDB_ins_code 
_struct_conf.beg_auth_comp_id 
_struct_conf.beg_auth_asym_id 
_struct_conf.beg_auth_seq_id 
_struct_conf.end_auth_comp_id 
_struct_conf.end_auth_asym_id 
_struct_conf.end_auth_seq_id 
_struct_conf.pdbx_PDB_helix_class 
_struct_conf.details 
_struct_conf.pdbx_PDB_helix_length 
HELX_P HELX_P1  1  THR A 5  ? LEU A 19 ? THR A 147 LEU A 161 1 ? 15 
HELX_P HELX_P2  2  THR A 25 ? GLU A 39 ? THR A 167 GLU A 181 1 ? 15 
HELX_P HELX_P3  3  ASN A 42 ? SER A 56 ? ASN A 184 SER A 198 1 ? 15 
HELX_P HELX_P4  4  ARG A 58 ? ASP A 71 ? ARG A 200 ASP A 213 1 ? 14 
HELX_P HELX_P5  5  ASP A 78 ? MSE A 93 ? ASP A 220 MSE A 235 1 ? 16 
HELX_P HELX_P6  6  THR B 5  ? HIS B 20 ? THR B 147 HIS B 162 1 ? 16 
HELX_P HELX_P7  7  THR B 25 ? GLU B 39 ? THR B 167 GLU B 181 1 ? 15 
HELX_P HELX_P8  8  ASN B 42 ? SER B 56 ? ASN B 184 SER B 198 1 ? 15 
HELX_P HELX_P9  9  ARG B 58 ? LEU B 70 ? ARG B 200 LEU B 212 1 ? 13 
HELX_P HELX_P10 10 ASP B 78 ? MSE B 93 ? ASP B 220 MSE B 235 1 ? 16 
# 
_struct_conf_type.id          HELX_P 
_struct_conf_type.criteria    ? 
_struct_conf_type.reference   ? 
# 
loop_
_struct_conn.id 
_struct_conn.conn_type_id 
_struct_conn.pdbx_leaving_atom_flag 
_struct_conn.pdbx_PDB_id 
_struct_conn.ptnr1_label_asym_id 
_struct_conn.ptnr1_label_comp_id 
_struct_conn.ptnr1_label_seq_id 
_struct_conn.ptnr1_label_atom_id 
_struct_conn.pdbx_ptnr1_label_alt_id 
_struct_conn.pdbx_ptnr1_PDB_ins_code 
_struct_conn.pdbx_ptnr1_standard_comp_id 
_struct_conn.ptnr1_symmetry 
_struct_conn.ptnr2_label_asym_id 
_struct_conn.ptnr2_label_comp_id 
_struct_conn.ptnr2_label_seq_id 
_struct_conn.ptnr2_label_atom_id 
_struct_conn.pdbx_ptnr2_label_alt_id 
_struct_conn.pdbx_ptnr2_PDB_ins_code 
_struct_conn.ptnr1_auth_asym_id 
_struct_conn.ptnr1_auth_comp_id 
_struct_conn.ptnr1_auth_seq_id 
_struct_conn.ptnr2_auth_asym_id 
_struct_conn.ptnr2_auth_comp_id 
_struct_conn.ptnr2_auth_seq_id 
_struct_conn.ptnr2_symmetry 
_struct_conn.pdbx_ptnr3_label_atom_id 
_struct_conn.pdbx_ptnr3_label_seq_id 
_struct_conn.pdbx_ptnr3_label_comp_id 
_struct_conn.pdbx_ptnr3_label_asym_id 
_struct_conn.pdbx_ptnr3_label_alt_id 
_struct_conn.pdbx_ptnr3_PDB_ins_code 
_struct_conn.details 
_struct_conn.pdbx_dist_value 
_struct_conn.pdbx_value_order 
_struct_conn.pdbx_role 
covale1 covale both ? A ALA 23 C ? ? ? 1_555 A MSE 24 N ? ? A ALA 165 A MSE 166 1_555 ? ? ? ? ? ? ? 1.327 ? ? 
covale2 covale both ? A MSE 24 C ? ? ? 1_555 A THR 25 N ? ? A MSE 166 A THR 167 1_555 ? ? ? ? ? ? ? 1.327 ? ? 
covale3 covale both ? A LEU 92 C ? ? ? 1_555 A MSE 93 N ? ? A LEU 234 A MSE 235 1_555 ? ? ? ? ? ? ? 1.332 ? ? 
covale4 covale both ? B ALA 23 C ? ? ? 1_555 B MSE 24 N ? ? B ALA 165 B MSE 166 1_555 ? ? ? ? ? ? ? 1.327 ? ? 
covale5 covale both ? B MSE 24 C ? ? ? 1_555 B THR 25 N ? ? B MSE 166 B THR 167 1_555 ? ? ? ? ? ? ? 1.330 ? ? 
covale6 covale both ? B LEU 92 C ? ? ? 1_555 B MSE 93 N ? ? B LEU 234 B MSE 235 1_555 ? ? ? ? ? ? ? 1.335 ? ? 
# 
_struct_conn_type.id          covale 
_struct_conn_type.criteria    ? 
_struct_conn_type.reference   ? 
# 
loop_
_pdbx_modification_feature.ordinal 
_pdbx_modification_feature.label_comp_id 
_pdbx_modification_feature.label_asym_id 
_pdbx_modification_feature.label_seq_id 
_pdbx_modification_feature.label_alt_id 
_pdbx_modification_feature.modified_residue_label_comp_id 
_pdbx_modification_feature.modified_residue_label_asym_id 
_pdbx_modification_feature.modified_residue_label_seq_id 
_pdbx_modification_feature.modified_residue_label_alt_id 
_pdbx_modification_feature.auth_comp_id 
_pdbx_modification_feature.auth_asym_id 
_pdbx_modification_feature.auth_seq_id 
_pdbx_modification_feature.PDB_ins_code 
_pdbx_modification_feature.symmetry 
_pdbx_modification_feature.modified_residue_auth_comp_id 
_pdbx_modification_feature.modified_residue_auth_asym_id 
_pdbx_modification_feature.modified_residue_auth_seq_id 
_pdbx_modification_feature.modified_residue_PDB_ins_code 
_pdbx_modification_feature.modified_residue_symmetry 
_pdbx_modification_feature.comp_id_linking_atom 
_pdbx_modification_feature.modified_residue_id_linking_atom 
_pdbx_modification_feature.modified_residue_id 
_pdbx_modification_feature.ref_pcm_id 
_pdbx_modification_feature.ref_comp_id 
_pdbx_modification_feature.type 
_pdbx_modification_feature.category 
1 MSE A 24 ? . . . . MSE A 166 ? 1_555 . . . . . . . MET 1 MSE Selenomethionine 'Named protein modification' 
2 MSE A 93 ? . . . . MSE A 235 ? 1_555 . . . . . . . MET 1 MSE Selenomethionine 'Named protein modification' 
3 MSE B 24 ? . . . . MSE B 166 ? 1_555 . . . . . . . MET 1 MSE Selenomethionine 'Named protein modification' 
4 MSE B 93 ? . . . . MSE B 235 ? 1_555 . . . . . . . MET 1 MSE Selenomethionine 'Named protein modification' 
# 
loop_
_struct_site.id 
_struct_site.pdbx_evidence_code 
_struct_site.pdbx_auth_asym_id 
_struct_site.pdbx_auth_comp_id 
_struct_site.pdbx_auth_seq_id 
_struct_site.pdbx_auth_ins_code 
_struct_site.pdbx_num_residues 
_struct_site.details 
AC1 Software A EDO 301 ? 4 'BINDING SITE FOR RESIDUE EDO A 301' 
AC2 Software A EDO 302 ? 4 'BINDING SITE FOR RESIDUE EDO A 302' 
AC3 Software B EDO 303 ? 4 'BINDING SITE FOR RESIDUE EDO B 303' 
AC4 Software A EDO 304 ? 7 'BINDING SITE FOR RESIDUE EDO A 304' 
# 
loop_
_struct_site_gen.id 
_struct_site_gen.site_id 
_struct_site_gen.pdbx_num_res 
_struct_site_gen.label_comp_id 
_struct_site_gen.label_asym_id 
_struct_site_gen.label_seq_id 
_struct_site_gen.pdbx_auth_ins_code 
_struct_site_gen.auth_comp_id 
_struct_site_gen.auth_asym_id 
_struct_site_gen.auth_seq_id 
_struct_site_gen.label_atom_id 
_struct_site_gen.label_alt_id 
_struct_site_gen.symmetry 
_struct_site_gen.details 
1  AC1 4 THR A 25 ? THR A 167 . ? 1_555 ? 
2  AC1 4 ASP A 26 ? ASP A 168 . ? 1_555 ? 
3  AC1 4 GLU A 27 ? GLU A 169 . ? 1_555 ? 
4  AC1 4 LYS B 90 ? LYS B 232 . ? 5_555 ? 
5  AC2 4 ASN A 51 ? ASN A 193 . ? 1_555 ? 
6  AC2 4 TRP A 66 ? TRP A 208 . ? 1_555 ? 
7  AC2 4 SER A 85 ? SER A 227 . ? 1_555 ? 
8  AC2 4 GLN B 22 ? GLN B 164 . ? 1_555 ? 
9  AC3 4 HOH G .  ? HOH A 101 . ? 3_554 ? 
10 AC3 4 TYR A 18 ? TYR A 160 . ? 1_555 ? 
11 AC3 4 LEU A 70 ? LEU A 212 . ? 3_554 ? 
12 AC3 4 ASP A 71 ? ASP A 213 . ? 3_554 ? 
13 AC4 7 HOH G .  ? HOH A 90  . ? 1_555 ? 
14 AC4 7 ASP A 26 ? ASP A 168 . ? 1_555 ? 
15 AC4 7 GLU A 27 ? GLU A 169 . ? 1_555 ? 
16 AC4 7 LEU A 30 ? LEU A 172 . ? 1_555 ? 
17 AC4 7 ILE B 83 ? ILE B 225 . ? 5_555 ? 
18 AC4 7 ASN B 87 ? ASN B 229 . ? 5_555 ? 
19 AC4 7 LYS B 90 ? LYS B 232 . ? 5_555 ? 
# 
_pdbx_entry_details.entry_id                   3BEE 
_pdbx_entry_details.compound_details           ? 
_pdbx_entry_details.source_details             ? 
_pdbx_entry_details.nonpolymer_details         ? 
_pdbx_entry_details.sequence_details           ? 
_pdbx_entry_details.has_ligand_of_interest     ? 
_pdbx_entry_details.has_protein_modification   Y 
# 
_pdbx_validate_symm_contact.id                1 
_pdbx_validate_symm_contact.PDB_model_num     1 
_pdbx_validate_symm_contact.auth_atom_id_1    OD1 
_pdbx_validate_symm_contact.auth_asym_id_1    A 
_pdbx_validate_symm_contact.auth_comp_id_1    ASN 
_pdbx_validate_symm_contact.auth_seq_id_1     215 
_pdbx_validate_symm_contact.PDB_ins_code_1    ? 
_pdbx_validate_symm_contact.label_alt_id_1    ? 
_pdbx_validate_symm_contact.site_symmetry_1   1_555 
_pdbx_validate_symm_contact.auth_atom_id_2    NZ 
_pdbx_validate_symm_contact.auth_asym_id_2    B 
_pdbx_validate_symm_contact.auth_comp_id_2    LYS 
_pdbx_validate_symm_contact.auth_seq_id_2     163 
_pdbx_validate_symm_contact.PDB_ins_code_2    ? 
_pdbx_validate_symm_contact.label_alt_id_2    ? 
_pdbx_validate_symm_contact.site_symmetry_2   4_455 
_pdbx_validate_symm_contact.dist              2.14 
# 
_pdbx_SG_project.id                    1 
_pdbx_SG_project.project_name          'PSI, Protein Structure Initiative' 
_pdbx_SG_project.full_name_of_center   'Midwest Center for Structural Genomics' 
_pdbx_SG_project.initial_of_center     MCSG 
# 
loop_
_pdbx_struct_mod_residue.id 
_pdbx_struct_mod_residue.label_asym_id 
_pdbx_struct_mod_residue.label_comp_id 
_pdbx_struct_mod_residue.label_seq_id 
_pdbx_struct_mod_residue.auth_asym_id 
_pdbx_struct_mod_residue.auth_comp_id 
_pdbx_struct_mod_residue.auth_seq_id 
_pdbx_struct_mod_residue.PDB_ins_code 
_pdbx_struct_mod_residue.parent_comp_id 
_pdbx_struct_mod_residue.details 
1 A MSE 24 A MSE 166 ? MET SELENOMETHIONINE 
2 A MSE 93 A MSE 235 ? MET SELENOMETHIONINE 
3 B MSE 24 B MSE 166 ? MET SELENOMETHIONINE 
4 B MSE 93 B MSE 235 ? MET SELENOMETHIONINE 
# 
loop_
_pdbx_refine_tls.id 
_pdbx_refine_tls.details 
_pdbx_refine_tls.method 
_pdbx_refine_tls.origin_x 
_pdbx_refine_tls.origin_y 
_pdbx_refine_tls.origin_z 
_pdbx_refine_tls.T[1][1] 
_pdbx_refine_tls.T[2][2] 
_pdbx_refine_tls.T[3][3] 
_pdbx_refine_tls.T[1][2] 
_pdbx_refine_tls.T[1][3] 
_pdbx_refine_tls.T[2][3] 
_pdbx_refine_tls.L[1][1] 
_pdbx_refine_tls.L[2][2] 
_pdbx_refine_tls.L[3][3] 
_pdbx_refine_tls.L[1][2] 
_pdbx_refine_tls.L[1][3] 
_pdbx_refine_tls.L[2][3] 
_pdbx_refine_tls.S[1][1] 
_pdbx_refine_tls.S[1][2] 
_pdbx_refine_tls.S[1][3] 
_pdbx_refine_tls.S[2][1] 
_pdbx_refine_tls.S[2][2] 
_pdbx_refine_tls.S[2][3] 
_pdbx_refine_tls.S[3][1] 
_pdbx_refine_tls.S[3][2] 
_pdbx_refine_tls.S[3][3] 
_pdbx_refine_tls.pdbx_refine_id 
1 ? refined -10.4842 9.0781   7.0084   -0.1369 -0.0962 0.0241  0.0327  0.0031  0.0297  4.6899 7.3584 7.6755  -3.0880 -2.4075 3.6176 -0.2393 0.1343  0.0668  0.2122  0.3446 0.4030  0.2888  -0.3495 -0.1053 'X-RAY DIFFRACTION' 
2 ? refined 5.3221   6.0060   10.3341  -0.1059 -0.1046 -0.0510 0.0277  -0.0353 -0.0356 6.3580 5.0875 5.1343  -1.9434 0.8005  0.5834 -0.3366 -0.4490 0.1857  0.3704  0.3514 -0.1022 -0.0977 -0.1128 -0.0149 'X-RAY DIFFRACTION' 
3 ? refined -6.6139  -10.9368 -4.7422  -0.1138 -0.1463 -0.0476 -0.0450 0.0550  -0.0227 5.0586 5.7737 14.8773 0.4994  -0.2850 1.9770 -0.1951 -0.1246 -0.0735 -0.2022 0.1368 0.2466  0.0085  -0.3010 0.0583  'X-RAY DIFFRACTION' 
4 ? refined 7.1914   -5.0380  -12.1704 -0.0420 -0.1384 -0.0624 -0.0519 0.1386  -0.0617 4.1925 1.8251 6.2659  0.8158  1.0384  0.8629 -0.0734 0.2218  -0.0020 -0.1968 0.2083 -0.1948 -0.1087 0.4428  -0.1349 'X-RAY DIFFRACTION' 
# 
loop_
_pdbx_refine_tls_group.id 
_pdbx_refine_tls_group.refine_tls_id 
_pdbx_refine_tls_group.beg_auth_asym_id 
_pdbx_refine_tls_group.beg_auth_seq_id 
_pdbx_refine_tls_group.beg_label_asym_id 
_pdbx_refine_tls_group.beg_label_seq_id 
_pdbx_refine_tls_group.end_auth_asym_id 
_pdbx_refine_tls_group.end_auth_seq_id 
_pdbx_refine_tls_group.end_label_asym_id 
_pdbx_refine_tls_group.end_label_seq_id 
_pdbx_refine_tls_group.selection 
_pdbx_refine_tls_group.pdbx_refine_id 
_pdbx_refine_tls_group.selection_details 
1 1 A 145 A 3  A 180 A 38 ? 'X-RAY DIFFRACTION' ? 
2 2 A 181 A 39 A 235 A 93 ? 'X-RAY DIFFRACTION' ? 
3 3 B 145 B 3  B 180 B 38 ? 'X-RAY DIFFRACTION' ? 
4 4 B 181 B 39 B 235 B 93 ? 'X-RAY DIFFRACTION' ? 
# 
loop_
_pdbx_unobs_or_zero_occ_residues.id 
_pdbx_unobs_or_zero_occ_residues.PDB_model_num 
_pdbx_unobs_or_zero_occ_residues.polymer_flag 
_pdbx_unobs_or_zero_occ_residues.occupancy_flag 
_pdbx_unobs_or_zero_occ_residues.auth_asym_id 
_pdbx_unobs_or_zero_occ_residues.auth_comp_id 
_pdbx_unobs_or_zero_occ_residues.auth_seq_id 
_pdbx_unobs_or_zero_occ_residues.PDB_ins_code 
_pdbx_unobs_or_zero_occ_residues.label_asym_id 
_pdbx_unobs_or_zero_occ_residues.label_comp_id 
_pdbx_unobs_or_zero_occ_residues.label_seq_id 
1 1 Y 1 A SER 143 ? A SER 1 
2 1 Y 1 B SER 143 ? B SER 1 
3 1 Y 1 B ASN 144 ? B ASN 2 
# 
loop_
_chem_comp_atom.comp_id 
_chem_comp_atom.atom_id 
_chem_comp_atom.type_symbol 
_chem_comp_atom.pdbx_aromatic_flag 
_chem_comp_atom.pdbx_stereo_config 
_chem_comp_atom.pdbx_ordinal 
ALA N    N  N N 1   
ALA CA   C  N S 2   
ALA C    C  N N 3   
ALA O    O  N N 4   
ALA CB   C  N N 5   
ALA OXT  O  N N 6   
ALA H    H  N N 7   
ALA H2   H  N N 8   
ALA HA   H  N N 9   
ALA HB1  H  N N 10  
ALA HB2  H  N N 11  
ALA HB3  H  N N 12  
ALA HXT  H  N N 13  
ARG N    N  N N 14  
ARG CA   C  N S 15  
ARG C    C  N N 16  
ARG O    O  N N 17  
ARG CB   C  N N 18  
ARG CG   C  N N 19  
ARG CD   C  N N 20  
ARG NE   N  N N 21  
ARG CZ   C  N N 22  
ARG NH1  N  N N 23  
ARG NH2  N  N N 24  
ARG OXT  O  N N 25  
ARG H    H  N N 26  
ARG H2   H  N N 27  
ARG HA   H  N N 28  
ARG HB2  H  N N 29  
ARG HB3  H  N N 30  
ARG HG2  H  N N 31  
ARG HG3  H  N N 32  
ARG HD2  H  N N 33  
ARG HD3  H  N N 34  
ARG HE   H  N N 35  
ARG HH11 H  N N 36  
ARG HH12 H  N N 37  
ARG HH21 H  N N 38  
ARG HH22 H  N N 39  
ARG HXT  H  N N 40  
ASN N    N  N N 41  
ASN CA   C  N S 42  
ASN C    C  N N 43  
ASN O    O  N N 44  
ASN CB   C  N N 45  
ASN CG   C  N N 46  
ASN OD1  O  N N 47  
ASN ND2  N  N N 48  
ASN OXT  O  N N 49  
ASN H    H  N N 50  
ASN H2   H  N N 51  
ASN HA   H  N N 52  
ASN HB2  H  N N 53  
ASN HB3  H  N N 54  
ASN HD21 H  N N 55  
ASN HD22 H  N N 56  
ASN HXT  H  N N 57  
ASP N    N  N N 58  
ASP CA   C  N S 59  
ASP C    C  N N 60  
ASP O    O  N N 61  
ASP CB   C  N N 62  
ASP CG   C  N N 63  
ASP OD1  O  N N 64  
ASP OD2  O  N N 65  
ASP OXT  O  N N 66  
ASP H    H  N N 67  
ASP H2   H  N N 68  
ASP HA   H  N N 69  
ASP HB2  H  N N 70  
ASP HB3  H  N N 71  
ASP HD2  H  N N 72  
ASP HXT  H  N N 73  
EDO C1   C  N N 74  
EDO O1   O  N N 75  
EDO C2   C  N N 76  
EDO O2   O  N N 77  
EDO H11  H  N N 78  
EDO H12  H  N N 79  
EDO HO1  H  N N 80  
EDO H21  H  N N 81  
EDO H22  H  N N 82  
EDO HO2  H  N N 83  
GLN N    N  N N 84  
GLN CA   C  N S 85  
GLN C    C  N N 86  
GLN O    O  N N 87  
GLN CB   C  N N 88  
GLN CG   C  N N 89  
GLN CD   C  N N 90  
GLN OE1  O  N N 91  
GLN NE2  N  N N 92  
GLN OXT  O  N N 93  
GLN H    H  N N 94  
GLN H2   H  N N 95  
GLN HA   H  N N 96  
GLN HB2  H  N N 97  
GLN HB3  H  N N 98  
GLN HG2  H  N N 99  
GLN HG3  H  N N 100 
GLN HE21 H  N N 101 
GLN HE22 H  N N 102 
GLN HXT  H  N N 103 
GLU N    N  N N 104 
GLU CA   C  N S 105 
GLU C    C  N N 106 
GLU O    O  N N 107 
GLU CB   C  N N 108 
GLU CG   C  N N 109 
GLU CD   C  N N 110 
GLU OE1  O  N N 111 
GLU OE2  O  N N 112 
GLU OXT  O  N N 113 
GLU H    H  N N 114 
GLU H2   H  N N 115 
GLU HA   H  N N 116 
GLU HB2  H  N N 117 
GLU HB3  H  N N 118 
GLU HG2  H  N N 119 
GLU HG3  H  N N 120 
GLU HE2  H  N N 121 
GLU HXT  H  N N 122 
HIS N    N  N N 123 
HIS CA   C  N S 124 
HIS C    C  N N 125 
HIS O    O  N N 126 
HIS CB   C  N N 127 
HIS CG   C  Y N 128 
HIS ND1  N  Y N 129 
HIS CD2  C  Y N 130 
HIS CE1  C  Y N 131 
HIS NE2  N  Y N 132 
HIS OXT  O  N N 133 
HIS H    H  N N 134 
HIS H2   H  N N 135 
HIS HA   H  N N 136 
HIS HB2  H  N N 137 
HIS HB3  H  N N 138 
HIS HD1  H  N N 139 
HIS HD2  H  N N 140 
HIS HE1  H  N N 141 
HIS HE2  H  N N 142 
HIS HXT  H  N N 143 
HOH O    O  N N 144 
HOH H1   H  N N 145 
HOH H2   H  N N 146 
ILE N    N  N N 147 
ILE CA   C  N S 148 
ILE C    C  N N 149 
ILE O    O  N N 150 
ILE CB   C  N S 151 
ILE CG1  C  N N 152 
ILE CG2  C  N N 153 
ILE CD1  C  N N 154 
ILE OXT  O  N N 155 
ILE H    H  N N 156 
ILE H2   H  N N 157 
ILE HA   H  N N 158 
ILE HB   H  N N 159 
ILE HG12 H  N N 160 
ILE HG13 H  N N 161 
ILE HG21 H  N N 162 
ILE HG22 H  N N 163 
ILE HG23 H  N N 164 
ILE HD11 H  N N 165 
ILE HD12 H  N N 166 
ILE HD13 H  N N 167 
ILE HXT  H  N N 168 
LEU N    N  N N 169 
LEU CA   C  N S 170 
LEU C    C  N N 171 
LEU O    O  N N 172 
LEU CB   C  N N 173 
LEU CG   C  N N 174 
LEU CD1  C  N N 175 
LEU CD2  C  N N 176 
LEU OXT  O  N N 177 
LEU H    H  N N 178 
LEU H2   H  N N 179 
LEU HA   H  N N 180 
LEU HB2  H  N N 181 
LEU HB3  H  N N 182 
LEU HG   H  N N 183 
LEU HD11 H  N N 184 
LEU HD12 H  N N 185 
LEU HD13 H  N N 186 
LEU HD21 H  N N 187 
LEU HD22 H  N N 188 
LEU HD23 H  N N 189 
LEU HXT  H  N N 190 
LYS N    N  N N 191 
LYS CA   C  N S 192 
LYS C    C  N N 193 
LYS O    O  N N 194 
LYS CB   C  N N 195 
LYS CG   C  N N 196 
LYS CD   C  N N 197 
LYS CE   C  N N 198 
LYS NZ   N  N N 199 
LYS OXT  O  N N 200 
LYS H    H  N N 201 
LYS H2   H  N N 202 
LYS HA   H  N N 203 
LYS HB2  H  N N 204 
LYS HB3  H  N N 205 
LYS HG2  H  N N 206 
LYS HG3  H  N N 207 
LYS HD2  H  N N 208 
LYS HD3  H  N N 209 
LYS HE2  H  N N 210 
LYS HE3  H  N N 211 
LYS HZ1  H  N N 212 
LYS HZ2  H  N N 213 
LYS HZ3  H  N N 214 
LYS HXT  H  N N 215 
MSE N    N  N N 216 
MSE CA   C  N S 217 
MSE C    C  N N 218 
MSE O    O  N N 219 
MSE OXT  O  N N 220 
MSE CB   C  N N 221 
MSE CG   C  N N 222 
MSE SE   SE N N 223 
MSE CE   C  N N 224 
MSE H    H  N N 225 
MSE H2   H  N N 226 
MSE HA   H  N N 227 
MSE HXT  H  N N 228 
MSE HB2  H  N N 229 
MSE HB3  H  N N 230 
MSE HG2  H  N N 231 
MSE HG3  H  N N 232 
MSE HE1  H  N N 233 
MSE HE2  H  N N 234 
MSE HE3  H  N N 235 
PHE N    N  N N 236 
PHE CA   C  N S 237 
PHE C    C  N N 238 
PHE O    O  N N 239 
PHE CB   C  N N 240 
PHE CG   C  Y N 241 
PHE CD1  C  Y N 242 
PHE CD2  C  Y N 243 
PHE CE1  C  Y N 244 
PHE CE2  C  Y N 245 
PHE CZ   C  Y N 246 
PHE OXT  O  N N 247 
PHE H    H  N N 248 
PHE H2   H  N N 249 
PHE HA   H  N N 250 
PHE HB2  H  N N 251 
PHE HB3  H  N N 252 
PHE HD1  H  N N 253 
PHE HD2  H  N N 254 
PHE HE1  H  N N 255 
PHE HE2  H  N N 256 
PHE HZ   H  N N 257 
PHE HXT  H  N N 258 
PRO N    N  N N 259 
PRO CA   C  N S 260 
PRO C    C  N N 261 
PRO O    O  N N 262 
PRO CB   C  N N 263 
PRO CG   C  N N 264 
PRO CD   C  N N 265 
PRO OXT  O  N N 266 
PRO H    H  N N 267 
PRO HA   H  N N 268 
PRO HB2  H  N N 269 
PRO HB3  H  N N 270 
PRO HG2  H  N N 271 
PRO HG3  H  N N 272 
PRO HD2  H  N N 273 
PRO HD3  H  N N 274 
PRO HXT  H  N N 275 
SER N    N  N N 276 
SER CA   C  N S 277 
SER C    C  N N 278 
SER O    O  N N 279 
SER CB   C  N N 280 
SER OG   O  N N 281 
SER OXT  O  N N 282 
SER H    H  N N 283 
SER H2   H  N N 284 
SER HA   H  N N 285 
SER HB2  H  N N 286 
SER HB3  H  N N 287 
SER HG   H  N N 288 
SER HXT  H  N N 289 
THR N    N  N N 290 
THR CA   C  N S 291 
THR C    C  N N 292 
THR O    O  N N 293 
THR CB   C  N R 294 
THR OG1  O  N N 295 
THR CG2  C  N N 296 
THR OXT  O  N N 297 
THR H    H  N N 298 
THR H2   H  N N 299 
THR HA   H  N N 300 
THR HB   H  N N 301 
THR HG1  H  N N 302 
THR HG21 H  N N 303 
THR HG22 H  N N 304 
THR HG23 H  N N 305 
THR HXT  H  N N 306 
TRP N    N  N N 307 
TRP CA   C  N S 308 
TRP C    C  N N 309 
TRP O    O  N N 310 
TRP CB   C  N N 311 
TRP CG   C  Y N 312 
TRP CD1  C  Y N 313 
TRP CD2  C  Y N 314 
TRP NE1  N  Y N 315 
TRP CE2  C  Y N 316 
TRP CE3  C  Y N 317 
TRP CZ2  C  Y N 318 
TRP CZ3  C  Y N 319 
TRP CH2  C  Y N 320 
TRP OXT  O  N N 321 
TRP H    H  N N 322 
TRP H2   H  N N 323 
TRP HA   H  N N 324 
TRP HB2  H  N N 325 
TRP HB3  H  N N 326 
TRP HD1  H  N N 327 
TRP HE1  H  N N 328 
TRP HE3  H  N N 329 
TRP HZ2  H  N N 330 
TRP HZ3  H  N N 331 
TRP HH2  H  N N 332 
TRP HXT  H  N N 333 
TYR N    N  N N 334 
TYR CA   C  N S 335 
TYR C    C  N N 336 
TYR O    O  N N 337 
TYR CB   C  N N 338 
TYR CG   C  Y N 339 
TYR CD1  C  Y N 340 
TYR CD2  C  Y N 341 
TYR CE1  C  Y N 342 
TYR CE2  C  Y N 343 
TYR CZ   C  Y N 344 
TYR OH   O  N N 345 
TYR OXT  O  N N 346 
TYR H    H  N N 347 
TYR H2   H  N N 348 
TYR HA   H  N N 349 
TYR HB2  H  N N 350 
TYR HB3  H  N N 351 
TYR HD1  H  N N 352 
TYR HD2  H  N N 353 
TYR HE1  H  N N 354 
TYR HE2  H  N N 355 
TYR HH   H  N N 356 
TYR HXT  H  N N 357 
VAL N    N  N N 358 
VAL CA   C  N S 359 
VAL C    C  N N 360 
VAL O    O  N N 361 
VAL CB   C  N N 362 
VAL CG1  C  N N 363 
VAL CG2  C  N N 364 
VAL OXT  O  N N 365 
VAL H    H  N N 366 
VAL H2   H  N N 367 
VAL HA   H  N N 368 
VAL HB   H  N N 369 
VAL HG11 H  N N 370 
VAL HG12 H  N N 371 
VAL HG13 H  N N 372 
VAL HG21 H  N N 373 
VAL HG22 H  N N 374 
VAL HG23 H  N N 375 
VAL HXT  H  N N 376 
# 
loop_
_chem_comp_bond.comp_id 
_chem_comp_bond.atom_id_1 
_chem_comp_bond.atom_id_2 
_chem_comp_bond.value_order 
_chem_comp_bond.pdbx_aromatic_flag 
_chem_comp_bond.pdbx_stereo_config 
_chem_comp_bond.pdbx_ordinal 
ALA N   CA   sing N N 1   
ALA N   H    sing N N 2   
ALA N   H2   sing N N 3   
ALA CA  C    sing N N 4   
ALA CA  CB   sing N N 5   
ALA CA  HA   sing N N 6   
ALA C   O    doub N N 7   
ALA C   OXT  sing N N 8   
ALA CB  HB1  sing N N 9   
ALA CB  HB2  sing N N 10  
ALA CB  HB3  sing N N 11  
ALA OXT HXT  sing N N 12  
ARG N   CA   sing N N 13  
ARG N   H    sing N N 14  
ARG N   H2   sing N N 15  
ARG CA  C    sing N N 16  
ARG CA  CB   sing N N 17  
ARG CA  HA   sing N N 18  
ARG C   O    doub N N 19  
ARG C   OXT  sing N N 20  
ARG CB  CG   sing N N 21  
ARG CB  HB2  sing N N 22  
ARG CB  HB3  sing N N 23  
ARG CG  CD   sing N N 24  
ARG CG  HG2  sing N N 25  
ARG CG  HG3  sing N N 26  
ARG CD  NE   sing N N 27  
ARG CD  HD2  sing N N 28  
ARG CD  HD3  sing N N 29  
ARG NE  CZ   sing N N 30  
ARG NE  HE   sing N N 31  
ARG CZ  NH1  sing N N 32  
ARG CZ  NH2  doub N N 33  
ARG NH1 HH11 sing N N 34  
ARG NH1 HH12 sing N N 35  
ARG NH2 HH21 sing N N 36  
ARG NH2 HH22 sing N N 37  
ARG OXT HXT  sing N N 38  
ASN N   CA   sing N N 39  
ASN N   H    sing N N 40  
ASN N   H2   sing N N 41  
ASN CA  C    sing N N 42  
ASN CA  CB   sing N N 43  
ASN CA  HA   sing N N 44  
ASN C   O    doub N N 45  
ASN C   OXT  sing N N 46  
ASN CB  CG   sing N N 47  
ASN CB  HB2  sing N N 48  
ASN CB  HB3  sing N N 49  
ASN CG  OD1  doub N N 50  
ASN CG  ND2  sing N N 51  
ASN ND2 HD21 sing N N 52  
ASN ND2 HD22 sing N N 53  
ASN OXT HXT  sing N N 54  
ASP N   CA   sing N N 55  
ASP N   H    sing N N 56  
ASP N   H2   sing N N 57  
ASP CA  C    sing N N 58  
ASP CA  CB   sing N N 59  
ASP CA  HA   sing N N 60  
ASP C   O    doub N N 61  
ASP C   OXT  sing N N 62  
ASP CB  CG   sing N N 63  
ASP CB  HB2  sing N N 64  
ASP CB  HB3  sing N N 65  
ASP CG  OD1  doub N N 66  
ASP CG  OD2  sing N N 67  
ASP OD2 HD2  sing N N 68  
ASP OXT HXT  sing N N 69  
EDO C1  O1   sing N N 70  
EDO C1  C2   sing N N 71  
EDO C1  H11  sing N N 72  
EDO C1  H12  sing N N 73  
EDO O1  HO1  sing N N 74  
EDO C2  O2   sing N N 75  
EDO C2  H21  sing N N 76  
EDO C2  H22  sing N N 77  
EDO O2  HO2  sing N N 78  
GLN N   CA   sing N N 79  
GLN N   H    sing N N 80  
GLN N   H2   sing N N 81  
GLN CA  C    sing N N 82  
GLN CA  CB   sing N N 83  
GLN CA  HA   sing N N 84  
GLN C   O    doub N N 85  
GLN C   OXT  sing N N 86  
GLN CB  CG   sing N N 87  
GLN CB  HB2  sing N N 88  
GLN CB  HB3  sing N N 89  
GLN CG  CD   sing N N 90  
GLN CG  HG2  sing N N 91  
GLN CG  HG3  sing N N 92  
GLN CD  OE1  doub N N 93  
GLN CD  NE2  sing N N 94  
GLN NE2 HE21 sing N N 95  
GLN NE2 HE22 sing N N 96  
GLN OXT HXT  sing N N 97  
GLU N   CA   sing N N 98  
GLU N   H    sing N N 99  
GLU N   H2   sing N N 100 
GLU CA  C    sing N N 101 
GLU CA  CB   sing N N 102 
GLU CA  HA   sing N N 103 
GLU C   O    doub N N 104 
GLU C   OXT  sing N N 105 
GLU CB  CG   sing N N 106 
GLU CB  HB2  sing N N 107 
GLU CB  HB3  sing N N 108 
GLU CG  CD   sing N N 109 
GLU CG  HG2  sing N N 110 
GLU CG  HG3  sing N N 111 
GLU CD  OE1  doub N N 112 
GLU CD  OE2  sing N N 113 
GLU OE2 HE2  sing N N 114 
GLU OXT HXT  sing N N 115 
HIS N   CA   sing N N 116 
HIS N   H    sing N N 117 
HIS N   H2   sing N N 118 
HIS CA  C    sing N N 119 
HIS CA  CB   sing N N 120 
HIS CA  HA   sing N N 121 
HIS C   O    doub N N 122 
HIS C   OXT  sing N N 123 
HIS CB  CG   sing N N 124 
HIS CB  HB2  sing N N 125 
HIS CB  HB3  sing N N 126 
HIS CG  ND1  sing Y N 127 
HIS CG  CD2  doub Y N 128 
HIS ND1 CE1  doub Y N 129 
HIS ND1 HD1  sing N N 130 
HIS CD2 NE2  sing Y N 131 
HIS CD2 HD2  sing N N 132 
HIS CE1 NE2  sing Y N 133 
HIS CE1 HE1  sing N N 134 
HIS NE2 HE2  sing N N 135 
HIS OXT HXT  sing N N 136 
HOH O   H1   sing N N 137 
HOH O   H2   sing N N 138 
ILE N   CA   sing N N 139 
ILE N   H    sing N N 140 
ILE N   H2   sing N N 141 
ILE CA  C    sing N N 142 
ILE CA  CB   sing N N 143 
ILE CA  HA   sing N N 144 
ILE C   O    doub N N 145 
ILE C   OXT  sing N N 146 
ILE CB  CG1  sing N N 147 
ILE CB  CG2  sing N N 148 
ILE CB  HB   sing N N 149 
ILE CG1 CD1  sing N N 150 
ILE CG1 HG12 sing N N 151 
ILE CG1 HG13 sing N N 152 
ILE CG2 HG21 sing N N 153 
ILE CG2 HG22 sing N N 154 
ILE CG2 HG23 sing N N 155 
ILE CD1 HD11 sing N N 156 
ILE CD1 HD12 sing N N 157 
ILE CD1 HD13 sing N N 158 
ILE OXT HXT  sing N N 159 
LEU N   CA   sing N N 160 
LEU N   H    sing N N 161 
LEU N   H2   sing N N 162 
LEU CA  C    sing N N 163 
LEU CA  CB   sing N N 164 
LEU CA  HA   sing N N 165 
LEU C   O    doub N N 166 
LEU C   OXT  sing N N 167 
LEU CB  CG   sing N N 168 
LEU CB  HB2  sing N N 169 
LEU CB  HB3  sing N N 170 
LEU CG  CD1  sing N N 171 
LEU CG  CD2  sing N N 172 
LEU CG  HG   sing N N 173 
LEU CD1 HD11 sing N N 174 
LEU CD1 HD12 sing N N 175 
LEU CD1 HD13 sing N N 176 
LEU CD2 HD21 sing N N 177 
LEU CD2 HD22 sing N N 178 
LEU CD2 HD23 sing N N 179 
LEU OXT HXT  sing N N 180 
LYS N   CA   sing N N 181 
LYS N   H    sing N N 182 
LYS N   H2   sing N N 183 
LYS CA  C    sing N N 184 
LYS CA  CB   sing N N 185 
LYS CA  HA   sing N N 186 
LYS C   O    doub N N 187 
LYS C   OXT  sing N N 188 
LYS CB  CG   sing N N 189 
LYS CB  HB2  sing N N 190 
LYS CB  HB3  sing N N 191 
LYS CG  CD   sing N N 192 
LYS CG  HG2  sing N N 193 
LYS CG  HG3  sing N N 194 
LYS CD  CE   sing N N 195 
LYS CD  HD2  sing N N 196 
LYS CD  HD3  sing N N 197 
LYS CE  NZ   sing N N 198 
LYS CE  HE2  sing N N 199 
LYS CE  HE3  sing N N 200 
LYS NZ  HZ1  sing N N 201 
LYS NZ  HZ2  sing N N 202 
LYS NZ  HZ3  sing N N 203 
LYS OXT HXT  sing N N 204 
MSE N   CA   sing N N 205 
MSE N   H    sing N N 206 
MSE N   H2   sing N N 207 
MSE CA  C    sing N N 208 
MSE CA  CB   sing N N 209 
MSE CA  HA   sing N N 210 
MSE C   O    doub N N 211 
MSE C   OXT  sing N N 212 
MSE OXT HXT  sing N N 213 
MSE CB  CG   sing N N 214 
MSE CB  HB2  sing N N 215 
MSE CB  HB3  sing N N 216 
MSE CG  SE   sing N N 217 
MSE CG  HG2  sing N N 218 
MSE CG  HG3  sing N N 219 
MSE SE  CE   sing N N 220 
MSE CE  HE1  sing N N 221 
MSE CE  HE2  sing N N 222 
MSE CE  HE3  sing N N 223 
PHE N   CA   sing N N 224 
PHE N   H    sing N N 225 
PHE N   H2   sing N N 226 
PHE CA  C    sing N N 227 
PHE CA  CB   sing N N 228 
PHE CA  HA   sing N N 229 
PHE C   O    doub N N 230 
PHE C   OXT  sing N N 231 
PHE CB  CG   sing N N 232 
PHE CB  HB2  sing N N 233 
PHE CB  HB3  sing N N 234 
PHE CG  CD1  doub Y N 235 
PHE CG  CD2  sing Y N 236 
PHE CD1 CE1  sing Y N 237 
PHE CD1 HD1  sing N N 238 
PHE CD2 CE2  doub Y N 239 
PHE CD2 HD2  sing N N 240 
PHE CE1 CZ   doub Y N 241 
PHE CE1 HE1  sing N N 242 
PHE CE2 CZ   sing Y N 243 
PHE CE2 HE2  sing N N 244 
PHE CZ  HZ   sing N N 245 
PHE OXT HXT  sing N N 246 
PRO N   CA   sing N N 247 
PRO N   CD   sing N N 248 
PRO N   H    sing N N 249 
PRO CA  C    sing N N 250 
PRO CA  CB   sing N N 251 
PRO CA  HA   sing N N 252 
PRO C   O    doub N N 253 
PRO C   OXT  sing N N 254 
PRO CB  CG   sing N N 255 
PRO CB  HB2  sing N N 256 
PRO CB  HB3  sing N N 257 
PRO CG  CD   sing N N 258 
PRO CG  HG2  sing N N 259 
PRO CG  HG3  sing N N 260 
PRO CD  HD2  sing N N 261 
PRO CD  HD3  sing N N 262 
PRO OXT HXT  sing N N 263 
SER N   CA   sing N N 264 
SER N   H    sing N N 265 
SER N   H2   sing N N 266 
SER CA  C    sing N N 267 
SER CA  CB   sing N N 268 
SER CA  HA   sing N N 269 
SER C   O    doub N N 270 
SER C   OXT  sing N N 271 
SER CB  OG   sing N N 272 
SER CB  HB2  sing N N 273 
SER CB  HB3  sing N N 274 
SER OG  HG   sing N N 275 
SER OXT HXT  sing N N 276 
THR N   CA   sing N N 277 
THR N   H    sing N N 278 
THR N   H2   sing N N 279 
THR CA  C    sing N N 280 
THR CA  CB   sing N N 281 
THR CA  HA   sing N N 282 
THR C   O    doub N N 283 
THR C   OXT  sing N N 284 
THR CB  OG1  sing N N 285 
THR CB  CG2  sing N N 286 
THR CB  HB   sing N N 287 
THR OG1 HG1  sing N N 288 
THR CG2 HG21 sing N N 289 
THR CG2 HG22 sing N N 290 
THR CG2 HG23 sing N N 291 
THR OXT HXT  sing N N 292 
TRP N   CA   sing N N 293 
TRP N   H    sing N N 294 
TRP N   H2   sing N N 295 
TRP CA  C    sing N N 296 
TRP CA  CB   sing N N 297 
TRP CA  HA   sing N N 298 
TRP C   O    doub N N 299 
TRP C   OXT  sing N N 300 
TRP CB  CG   sing N N 301 
TRP CB  HB2  sing N N 302 
TRP CB  HB3  sing N N 303 
TRP CG  CD1  doub Y N 304 
TRP CG  CD2  sing Y N 305 
TRP CD1 NE1  sing Y N 306 
TRP CD1 HD1  sing N N 307 
TRP CD2 CE2  doub Y N 308 
TRP CD2 CE3  sing Y N 309 
TRP NE1 CE2  sing Y N 310 
TRP NE1 HE1  sing N N 311 
TRP CE2 CZ2  sing Y N 312 
TRP CE3 CZ3  doub Y N 313 
TRP CE3 HE3  sing N N 314 
TRP CZ2 CH2  doub Y N 315 
TRP CZ2 HZ2  sing N N 316 
TRP CZ3 CH2  sing Y N 317 
TRP CZ3 HZ3  sing N N 318 
TRP CH2 HH2  sing N N 319 
TRP OXT HXT  sing N N 320 
TYR N   CA   sing N N 321 
TYR N   H    sing N N 322 
TYR N   H2   sing N N 323 
TYR CA  C    sing N N 324 
TYR CA  CB   sing N N 325 
TYR CA  HA   sing N N 326 
TYR C   O    doub N N 327 
TYR C   OXT  sing N N 328 
TYR CB  CG   sing N N 329 
TYR CB  HB2  sing N N 330 
TYR CB  HB3  sing N N 331 
TYR CG  CD1  doub Y N 332 
TYR CG  CD2  sing Y N 333 
TYR CD1 CE1  sing Y N 334 
TYR CD1 HD1  sing N N 335 
TYR CD2 CE2  doub Y N 336 
TYR CD2 HD2  sing N N 337 
TYR CE1 CZ   doub Y N 338 
TYR CE1 HE1  sing N N 339 
TYR CE2 CZ   sing Y N 340 
TYR CE2 HE2  sing N N 341 
TYR CZ  OH   sing N N 342 
TYR OH  HH   sing N N 343 
TYR OXT HXT  sing N N 344 
VAL N   CA   sing N N 345 
VAL N   H    sing N N 346 
VAL N   H2   sing N N 347 
VAL CA  C    sing N N 348 
VAL CA  CB   sing N N 349 
VAL CA  HA   sing N N 350 
VAL C   O    doub N N 351 
VAL C   OXT  sing N N 352 
VAL CB  CG1  sing N N 353 
VAL CB  CG2  sing N N 354 
VAL CB  HB   sing N N 355 
VAL CG1 HG11 sing N N 356 
VAL CG1 HG12 sing N N 357 
VAL CG1 HG13 sing N N 358 
VAL CG2 HG21 sing N N 359 
VAL CG2 HG22 sing N N 360 
VAL CG2 HG23 sing N N 361 
VAL OXT HXT  sing N N 362 
# 
_atom_sites.entry_id                    3BEE 
_atom_sites.fract_transf_matrix[1][1]   -0.00649982 
_atom_sites.fract_transf_matrix[1][2]   0.00138809 
_atom_sites.fract_transf_matrix[1][3]   -0.01015660 
_atom_sites.fract_transf_matrix[2][1]   -0.00937373 
_atom_sites.fract_transf_matrix[2][2]   0.00406300 
_atom_sites.fract_transf_matrix[2][3]   0.00655410 
_atom_sites.fract_transf_matrix[3][1]   0.00459812 
_atom_sites.fract_transf_matrix[3][2]   0.01258136 
_atom_sites.fract_transf_matrix[3][3]   -0.00122313 
_atom_sites.fract_transf_vector[1]      0.165726 
_atom_sites.fract_transf_vector[2]      0.325210 
_atom_sites.fract_transf_vector[3]      0.279181 
# 
loop_
_atom_type.symbol 
C  
N  
O  
SE 
# 
loop_
_atom_site.group_PDB 
_atom_site.id 
_atom_site.type_symbol 
_atom_site.label_atom_id 
_atom_site.label_alt_id 
_atom_site.label_comp_id 
_atom_site.label_asym_id 
_atom_site.label_entity_id 
_atom_site.label_seq_id 
_atom_site.pdbx_PDB_ins_code 
_atom_site.Cartn_x 
_atom_site.Cartn_y 
_atom_site.Cartn_z 
_atom_site.occupancy 
_atom_site.B_iso_or_equiv 
_atom_site.pdbx_formal_charge 
_atom_site.auth_seq_id 
_atom_site.auth_comp_id 
_atom_site.auth_asym_id 
_atom_site.auth_atom_id 
_atom_site.pdbx_PDB_model_num 
ATOM   1    N  N   . ASN A 1 2  ? -19.134 12.762  24.303  1.00 58.59 ? 144 ASN A N   1 
ATOM   2    C  CA  . ASN A 1 2  ? -20.267 13.076  23.366  1.00 58.11 ? 144 ASN A CA  1 
ATOM   3    C  C   . ASN A 1 2  ? -19.869 12.974  21.875  1.00 56.83 ? 144 ASN A C   1 
ATOM   4    O  O   . ASN A 1 2  ? -20.298 12.045  21.159  1.00 56.82 ? 144 ASN A O   1 
ATOM   5    C  CB  . ASN A 1 2  ? -20.887 14.479  23.690  1.00 58.47 ? 144 ASN A CB  1 
ATOM   6    N  N   . ALA A 1 3  ? -19.050 13.921  21.417  1.00 54.79 ? 145 ALA A N   1 
ATOM   7    C  CA  . ALA A 1 3  ? -18.651 13.974  20.013  1.00 52.60 ? 145 ALA A CA  1 
ATOM   8    C  C   . ALA A 1 3  ? -17.812 12.766  19.587  1.00 51.11 ? 145 ALA A C   1 
ATOM   9    O  O   . ALA A 1 3  ? -17.218 12.063  20.416  1.00 50.98 ? 145 ALA A O   1 
ATOM   10   C  CB  . ALA A 1 3  ? -17.935 15.288  19.693  1.00 52.65 ? 145 ALA A CB  1 
ATOM   11   N  N   . VAL A 1 4  ? -17.808 12.526  18.281  1.00 49.13 ? 146 VAL A N   1 
ATOM   12   C  CA  . VAL A 1 4  ? -16.972 11.521  17.647  1.00 47.58 ? 146 VAL A CA  1 
ATOM   13   C  C   . VAL A 1 4  ? -15.499 11.782  18.001  1.00 45.84 ? 146 VAL A C   1 
ATOM   14   O  O   . VAL A 1 4  ? -15.062 12.913  18.091  1.00 45.20 ? 146 VAL A O   1 
ATOM   15   C  CB  . VAL A 1 4  ? -17.236 11.547  16.112  1.00 47.78 ? 146 VAL A CB  1 
ATOM   16   C  CG1 . VAL A 1 4  ? -16.383 10.568  15.379  1.00 48.14 ? 146 VAL A CG1 1 
ATOM   17   C  CG2 . VAL A 1 4  ? -18.705 11.240  15.838  1.00 49.27 ? 146 VAL A CG2 1 
ATOM   18   N  N   . THR A 1 5  ? -14.737 10.733  18.238  1.00 44.69 ? 147 THR A N   1 
ATOM   19   C  CA  . THR A 1 5  ? -13.349 10.926  18.631  1.00 43.65 ? 147 THR A CA  1 
ATOM   20   C  C   . THR A 1 5  ? -12.471 10.985  17.379  1.00 42.84 ? 147 THR A C   1 
ATOM   21   O  O   . THR A 1 5  ? -12.919 10.611  16.296  1.00 42.45 ? 147 THR A O   1 
ATOM   22   C  CB  . THR A 1 5  ? -12.879 9.822   19.564  1.00 43.59 ? 147 THR A CB  1 
ATOM   23   O  OG1 . THR A 1 5  ? -12.933 8.580   18.863  1.00 43.58 ? 147 THR A OG1 1 
ATOM   24   C  CG2 . THR A 1 5  ? -13.786 9.760   20.816  1.00 43.36 ? 147 THR A CG2 1 
ATOM   25   N  N   . ALA A 1 6  ? -11.240 11.467  17.540  1.00 42.17 ? 148 ALA A N   1 
ATOM   26   C  CA  . ALA A 1 6  ? -10.276 11.551  16.446  1.00 42.37 ? 148 ALA A CA  1 
ATOM   27   C  C   . ALA A 1 6  ? -10.028 10.171  15.837  1.00 42.51 ? 148 ALA A C   1 
ATOM   28   O  O   . ALA A 1 6  ? -9.885  10.028  14.612  1.00 42.89 ? 148 ALA A O   1 
ATOM   29   C  CB  . ALA A 1 6  ? -8.970  12.165  16.940  1.00 41.95 ? 148 ALA A CB  1 
ATOM   30   N  N   . THR A 1 7  ? -9.979  9.161   16.703  1.00 42.50 ? 149 THR A N   1 
ATOM   31   C  CA  . THR A 1 7  ? -9.744  7.781   16.284  1.00 41.59 ? 149 THR A CA  1 
ATOM   32   C  C   . THR A 1 7  ? -10.939 7.249   15.502  1.00 41.42 ? 149 THR A C   1 
ATOM   33   O  O   . THR A 1 7  ? -10.763 6.568   14.507  1.00 42.07 ? 149 THR A O   1 
ATOM   34   C  CB  . THR A 1 7  ? -9.373  6.875   17.497  1.00 42.55 ? 149 THR A CB  1 
ATOM   35   O  OG1 . THR A 1 7  ? -8.219  7.420   18.163  1.00 42.11 ? 149 THR A OG1 1 
ATOM   36   C  CG2 . THR A 1 7  ? -9.046  5.449   17.039  1.00 41.19 ? 149 THR A CG2 1 
ATOM   37   N  N   . GLN A 1 8  ? -12.154 7.612   15.916  1.00 40.88 ? 150 GLN A N   1 
ATOM   38   C  CA  . GLN A 1 8  ? -13.349 7.262   15.152  1.00 39.82 ? 150 GLN A CA  1 
ATOM   39   C  C   . GLN A 1 8  ? -13.399 7.913   13.752  1.00 39.06 ? 150 GLN A C   1 
ATOM   40   O  O   . GLN A 1 8  ? -13.815 7.282   12.789  1.00 38.89 ? 150 GLN A O   1 
ATOM   41   C  CB  . GLN A 1 8  ? -14.615 7.546   15.969  1.00 39.60 ? 150 GLN A CB  1 
ATOM   42   C  CG  . GLN A 1 8  ? -14.791 6.524   17.103  1.00 39.28 ? 150 GLN A CG  1 
ATOM   43   C  CD  . GLN A 1 8  ? -15.888 6.852   18.092  1.00 40.61 ? 150 GLN A CD  1 
ATOM   44   O  OE1 . GLN A 1 8  ? -16.355 7.993   18.192  1.00 39.36 ? 150 GLN A OE1 1 
ATOM   45   N  NE2 . GLN A 1 8  ? -16.297 5.837   18.860  1.00 39.58 ? 150 GLN A NE2 1 
ATOM   46   N  N   . LEU A 1 9  ? -12.980 9.172   13.655  1.00 38.20 ? 151 LEU A N   1 
ATOM   47   C  CA  . LEU A 1 9  ? -12.834 9.855   12.377  1.00 37.18 ? 151 LEU A CA  1 
ATOM   48   C  C   . LEU A 1 9  ? -11.775 9.162   11.489  1.00 36.18 ? 151 LEU A C   1 
ATOM   49   O  O   . LEU A 1 9  ? -12.005 8.932   10.300  1.00 36.63 ? 151 LEU A O   1 
ATOM   50   C  CB  . LEU A 1 9  ? -12.497 11.343  12.613  1.00 37.63 ? 151 LEU A CB  1 
ATOM   51   C  CG  . LEU A 1 9  ? -13.607 12.212  13.272  1.00 36.65 ? 151 LEU A CG  1 
ATOM   52   C  CD1 . LEU A 1 9  ? -13.087 13.621  13.544  1.00 38.43 ? 151 LEU A CD1 1 
ATOM   53   C  CD2 . LEU A 1 9  ? -14.842 12.290  12.425  1.00 34.94 ? 151 LEU A CD2 1 
ATOM   54   N  N   . ALA A 1 10 ? -10.647 8.786   12.086  1.00 35.56 ? 152 ALA A N   1 
ATOM   55   C  CA  . ALA A 1 10 ? -9.566  8.119   11.368  1.00 34.79 ? 152 ALA A CA  1 
ATOM   56   C  C   . ALA A 1 10 ? -9.979  6.729   10.967  1.00 34.63 ? 152 ALA A C   1 
ATOM   57   O  O   . ALA A 1 10 ? -9.557  6.254   9.921   1.00 35.37 ? 152 ALA A O   1 
ATOM   58   C  CB  . ALA A 1 10 ? -8.338  8.054   12.203  1.00 34.90 ? 152 ALA A CB  1 
ATOM   59   N  N   . ALA A 1 11 ? -10.806 6.071   11.783  1.00 33.46 ? 153 ALA A N   1 
ATOM   60   C  CA  . ALA A 1 11 ? -11.309 4.747   11.429  1.00 32.97 ? 153 ALA A CA  1 
ATOM   61   C  C   . ALA A 1 11 ? -12.236 4.817   10.205  1.00 33.40 ? 153 ALA A C   1 
ATOM   62   O  O   . ALA A 1 11 ? -12.183 3.952   9.328   1.00 33.64 ? 153 ALA A O   1 
ATOM   63   C  CB  . ALA A 1 11 ? -12.030 4.085   12.627  1.00 32.53 ? 153 ALA A CB  1 
ATOM   64   N  N   A LYS A 1 12 ? -13.100 5.826   10.120  0.50 33.48 ? 154 LYS A N   1 
ATOM   65   N  N   B LYS A 1 12 ? -13.064 5.864   10.182  0.50 33.22 ? 154 LYS A N   1 
ATOM   66   C  CA  A LYS A 1 12 ? -13.906 5.926   8.905   0.50 33.43 ? 154 LYS A CA  1 
ATOM   67   C  CA  B LYS A 1 12 ? -13.956 6.180   9.068   0.50 33.11 ? 154 LYS A CA  1 
ATOM   68   C  C   A LYS A 1 12 ? -12.992 6.197   7.726   0.50 34.05 ? 154 LYS A C   1 
ATOM   69   C  C   B LYS A 1 12 ? -13.149 6.383   7.783   0.50 33.80 ? 154 LYS A C   1 
ATOM   70   O  O   A LYS A 1 12 ? -13.147 5.581   6.665   0.50 34.13 ? 154 LYS A O   1 
ATOM   71   O  O   B LYS A 1 12 ? -13.534 5.892   6.718   0.50 34.01 ? 154 LYS A O   1 
ATOM   72   C  CB  A LYS A 1 12 ? -15.009 6.982   8.978   0.50 33.56 ? 154 LYS A CB  1 
ATOM   73   C  CB  B LYS A 1 12 ? -14.783 7.440   9.398   0.50 32.38 ? 154 LYS A CB  1 
ATOM   74   C  CG  A LYS A 1 12 ? -15.988 6.845   7.787   0.50 33.71 ? 154 LYS A CG  1 
ATOM   75   C  CG  B LYS A 1 12 ? -15.748 7.286   10.594  0.50 31.84 ? 154 LYS A CG  1 
ATOM   76   C  CD  A LYS A 1 12 ? -17.194 7.776   7.871   0.50 31.63 ? 154 LYS A CD  1 
ATOM   77   C  CD  B LYS A 1 12 ? -16.402 8.635   10.973  0.50 32.01 ? 154 LYS A CD  1 
ATOM   78   C  CE  A LYS A 1 12 ? -18.023 7.637   6.613   0.50 29.04 ? 154 LYS A CE  1 
ATOM   79   C  CE  B LYS A 1 12 ? -17.189 8.571   12.288  0.50 29.88 ? 154 LYS A CE  1 
ATOM   80   N  NZ  A LYS A 1 12 ? -19.319 8.316   6.703   0.50 30.08 ? 154 LYS A NZ  1 
ATOM   81   N  NZ  B LYS A 1 12 ? -18.410 7.741   12.195  0.50 28.01 ? 154 LYS A NZ  1 
ATOM   82   N  N   . ALA A 1 13 ? -12.032 7.103   7.906   1.00 34.28 ? 155 ALA A N   1 
ATOM   83   C  CA  . ALA A 1 13 ? -11.098 7.370   6.807   1.00 34.98 ? 155 ALA A CA  1 
ATOM   84   C  C   . ALA A 1 13 ? -10.441 6.082   6.329   1.00 35.65 ? 155 ALA A C   1 
ATOM   85   O  O   . ALA A 1 13 ? -10.287 5.875   5.125   1.00 37.26 ? 155 ALA A O   1 
ATOM   86   C  CB  . ALA A 1 13 ? -10.036 8.372   7.220   1.00 34.73 ? 155 ALA A CB  1 
ATOM   87   N  N   . THR A 1 14 ? -10.049 5.224   7.270   1.00 36.44 ? 156 THR A N   1 
ATOM   88   C  CA  . THR A 1 14 ? -9.355  3.965   6.985   1.00 35.65 ? 156 THR A CA  1 
ATOM   89   C  C   . THR A 1 14 ? -10.284 3.030   6.202   1.00 36.26 ? 156 THR A C   1 
ATOM   90   O  O   . THR A 1 14 ? -9.860  2.403   5.230   1.00 36.38 ? 156 THR A O   1 
ATOM   91   C  CB  . THR A 1 14 ? -8.907  3.283   8.295   1.00 35.73 ? 156 THR A CB  1 
ATOM   92   O  OG1 . THR A 1 14 ? -8.047  4.163   9.024   1.00 35.62 ? 156 THR A OG1 1 
ATOM   93   C  CG2 . THR A 1 14 ? -8.193  1.924   8.032   1.00 34.67 ? 156 THR A CG2 1 
ATOM   94   N  N   . THR A 1 15 ? -11.545 2.924   6.621   1.00 36.67 ? 157 THR A N   1 
ATOM   95   C  CA  . THR A 1 15 ? -12.509 2.112   5.883   1.00 37.86 ? 157 THR A CA  1 
ATOM   96   C  C   . THR A 1 15 ? -12.672 2.606   4.432   1.00 38.89 ? 157 THR A C   1 
ATOM   97   O  O   . THR A 1 15 ? -12.592 1.820   3.492   1.00 38.78 ? 157 THR A O   1 
ATOM   98   C  CB  . THR A 1 15 ? -13.884 2.059   6.575   1.00 38.02 ? 157 THR A CB  1 
ATOM   99   O  OG1 . THR A 1 15 ? -13.743 1.475   7.873   1.00 38.73 ? 157 THR A OG1 1 
ATOM   100  C  CG2 . THR A 1 15 ? -14.827 1.197   5.777   1.00 36.81 ? 157 THR A CG2 1 
ATOM   101  N  N   . LEU A 1 16 ? -12.899 3.905   4.255   1.00 39.70 ? 158 LEU A N   1 
ATOM   102  C  CA  . LEU A 1 16 ? -13.057 4.464   2.917   1.00 40.99 ? 158 LEU A CA  1 
ATOM   103  C  C   . LEU A 1 16 ? -11.801 4.282   2.067   1.00 41.61 ? 158 LEU A C   1 
ATOM   104  O  O   . LEU A 1 16 ? -11.915 4.045   0.868   1.00 42.77 ? 158 LEU A O   1 
ATOM   105  C  CB  . LEU A 1 16 ? -13.436 5.934   2.964   1.00 41.21 ? 158 LEU A CB  1 
ATOM   106  C  CG  . LEU A 1 16 ? -14.767 6.294   3.601   1.00 42.38 ? 158 LEU A CG  1 
ATOM   107  C  CD1 . LEU A 1 16 ? -14.638 7.727   4.002   1.00 43.15 ? 158 LEU A CD1 1 
ATOM   108  C  CD2 . LEU A 1 16 ? -15.956 6.075   2.679   1.00 43.15 ? 158 LEU A CD2 1 
ATOM   109  N  N   . TYR A 1 17 ? -10.624 4.362   2.690   1.00 41.00 ? 159 TYR A N   1 
ATOM   110  C  CA  . TYR A 1 17 ? -9.359  4.123   2.006   1.00 41.01 ? 159 TYR A CA  1 
ATOM   111  C  C   . TYR A 1 17 ? -9.173  2.680   1.493   1.00 41.81 ? 159 TYR A C   1 
ATOM   112  O  O   . TYR A 1 17 ? -9.109  2.476   0.262   1.00 41.36 ? 159 TYR A O   1 
ATOM   113  C  CB  . TYR A 1 17 ? -8.179  4.481   2.920   1.00 38.92 ? 159 TYR A CB  1 
ATOM   114  C  CG  . TYR A 1 17 ? -6.813  4.367   2.255   1.00 37.34 ? 159 TYR A CG  1 
ATOM   115  C  CD1 . TYR A 1 17 ? -6.302  5.423   1.506   1.00 35.42 ? 159 TYR A CD1 1 
ATOM   116  C  CD2 . TYR A 1 17 ? -6.021  3.219   2.408   1.00 36.17 ? 159 TYR A CD2 1 
ATOM   117  C  CE1 . TYR A 1 17 ? -5.040  5.343   0.928   1.00 36.95 ? 159 TYR A CE1 1 
ATOM   118  C  CE2 . TYR A 1 17 ? -4.754  3.119   1.821   1.00 34.91 ? 159 TYR A CE2 1 
ATOM   119  C  CZ  . TYR A 1 17 ? -4.276  4.178   1.071   1.00 37.15 ? 159 TYR A CZ  1 
ATOM   120  O  OH  . TYR A 1 17 ? -3.046  4.116   0.470   1.00 37.14 ? 159 TYR A OH  1 
ATOM   121  N  N   . TYR A 1 18 ? -9.015  1.713   2.429   1.00 42.44 ? 160 TYR A N   1 
ATOM   122  C  CA  . TYR A 1 18 ? -8.644  0.280   2.101   1.00 42.44 ? 160 TYR A CA  1 
ATOM   123  C  C   . TYR A 1 18 ? -9.662  -0.467  1.286   1.00 42.89 ? 160 TYR A C   1 
ATOM   124  O  O   . TYR A 1 18 ? -9.312  -1.391  0.499   1.00 43.06 ? 160 TYR A O   1 
ATOM   125  C  CB  . TYR A 1 18 ? -8.264  -0.585  3.333   1.00 42.17 ? 160 TYR A CB  1 
ATOM   126  C  CG  . TYR A 1 18 ? -6.890  -0.231  3.853   1.00 43.23 ? 160 TYR A CG  1 
ATOM   127  C  CD1 . TYR A 1 18 ? -5.741  -0.519  3.107   1.00 43.88 ? 160 TYR A CD1 1 
ATOM   128  C  CD2 . TYR A 1 18 ? -6.741  0.474   5.046   1.00 45.04 ? 160 TYR A CD2 1 
ATOM   129  C  CE1 . TYR A 1 18 ? -4.448  -0.146  3.567   1.00 45.13 ? 160 TYR A CE1 1 
ATOM   130  C  CE2 . TYR A 1 18 ? -5.479  0.865   5.514   1.00 45.34 ? 160 TYR A CE2 1 
ATOM   131  C  CZ  . TYR A 1 18 ? -4.341  0.544   4.772   1.00 45.21 ? 160 TYR A CZ  1 
ATOM   132  O  OH  . TYR A 1 18 ? -3.131  0.939   5.229   1.00 44.05 ? 160 TYR A OH  1 
ATOM   133  N  N   . LEU A 1 19 ? -10.921 -0.108  1.483   1.00 42.58 ? 161 LEU A N   1 
ATOM   134  C  CA  . LEU A 1 19 ? -11.987 -0.836  0.790   1.00 43.00 ? 161 LEU A CA  1 
ATOM   135  C  C   . LEU A 1 19 ? -12.258 -0.215  -0.581  1.00 43.00 ? 161 LEU A C   1 
ATOM   136  O  O   . LEU A 1 19 ? -12.939 -0.830  -1.433  1.00 43.75 ? 161 LEU A O   1 
ATOM   137  C  CB  . LEU A 1 19 ? -13.262 -0.990  1.655   1.00 42.72 ? 161 LEU A CB  1 
ATOM   138  C  CG  . LEU A 1 19 ? -13.493 -2.337  2.387   1.00 43.27 ? 161 LEU A CG  1 
ATOM   139  C  CD1 . LEU A 1 19 ? -12.638 -2.473  3.641   1.00 42.96 ? 161 LEU A CD1 1 
ATOM   140  C  CD2 . LEU A 1 19 ? -14.952 -2.494  2.760   1.00 42.07 ? 161 LEU A CD2 1 
ATOM   141  N  N   . HIS A 1 20 ? -11.703 0.975   -0.808  1.00 42.11 ? 162 HIS A N   1 
ATOM   142  C  CA  . HIS A 1 20 ? -11.920 1.692   -2.099  1.00 41.56 ? 162 HIS A CA  1 
ATOM   143  C  C   . HIS A 1 20 ? -10.642 2.062   -2.860  1.00 40.12 ? 162 HIS A C   1 
ATOM   144  O  O   . HIS A 1 20 ? -10.370 3.221   -3.156  1.00 39.96 ? 162 HIS A O   1 
ATOM   145  C  CB  . HIS A 1 20 ? -12.864 2.883   -1.922  1.00 40.85 ? 162 HIS A CB  1 
ATOM   146  C  CG  . HIS A 1 20 ? -14.159 2.506   -1.275  1.00 42.75 ? 162 HIS A CG  1 
ATOM   147  N  ND1 . HIS A 1 20 ? -15.278 2.158   -2.000  1.00 45.09 ? 162 HIS A ND1 1 
ATOM   148  C  CD2 . HIS A 1 20 ? -14.502 2.387   0.030   1.00 42.26 ? 162 HIS A CD2 1 
ATOM   149  C  CE1 . HIS A 1 20 ? -16.264 1.857   -1.170  1.00 45.03 ? 162 HIS A CE1 1 
ATOM   150  N  NE2 . HIS A 1 20 ? -15.821 1.994   0.070   1.00 44.87 ? 162 HIS A NE2 1 
ATOM   151  N  N   . LYS A 1 21 ? -9.883  1.026   -3.183  1.00 39.05 ? 163 LYS A N   1 
ATOM   152  C  CA  . LYS A 1 21 ? -8.726  1.129   -4.045  1.00 37.64 ? 163 LYS A CA  1 
ATOM   153  C  C   . LYS A 1 21 ? -7.580  1.917   -3.432  1.00 36.33 ? 163 LYS A C   1 
ATOM   154  O  O   . LYS A 1 21 ? -6.704  2.361   -4.157  1.00 36.33 ? 163 LYS A O   1 
ATOM   155  C  CB  . LYS A 1 21 ? -9.129  1.690   -5.414  1.00 38.15 ? 163 LYS A CB  1 
ATOM   156  C  CG  . LYS A 1 21 ? -10.148 0.810   -6.115  1.00 39.15 ? 163 LYS A CG  1 
ATOM   157  C  CD  . LYS A 1 21 ? -10.412 1.244   -7.557  1.00 43.00 ? 163 LYS A CD  1 
ATOM   158  C  CE  . LYS A 1 21 ? -11.095 0.113   -8.312  1.00 44.13 ? 163 LYS A CE  1 
ATOM   159  N  NZ  . LYS A 1 21 ? -11.967 0.600   -9.423  1.00 45.61 ? 163 LYS A NZ  1 
ATOM   160  N  N   . GLN A 1 22 ? -7.581  2.061   -2.105  1.00 34.71 ? 164 GLN A N   1 
ATOM   161  C  CA  . GLN A 1 22 ? -6.475  2.701   -1.394  1.00 34.39 ? 164 GLN A CA  1 
ATOM   162  C  C   . GLN A 1 22 ? -6.213  4.080   -2.025  1.00 34.33 ? 164 GLN A C   1 
ATOM   163  O  O   . GLN A 1 22 ? -5.076  4.409   -2.418  1.00 31.55 ? 164 GLN A O   1 
ATOM   164  C  CB  . GLN A 1 22 ? -5.209  1.821   -1.433  1.00 34.50 ? 164 GLN A CB  1 
ATOM   165  C  CG  . GLN A 1 22 ? -5.399  0.409   -0.843  1.00 34.06 ? 164 GLN A CG  1 
ATOM   166  C  CD  . GLN A 1 22 ? -6.189  -0.511  -1.796  1.00 35.73 ? 164 GLN A CD  1 
ATOM   167  O  OE1 . GLN A 1 22 ? -5.856  -0.638  -2.992  1.00 32.41 ? 164 GLN A OE1 1 
ATOM   168  N  NE2 . GLN A 1 22 ? -7.257  -1.121  -1.274  1.00 31.19 ? 164 GLN A NE2 1 
ATOM   169  N  N   . ALA A 1 23 ? -7.295  4.844   -2.194  1.00 34.45 ? 165 ALA A N   1 
ATOM   170  C  CA  . ALA A 1 23 ? -7.194  6.205   -2.728  1.00 34.94 ? 165 ALA A CA  1 
ATOM   171  C  C   . ALA A 1 23 ? -7.363  7.211   -1.603  1.00 34.97 ? 165 ALA A C   1 
ATOM   172  O  O   . ALA A 1 23 ? -8.350  7.164   -0.849  1.00 34.56 ? 165 ALA A O   1 
ATOM   173  C  CB  . ALA A 1 23 ? -8.252  6.460   -3.819  1.00 34.94 ? 165 ALA A CB  1 
HETATM 174  N  N   . MSE A 1 24 ? -6.399  8.121   -1.524  1.00 34.98 ? 166 MSE A N   1 
HETATM 175  C  CA  . MSE A 1 24 ? -6.443  9.312   -0.664  1.00 35.94 ? 166 MSE A CA  1 
HETATM 176  C  C   . MSE A 1 24 ? -7.371  10.379  -1.309  1.00 35.26 ? 166 MSE A C   1 
HETATM 177  O  O   . MSE A 1 24 ? -6.914  11.354  -1.905  1.00 35.21 ? 166 MSE A O   1 
HETATM 178  C  CB  . MSE A 1 24 ? -5.006  9.831   -0.511  1.00 36.20 ? 166 MSE A CB  1 
HETATM 179  C  CG  . MSE A 1 24 ? -4.742  10.899  0.550   1.00 41.40 ? 166 MSE A CG  1 
HETATM 180  SE SE  . MSE A 1 24 ? -5.493  10.411  2.312   1.00 55.93 ? 166 MSE A SE  1 
HETATM 181  C  CE  . MSE A 1 24 ? -4.522  8.664   2.603   1.00 37.05 ? 166 MSE A CE  1 
ATOM   182  N  N   . THR A 1 25 ? -8.676  10.143  -1.262  1.00 35.42 ? 167 THR A N   1 
ATOM   183  C  CA  . THR A 1 25 ? -9.668  11.077  -1.846  1.00 34.86 ? 167 THR A CA  1 
ATOM   184  C  C   . THR A 1 25 ? -9.795  12.304  -0.955  1.00 34.63 ? 167 THR A C   1 
ATOM   185  O  O   . THR A 1 25 ? -9.300  12.300  0.174   1.00 34.16 ? 167 THR A O   1 
ATOM   186  C  CB  . THR A 1 25 ? -11.054 10.417  -1.932  1.00 34.97 ? 167 THR A CB  1 
ATOM   187  O  OG1 . THR A 1 25 ? -11.514 10.121  -0.605  1.00 34.18 ? 167 THR A OG1 1 
ATOM   188  C  CG2 . THR A 1 25 ? -10.988 9.125   -2.746  1.00 34.98 ? 167 THR A CG2 1 
ATOM   189  N  N   . ASP A 1 26 ? -10.440 13.356  -1.457  1.00 34.53 ? 168 ASP A N   1 
ATOM   190  C  CA  . ASP A 1 26 ? -10.783 14.506  -0.624  1.00 35.28 ? 168 ASP A CA  1 
ATOM   191  C  C   . ASP A 1 26 ? -11.552 14.083  0.649   1.00 35.78 ? 168 ASP A C   1 
ATOM   192  O  O   . ASP A 1 26 ? -11.310 14.623  1.733   1.00 35.79 ? 168 ASP A O   1 
ATOM   193  C  CB  . ASP A 1 26 ? -11.578 15.541  -1.431  1.00 35.46 ? 168 ASP A CB  1 
ATOM   194  C  CG  . ASP A 1 26 ? -10.738 16.171  -2.543  1.00 37.34 ? 168 ASP A CG  1 
ATOM   195  O  OD1 . ASP A 1 26 ? -9.495  16.023  -2.487  1.00 40.28 ? 168 ASP A OD1 1 
ATOM   196  O  OD2 . ASP A 1 26 ? -11.298 16.797  -3.468  1.00 37.97 ? 168 ASP A OD2 1 
ATOM   197  N  N   . GLU A 1 27 ? -12.441 13.093  0.520   1.00 35.62 ? 169 GLU A N   1 
ATOM   198  C  CA  . GLU A 1 27 ? -13.245 12.624  1.655   1.00 36.58 ? 169 GLU A CA  1 
ATOM   199  C  C   . GLU A 1 27 ? -12.370 12.009  2.749   1.00 35.75 ? 169 GLU A C   1 
ATOM   200  O  O   . GLU A 1 27 ? -12.495 12.342  3.938   1.00 35.56 ? 169 GLU A O   1 
ATOM   201  C  CB  . GLU A 1 27 ? -14.315 11.641  1.162   1.00 36.55 ? 169 GLU A CB  1 
ATOM   202  C  CG  . GLU A 1 27 ? -15.276 11.203  2.231   1.00 38.79 ? 169 GLU A CG  1 
ATOM   203  C  CD  . GLU A 1 27 ? -16.362 10.265  1.727   1.00 38.70 ? 169 GLU A CD  1 
ATOM   204  O  OE1 . GLU A 1 27 ? -16.177 9.631   0.653   1.00 43.76 ? 169 GLU A OE1 1 
ATOM   205  O  OE2 . GLU A 1 27 ? -17.393 10.158  2.417   1.00 38.75 ? 169 GLU A OE2 1 
ATOM   206  N  N   . VAL A 1 28 ? -11.461 11.122  2.342   1.00 35.99 ? 170 VAL A N   1 
ATOM   207  C  CA  . VAL A 1 28 ? -10.507 10.492  3.262   1.00 34.78 ? 170 VAL A CA  1 
ATOM   208  C  C   . VAL A 1 28 ? -9.603  11.556  3.877   1.00 36.00 ? 170 VAL A C   1 
ATOM   209  O  O   . VAL A 1 28 ? -9.382  11.545  5.080   1.00 35.83 ? 170 VAL A O   1 
ATOM   210  C  CB  . VAL A 1 28 ? -9.644  9.401   2.543   1.00 35.09 ? 170 VAL A CB  1 
ATOM   211  C  CG1 . VAL A 1 28 ? -8.467  8.893   3.439   1.00 33.28 ? 170 VAL A CG1 1 
ATOM   212  C  CG2 . VAL A 1 28 ? -10.514 8.223   2.104   1.00 32.36 ? 170 VAL A CG2 1 
ATOM   213  N  N   . SER A 1 29 ? -9.081  12.471  3.048   1.00 36.08 ? 171 SER A N   1 
ATOM   214  C  CA  . SER A 1 29 ? -8.149  13.479  3.520   1.00 37.27 ? 171 SER A CA  1 
ATOM   215  C  C   . SER A 1 29 ? -8.815  14.369  4.558   1.00 37.55 ? 171 SER A C   1 
ATOM   216  O  O   . SER A 1 29 ? -8.213  14.639  5.605   1.00 37.90 ? 171 SER A O   1 
ATOM   217  C  CB  . SER A 1 29 ? -7.600  14.340  2.370   1.00 37.82 ? 171 SER A CB  1 
ATOM   218  O  OG  . SER A 1 29 ? -7.050  13.507  1.342   1.00 42.35 ? 171 SER A OG  1 
ATOM   219  N  N   . LEU A 1 30 ? -10.044 14.824  4.283   1.00 36.40 ? 172 LEU A N   1 
ATOM   220  C  CA  . LEU A 1 30 ? -10.750 15.653  5.260   1.00 36.59 ? 172 LEU A CA  1 
ATOM   221  C  C   . LEU A 1 30 ? -10.999 14.948  6.601   1.00 36.91 ? 172 LEU A C   1 
ATOM   222  O  O   . LEU A 1 30 ? -10.802 15.551  7.643   1.00 37.35 ? 172 LEU A O   1 
ATOM   223  C  CB  . LEU A 1 30 ? -12.067 16.220  4.676   1.00 36.25 ? 172 LEU A CB  1 
ATOM   224  C  CG  . LEU A 1 30 ? -12.869 17.246  5.500   1.00 37.27 ? 172 LEU A CG  1 
ATOM   225  C  CD1 . LEU A 1 30 ? -12.052 18.529  5.880   1.00 36.18 ? 172 LEU A CD1 1 
ATOM   226  C  CD2 . LEU A 1 30 ? -14.168 17.651  4.749   1.00 35.78 ? 172 LEU A CD2 1 
ATOM   227  N  N   . LEU A 1 31 ? -11.455 13.693  6.579   1.00 37.30 ? 173 LEU A N   1 
ATOM   228  C  CA  . LEU A 1 31 ? -11.640 12.905  7.816   1.00 38.12 ? 173 LEU A CA  1 
ATOM   229  C  C   . LEU A 1 31 ? -10.351 12.793  8.618   1.00 38.57 ? 173 LEU A C   1 
ATOM   230  O  O   . LEU A 1 31 ? -10.364 12.981  9.833   1.00 39.37 ? 173 LEU A O   1 
ATOM   231  C  CB  . LEU A 1 31 ? -12.207 11.497  7.539   1.00 37.58 ? 173 LEU A CB  1 
ATOM   232  C  CG  . LEU A 1 31 ? -13.708 11.444  7.214   1.00 38.26 ? 173 LEU A CG  1 
ATOM   233  C  CD1 . LEU A 1 31 ? -14.045 10.150  6.485   1.00 36.51 ? 173 LEU A CD1 1 
ATOM   234  C  CD2 . LEU A 1 31 ? -14.584 11.584  8.459   1.00 34.54 ? 173 LEU A CD2 1 
ATOM   235  N  N   . LEU A 1 32 ? -9.239  12.543  7.924   1.00 39.11 ? 174 LEU A N   1 
ATOM   236  C  CA  . LEU A 1 32 ? -7.908  12.545  8.541   1.00 38.77 ? 174 LEU A CA  1 
ATOM   237  C  C   . LEU A 1 32 ? -7.524  13.909  9.090   1.00 39.55 ? 174 LEU A C   1 
ATOM   238  O  O   . LEU A 1 32 ? -7.039  13.997  10.223  1.00 39.93 ? 174 LEU A O   1 
ATOM   239  C  CB  . LEU A 1 32 ? -6.847  12.071  7.550   1.00 38.53 ? 174 LEU A CB  1 
ATOM   240  C  CG  . LEU A 1 32 ? -6.938  10.607  7.138   1.00 37.92 ? 174 LEU A CG  1 
ATOM   241  C  CD1 . LEU A 1 32 ? -5.924  10.365  6.027   1.00 36.99 ? 174 LEU A CD1 1 
ATOM   242  C  CD2 . LEU A 1 32 ? -6.672  9.666   8.316   1.00 36.22 ? 174 LEU A CD2 1 
ATOM   243  N  N   . GLU A 1 33 ? -7.736  14.970  8.307   1.00 39.52 ? 175 GLU A N   1 
ATOM   244  C  CA  . GLU A 1 33 ? -7.447  16.323  8.777   1.00 40.53 ? 175 GLU A CA  1 
ATOM   245  C  C   . GLU A 1 33 ? -8.164  16.616  10.075  1.00 39.98 ? 175 GLU A C   1 
ATOM   246  O  O   . GLU A 1 33 ? -7.622  17.286  10.960  1.00 40.35 ? 175 GLU A O   1 
ATOM   247  C  CB  . GLU A 1 33 ? -7.860  17.378  7.740   1.00 40.22 ? 175 GLU A CB  1 
ATOM   248  C  CG  . GLU A 1 33 ? -6.842  17.554  6.637   1.00 41.73 ? 175 GLU A CG  1 
ATOM   249  C  CD  . GLU A 1 33 ? -7.302  18.538  5.566   1.00 44.25 ? 175 GLU A CD  1 
ATOM   250  O  OE1 . GLU A 1 33 ? -8.245  19.359  5.805   1.00 45.40 ? 175 GLU A OE1 1 
ATOM   251  O  OE2 . GLU A 1 33 ? -6.693  18.484  4.468   1.00 51.10 ? 175 GLU A OE2 1 
ATOM   252  N  N   . GLN A 1 34 ? -9.413  16.151  10.164  1.00 39.24 ? 176 GLN A N   1 
ATOM   253  C  CA  . GLN A 1 34 ? -10.236 16.397  11.333  1.00 38.41 ? 176 GLN A CA  1 
ATOM   254  C  C   . GLN A 1 34 ? -9.816  15.591  12.535  1.00 38.52 ? 176 GLN A C   1 
ATOM   255  O  O   . GLN A 1 34 ? -9.841  16.104  13.639  1.00 38.24 ? 176 GLN A O   1 
ATOM   256  C  CB  . GLN A 1 34 ? -11.711 16.175  11.005  1.00 38.57 ? 176 GLN A CB  1 
ATOM   257  C  CG  . GLN A 1 34 ? -12.197 17.243  10.045  1.00 37.69 ? 176 GLN A CG  1 
ATOM   258  C  CD  . GLN A 1 34 ? -12.115 18.597  10.692  1.00 40.29 ? 176 GLN A CD  1 
ATOM   259  O  OE1 . GLN A 1 34 ? -11.303 19.460  10.305  1.00 42.24 ? 176 GLN A OE1 1 
ATOM   260  N  NE2 . GLN A 1 34 ? -12.939 18.790  11.713  1.00 37.33 ? 176 GLN A NE2 1 
ATOM   261  N  N   . ALA A 1 35 ? -9.441  14.328  12.320  1.00 38.14 ? 177 ALA A N   1 
ATOM   262  C  CA  . ALA A 1 35 ? -8.807  13.537  13.364  1.00 38.98 ? 177 ALA A CA  1 
ATOM   263  C  C   . ALA A 1 35 ? -7.584  14.257  13.936  1.00 39.40 ? 177 ALA A C   1 
ATOM   264  O  O   . ALA A 1 35 ? -7.420  14.328  15.148  1.00 40.60 ? 177 ALA A O   1 
ATOM   265  C  CB  . ALA A 1 35 ? -8.403  12.155  12.825  1.00 38.50 ? 177 ALA A CB  1 
ATOM   266  N  N   . LEU A 1 36 ? -6.728  14.776  13.061  1.00 39.51 ? 178 LEU A N   1 
ATOM   267  C  CA  . LEU A 1 36 ? -5.499  15.483  13.460  1.00 39.82 ? 178 LEU A CA  1 
ATOM   268  C  C   . LEU A 1 36 ? -5.716  16.907  14.010  1.00 40.61 ? 178 LEU A C   1 
ATOM   269  O  O   . LEU A 1 36 ? -4.852  17.443  14.688  1.00 41.80 ? 178 LEU A O   1 
ATOM   270  C  CB  . LEU A 1 36 ? -4.522  15.516  12.281  1.00 39.97 ? 178 LEU A CB  1 
ATOM   271  C  CG  . LEU A 1 36 ? -4.012  14.154  11.776  1.00 39.01 ? 178 LEU A CG  1 
ATOM   272  C  CD1 . LEU A 1 36 ? -3.212  14.347  10.489  1.00 39.33 ? 178 LEU A CD1 1 
ATOM   273  C  CD2 . LEU A 1 36 ? -3.150  13.476  12.828  1.00 38.03 ? 178 LEU A CD2 1 
ATOM   274  N  N   . GLN A 1 37 ? -6.870  17.509  13.716  1.00 40.19 ? 179 GLN A N   1 
ATOM   275  C  CA  . GLN A 1 37 ? -7.300  18.752  14.346  1.00 40.59 ? 179 GLN A CA  1 
ATOM   276  C  C   . GLN A 1 37 ? -7.632  18.497  15.827  1.00 40.63 ? 179 GLN A C   1 
ATOM   277  O  O   . GLN A 1 37 ? -7.243  19.274  16.711  1.00 39.96 ? 179 GLN A O   1 
ATOM   278  C  CB  . GLN A 1 37 ? -8.530  19.329  13.597  1.00 40.21 ? 179 GLN A CB  1 
ATOM   279  C  CG  . GLN A 1 37 ? -9.121  20.630  14.145  1.00 41.62 ? 179 GLN A CG  1 
ATOM   280  C  CD  . GLN A 1 37 ? -8.163  21.802  14.076  1.00 42.53 ? 179 GLN A CD  1 
ATOM   281  O  OE1 . GLN A 1 37 ? -7.400  21.941  13.123  1.00 42.31 ? 179 GLN A OE1 1 
ATOM   282  N  NE2 . GLN A 1 37 ? -8.208  22.664  15.088  1.00 44.35 ? 179 GLN A NE2 1 
ATOM   283  N  N   . LEU A 1 38 ? -8.340  17.398  16.087  1.00 40.72 ? 180 LEU A N   1 
ATOM   284  C  CA  . LEU A 1 38 ? -8.637  16.963  17.461  1.00 40.66 ? 180 LEU A CA  1 
ATOM   285  C  C   . LEU A 1 38 ? -7.419  16.407  18.209  1.00 40.81 ? 180 LEU A C   1 
ATOM   286  O  O   . LEU A 1 38 ? -7.187  16.776  19.365  1.00 41.06 ? 180 LEU A O   1 
ATOM   287  C  CB  . LEU A 1 38 ? -9.768  15.933  17.468  1.00 40.43 ? 180 LEU A CB  1 
ATOM   288  C  CG  . LEU A 1 38 ? -11.164 16.436  17.076  1.00 40.83 ? 180 LEU A CG  1 
ATOM   289  C  CD1 . LEU A 1 38 ? -12.058 15.226  17.020  1.00 42.34 ? 180 LEU A CD1 1 
ATOM   290  C  CD2 . LEU A 1 38 ? -11.708 17.487  18.079  1.00 40.07 ? 180 LEU A CD2 1 
ATOM   291  N  N   . GLU A 1 39 ? -6.655  15.526  17.562  1.00 39.99 ? 181 GLU A N   1 
ATOM   292  C  CA  . GLU A 1 39 ? -5.480  14.901  18.177  1.00 40.07 ? 181 GLU A CA  1 
ATOM   293  C  C   . GLU A 1 39 ? -4.322  14.922  17.188  1.00 39.83 ? 181 GLU A C   1 
ATOM   294  O  O   . GLU A 1 39 ? -4.241  14.039  16.340  1.00 39.83 ? 181 GLU A O   1 
ATOM   295  C  CB  . GLU A 1 39 ? -5.762  13.442  18.551  1.00 39.86 ? 181 GLU A CB  1 
ATOM   296  C  CG  . GLU A 1 39 ? -6.745  13.208  19.687  1.00 40.23 ? 181 GLU A CG  1 
ATOM   297  C  CD  . GLU A 1 39 ? -6.970  11.726  19.945  1.00 40.24 ? 181 GLU A CD  1 
ATOM   298  O  OE1 . GLU A 1 39 ? -6.038  10.927  19.690  1.00 42.44 ? 181 GLU A OE1 1 
ATOM   299  O  OE2 . GLU A 1 39 ? -8.062  11.354  20.422  1.00 40.54 ? 181 GLU A OE2 1 
ATOM   300  N  N   . PRO A 1 40 ? -3.436  15.936  17.277  1.00 39.63 ? 182 PRO A N   1 
ATOM   301  C  CA  . PRO A 1 40 ? -2.333  16.119  16.321  1.00 39.34 ? 182 PRO A CA  1 
ATOM   302  C  C   . PRO A 1 40 ? -1.409  14.916  16.178  1.00 39.06 ? 182 PRO A C   1 
ATOM   303  O  O   . PRO A 1 40 ? -0.729  14.797  15.149  1.00 39.20 ? 182 PRO A O   1 
ATOM   304  C  CB  . PRO A 1 40 ? -1.557  17.309  16.906  1.00 39.73 ? 182 PRO A CB  1 
ATOM   305  C  CG  . PRO A 1 40 ? -2.586  18.070  17.691  1.00 39.22 ? 182 PRO A CG  1 
ATOM   306  C  CD  . PRO A 1 40 ? -3.447  17.003  18.303  1.00 39.74 ? 182 PRO A CD  1 
ATOM   307  N  N   . TYR A 1 41 ? -1.386  14.036  17.176  1.00 38.33 ? 183 TYR A N   1 
ATOM   308  C  CA  . TYR A 1 41 ? -0.541  12.830  17.118  1.00 38.87 ? 183 TYR A CA  1 
ATOM   309  C  C   . TYR A 1 41 ? -1.373  11.543  17.097  1.00 38.09 ? 183 TYR A C   1 
ATOM   310  O  O   . TYR A 1 41 ? -0.921  10.474  17.500  1.00 37.29 ? 183 TYR A O   1 
ATOM   311  C  CB  . TYR A 1 41 ? 0.529   12.841  18.243  1.00 39.90 ? 183 TYR A CB  1 
ATOM   312  C  CG  . TYR A 1 41 ? 1.554   13.940  18.029  1.00 40.74 ? 183 TYR A CG  1 
ATOM   313  C  CD1 . TYR A 1 41 ? 2.677   13.719  17.222  1.00 42.13 ? 183 TYR A CD1 1 
ATOM   314  C  CD2 . TYR A 1 41 ? 1.368   15.212  18.575  1.00 41.39 ? 183 TYR A CD2 1 
ATOM   315  C  CE1 . TYR A 1 41 ? 3.603   14.731  16.978  1.00 41.59 ? 183 TYR A CE1 1 
ATOM   316  C  CE2 . TYR A 1 41 ? 2.290   16.236  18.348  1.00 42.88 ? 183 TYR A CE2 1 
ATOM   317  C  CZ  . TYR A 1 41 ? 3.405   15.984  17.548  1.00 43.58 ? 183 TYR A CZ  1 
ATOM   318  O  OH  . TYR A 1 41 ? 4.325   16.984  17.313  1.00 43.57 ? 183 TYR A OH  1 
ATOM   319  N  N   . ASN A 1 42 ? -2.603  11.654  16.603  1.00 37.59 ? 184 ASN A N   1 
ATOM   320  C  CA  . ASN A 1 42 ? -3.473  10.493  16.528  1.00 37.24 ? 184 ASN A CA  1 
ATOM   321  C  C   . ASN A 1 42 ? -2.814  9.354   15.748  1.00 37.16 ? 184 ASN A C   1 
ATOM   322  O  O   . ASN A 1 42 ? -2.379  9.539   14.615  1.00 36.02 ? 184 ASN A O   1 
ATOM   323  C  CB  . ASN A 1 42 ? -4.812  10.842  15.910  1.00 36.53 ? 184 ASN A CB  1 
ATOM   324  C  CG  . ASN A 1 42 ? -5.779  9.710   16.003  1.00 35.92 ? 184 ASN A CG  1 
ATOM   325  O  OD1 . ASN A 1 42 ? -5.861  8.880   15.095  1.00 35.01 ? 184 ASN A OD1 1 
ATOM   326  N  ND2 . ASN A 1 42 ? -6.507  9.639   17.117  1.00 32.02 ? 184 ASN A ND2 1 
ATOM   327  N  N   . GLU A 1 43 ? -2.744  8.188   16.385  1.00 37.22 ? 185 GLU A N   1 
ATOM   328  C  CA  . GLU A 1 43 ? -2.037  7.048   15.859  1.00 37.15 ? 185 GLU A CA  1 
ATOM   329  C  C   . GLU A 1 43 ? -2.720  6.495   14.636  1.00 35.63 ? 185 GLU A C   1 
ATOM   330  O  O   . GLU A 1 43 ? -2.077  6.277   13.640  1.00 34.78 ? 185 GLU A O   1 
ATOM   331  C  CB  . GLU A 1 43 ? -1.920  5.948   16.919  1.00 37.14 ? 185 GLU A CB  1 
ATOM   332  C  CG  . GLU A 1 43 ? -0.963  4.788   16.487  1.00 39.88 ? 185 GLU A CG  1 
ATOM   333  C  CD  . GLU A 1 43 ? -0.502  3.919   17.688  1.00 41.22 ? 185 GLU A CD  1 
ATOM   334  O  OE1 . GLU A 1 43 ? -0.997  4.145   18.833  1.00 43.08 ? 185 GLU A OE1 1 
ATOM   335  O  OE2 . GLU A 1 43 ? 0.354   3.018   17.470  1.00 45.06 ? 185 GLU A OE2 1 
ATOM   336  N  N   . ALA A 1 44 ? -4.027  6.264   14.714  1.00 35.04 ? 186 ALA A N   1 
ATOM   337  C  CA  . ALA A 1 44 ? -4.785  5.759   13.565  1.00 34.92 ? 186 ALA A CA  1 
ATOM   338  C  C   . ALA A 1 44 ? -4.624  6.646   12.307  1.00 35.15 ? 186 ALA A C   1 
ATOM   339  O  O   . ALA A 1 44 ? -4.443  6.135   11.208  1.00 34.99 ? 186 ALA A O   1 
ATOM   340  C  CB  . ALA A 1 44 ? -6.238  5.575   13.921  1.00 33.89 ? 186 ALA A CB  1 
ATOM   341  N  N   . ALA A 1 45 ? -4.679  7.966   12.491  1.00 34.63 ? 187 ALA A N   1 
ATOM   342  C  CA  . ALA A 1 45 ? -4.634  8.927   11.396  1.00 34.10 ? 187 ALA A CA  1 
ATOM   343  C  C   . ALA A 1 45 ? -3.238  9.019   10.761  1.00 34.49 ? 187 ALA A C   1 
ATOM   344  O  O   . ALA A 1 45 ? -3.095  8.892   9.547   1.00 34.01 ? 187 ALA A O   1 
ATOM   345  C  CB  . ALA A 1 45 ? -5.101  10.295  11.878  1.00 33.83 ? 187 ALA A CB  1 
ATOM   346  N  N   . LEU A 1 46 ? -2.211  9.238   11.584  1.00 34.53 ? 188 LEU A N   1 
ATOM   347  C  CA  . LEU A 1 46 ? -0.857  9.360   11.088  1.00 35.00 ? 188 LEU A CA  1 
ATOM   348  C  C   . LEU A 1 46 ? -0.393  8.048   10.488  1.00 35.38 ? 188 LEU A C   1 
ATOM   349  O  O   . LEU A 1 46 ? 0.376   8.016   9.521   1.00 35.54 ? 188 LEU A O   1 
ATOM   350  C  CB  . LEU A 1 46 ? 0.093   9.793   12.213  1.00 35.15 ? 188 LEU A CB  1 
ATOM   351  C  CG  . LEU A 1 46 ? -0.044  11.247  12.672  1.00 35.16 ? 188 LEU A CG  1 
ATOM   352  C  CD1 . LEU A 1 46 ? 0.982   11.567  13.779  1.00 36.20 ? 188 LEU A CD1 1 
ATOM   353  C  CD2 . LEU A 1 46 ? 0.129   12.200  11.506  1.00 34.21 ? 188 LEU A CD2 1 
ATOM   354  N  N   . SER A 1 47 ? -0.874  6.960   11.063  1.00 35.07 ? 189 SER A N   1 
ATOM   355  C  CA  . SER A 1 47 ? -0.536  5.660   10.565  1.00 36.47 ? 189 SER A CA  1 
ATOM   356  C  C   . SER A 1 47 ? -1.121  5.409   9.160   1.00 35.81 ? 189 SER A C   1 
ATOM   357  O  O   . SER A 1 47 ? -0.421  4.900   8.276   1.00 36.66 ? 189 SER A O   1 
ATOM   358  C  CB  . SER A 1 47 ? -0.932  4.592   11.596  1.00 36.64 ? 189 SER A CB  1 
ATOM   359  O  OG  . SER A 1 47 ? -0.975  3.358   10.972  1.00 40.20 ? 189 SER A OG  1 
ATOM   360  N  N   . LEU A 1 48 ? -2.368  5.804   8.925   1.00 33.93 ? 190 LEU A N   1 
ATOM   361  C  CA  . LEU A 1 48 ? -2.926  5.716   7.564   1.00 33.17 ? 190 LEU A CA  1 
ATOM   362  C  C   . LEU A 1 48 ? -2.121  6.549   6.558   1.00 33.20 ? 190 LEU A C   1 
ATOM   363  O  O   . LEU A 1 48 ? -1.833  6.102   5.446   1.00 33.30 ? 190 LEU A O   1 
ATOM   364  C  CB  . LEU A 1 48 ? -4.418  6.131   7.518   1.00 32.13 ? 190 LEU A CB  1 
ATOM   365  C  CG  . LEU A 1 48 ? -5.146  5.923   6.176   1.00 32.88 ? 190 LEU A CG  1 
ATOM   366  C  CD1 . LEU A 1 48 ? -5.151  4.453   5.784   1.00 35.18 ? 190 LEU A CD1 1 
ATOM   367  C  CD2 . LEU A 1 48 ? -6.611  6.445   6.154   1.00 31.27 ? 190 LEU A CD2 1 
ATOM   368  N  N   . ILE A 1 49 ? -1.796  7.776   6.944   1.00 33.18 ? 191 ILE A N   1 
ATOM   369  C  CA  . ILE A 1 49 ? -1.042  8.684   6.087   1.00 32.98 ? 191 ILE A CA  1 
ATOM   370  C  C   . ILE A 1 49 ? 0.332   8.092   5.713   1.00 33.69 ? 191 ILE A C   1 
ATOM   371  O  O   . ILE A 1 49 ? 0.719   8.087   4.516   1.00 34.39 ? 191 ILE A O   1 
ATOM   372  C  CB  . ILE A 1 49 ? -0.906  10.079  6.767   1.00 32.67 ? 191 ILE A CB  1 
ATOM   373  C  CG1 . ILE A 1 49 ? -2.278  10.805  6.806   1.00 31.48 ? 191 ILE A CG1 1 
ATOM   374  C  CG2 . ILE A 1 49 ? 0.185   10.953  6.066   1.00 33.33 ? 191 ILE A CG2 1 
ATOM   375  C  CD1 . ILE A 1 49 ? -2.366  11.972  7.835   1.00 31.95 ? 191 ILE A CD1 1 
ATOM   376  N  N   . ALA A 1 50 ? 1.057   7.602   6.721   1.00 33.93 ? 192 ALA A N   1 
ATOM   377  C  CA  . ALA A 1 50 ? 2.372   6.927   6.507   1.00 35.00 ? 192 ALA A CA  1 
ATOM   378  C  C   . ALA A 1 50 ? 2.239   5.710   5.614   1.00 35.39 ? 192 ALA A C   1 
ATOM   379  O  O   . ALA A 1 50 ? 3.065   5.499   4.747   1.00 36.32 ? 192 ALA A O   1 
ATOM   380  C  CB  . ALA A 1 50 ? 3.000   6.491   7.845   1.00 33.27 ? 192 ALA A CB  1 
ATOM   381  N  N   . ASN A 1 51 ? 1.228   4.878   5.874   1.00 36.21 ? 193 ASN A N   1 
ATOM   382  C  CA  . ASN A 1 51 ? 1.021   3.662   5.118   1.00 36.75 ? 193 ASN A CA  1 
ATOM   383  C  C   . ASN A 1 51 ? 0.715   4.017   3.693   1.00 36.35 ? 193 ASN A C   1 
ATOM   384  O  O   . ASN A 1 51 ? 1.218   3.376   2.801   1.00 37.24 ? 193 ASN A O   1 
ATOM   385  C  CB  . ASN A 1 51 ? -0.150  2.829   5.699   1.00 37.81 ? 193 ASN A CB  1 
ATOM   386  C  CG  . ASN A 1 51 ? 0.224   2.128   6.993   1.00 40.53 ? 193 ASN A CG  1 
ATOM   387  O  OD1 . ASN A 1 51 ? 1.392   2.094   7.358   1.00 43.78 ? 193 ASN A OD1 1 
ATOM   388  N  ND2 . ASN A 1 51 ? -0.770  1.545   7.687   1.00 41.46 ? 193 ASN A ND2 1 
ATOM   389  N  N   . ASP A 1 52 ? -0.121  5.034   3.479   1.00 35.43 ? 194 ASP A N   1 
ATOM   390  C  CA  . ASP A 1 52 ? -0.426  5.479   2.125   1.00 34.89 ? 194 ASP A CA  1 
ATOM   391  C  C   . ASP A 1 52 ? 0.828   5.941   1.347   1.00 34.97 ? 194 ASP A C   1 
ATOM   392  O  O   . ASP A 1 52 ? 1.004   5.601   0.172   1.00 34.61 ? 194 ASP A O   1 
ATOM   393  C  CB  . ASP A 1 52 ? -1.474  6.604   2.134   1.00 34.01 ? 194 ASP A CB  1 
ATOM   394  C  CG  . ASP A 1 52 ? -1.729  7.164   0.737   1.00 35.72 ? 194 ASP A CG  1 
ATOM   395  O  OD1 . ASP A 1 52 ? -2.200  6.393   -0.118  1.00 33.23 ? 194 ASP A OD1 1 
ATOM   396  O  OD2 . ASP A 1 52 ? -1.461  8.370   0.486   1.00 38.31 ? 194 ASP A OD2 1 
ATOM   397  N  N   . HIS A 1 53 ? 1.675   6.751   1.988   1.00 34.51 ? 195 HIS A N   1 
ATOM   398  C  CA  . HIS A 1 53 ? 2.990   7.077   1.427   1.00 33.99 ? 195 HIS A CA  1 
ATOM   399  C  C   . HIS A 1 53 ? 3.760   5.789   1.062   1.00 33.96 ? 195 HIS A C   1 
ATOM   400  O  O   . HIS A 1 53 ? 4.248   5.635   -0.051  1.00 34.39 ? 195 HIS A O   1 
ATOM   401  C  CB  . HIS A 1 53 ? 3.788   7.914   2.437   1.00 33.87 ? 195 HIS A CB  1 
ATOM   402  C  CG  . HIS A 1 53 ? 3.333   9.338   2.543   1.00 34.61 ? 195 HIS A CG  1 
ATOM   403  N  ND1 . HIS A 1 53 ? 3.088   10.128  1.434   1.00 36.04 ? 195 HIS A ND1 1 
ATOM   404  C  CD2 . HIS A 1 53 ? 3.108   10.129  3.625   1.00 34.24 ? 195 HIS A CD2 1 
ATOM   405  C  CE1 . HIS A 1 53 ? 2.733   11.348  1.832   1.00 35.73 ? 195 HIS A CE1 1 
ATOM   406  N  NE2 . HIS A 1 53 ? 2.731   11.367  3.154   1.00 35.37 ? 195 HIS A NE2 1 
ATOM   407  N  N   . PHE A 1 54 ? 3.844   4.852   2.002   1.00 33.57 ? 196 PHE A N   1 
ATOM   408  C  CA  . PHE A 1 54 ? 4.649   3.652   1.800   1.00 34.03 ? 196 PHE A CA  1 
ATOM   409  C  C   . PHE A 1 54 ? 4.172   2.859   0.563   1.00 35.26 ? 196 PHE A C   1 
ATOM   410  O  O   . PHE A 1 54 ? 4.977   2.486   -0.295  1.00 34.76 ? 196 PHE A O   1 
ATOM   411  C  CB  . PHE A 1 54 ? 4.603   2.784   3.059   1.00 32.93 ? 196 PHE A CB  1 
ATOM   412  C  CG  . PHE A 1 54 ? 5.496   1.568   2.999   1.00 34.66 ? 196 PHE A CG  1 
ATOM   413  C  CD1 . PHE A 1 54 ? 6.794   1.618   3.501   1.00 33.19 ? 196 PHE A CD1 1 
ATOM   414  C  CD2 . PHE A 1 54 ? 5.023   0.366   2.453   1.00 33.88 ? 196 PHE A CD2 1 
ATOM   415  C  CE1 . PHE A 1 54 ? 7.650   0.480   3.448   1.00 35.92 ? 196 PHE A CE1 1 
ATOM   416  C  CE2 . PHE A 1 54 ? 5.872   -0.790  2.402   1.00 33.98 ? 196 PHE A CE2 1 
ATOM   417  C  CZ  . PHE A 1 54 ? 7.174   -0.713  2.910   1.00 31.37 ? 196 PHE A CZ  1 
ATOM   418  N  N   . ILE A 1 55 ? 2.867   2.584   0.530   1.00 36.08 ? 197 ILE A N   1 
ATOM   419  C  CA  . ILE A 1 55 ? 2.169   1.904   -0.565  1.00 37.64 ? 197 ILE A CA  1 
ATOM   420  C  C   . ILE A 1 55 ? 2.455   2.607   -1.904  1.00 37.54 ? 197 ILE A C   1 
ATOM   421  O  O   . ILE A 1 55 ? 2.561   1.959   -2.963  1.00 37.34 ? 197 ILE A O   1 
ATOM   422  C  CB  . ILE A 1 55 ? 0.614   1.970   -0.272  1.00 37.73 ? 197 ILE A CB  1 
ATOM   423  C  CG1 . ILE A 1 55 ? 0.239   1.006   0.852   1.00 39.49 ? 197 ILE A CG1 1 
ATOM   424  C  CG2 . ILE A 1 55 ? -0.244  1.727   -1.527  1.00 39.59 ? 197 ILE A CG2 1 
ATOM   425  C  CD1 . ILE A 1 55 ? -1.242  1.188   1.340   1.00 38.90 ? 197 ILE A CD1 1 
ATOM   426  N  N   . SER A 1 56 ? 2.565   3.938   -1.843  1.00 36.70 ? 198 SER A N   1 
ATOM   427  C  CA  . SER A 1 56 ? 2.785   4.754   -3.009  1.00 36.81 ? 198 SER A CA  1 
ATOM   428  C  C   . SER A 1 56 ? 4.283   4.873   -3.335  1.00 36.47 ? 198 SER A C   1 
ATOM   429  O  O   . SER A 1 56 ? 4.640   5.609   -4.237  1.00 35.52 ? 198 SER A O   1 
ATOM   430  C  CB  . SER A 1 56 ? 2.173   6.145   -2.762  1.00 36.99 ? 198 SER A CB  1 
ATOM   431  O  OG  . SER A 1 56 ? 0.784   6.015   -2.471  1.00 39.32 ? 198 SER A OG  1 
ATOM   432  N  N   . PHE A 1 57 ? 5.136   4.165   -2.581  1.00 35.96 ? 199 PHE A N   1 
ATOM   433  C  CA  . PHE A 1 57 ? 6.594   4.151   -2.792  1.00 36.92 ? 199 PHE A CA  1 
ATOM   434  C  C   . PHE A 1 57 ? 7.242   5.522   -2.457  1.00 36.54 ? 199 PHE A C   1 
ATOM   435  O  O   . PHE A 1 57 ? 8.361   5.810   -2.870  1.00 36.29 ? 199 PHE A O   1 
ATOM   436  C  CB  . PHE A 1 57 ? 6.942   3.662   -4.225  1.00 38.48 ? 199 PHE A CB  1 
ATOM   437  C  CG  . PHE A 1 57 ? 6.877   2.147   -4.408  1.00 40.90 ? 199 PHE A CG  1 
ATOM   438  C  CD1 . PHE A 1 57 ? 5.978   1.360   -3.690  1.00 45.43 ? 199 PHE A CD1 1 
ATOM   439  C  CD2 . PHE A 1 57 ? 7.725   1.512   -5.305  1.00 44.59 ? 199 PHE A CD2 1 
ATOM   440  C  CE1 . PHE A 1 57 ? 5.932   -0.035  -3.846  1.00 45.16 ? 199 PHE A CE1 1 
ATOM   441  C  CE2 . PHE A 1 57 ? 7.678   0.105   -5.492  1.00 46.28 ? 199 PHE A CE2 1 
ATOM   442  C  CZ  . PHE A 1 57 ? 6.782   -0.659  -4.761  1.00 44.42 ? 199 PHE A CZ  1 
ATOM   443  N  N   . ARG A 1 58 ? 6.517   6.367   -1.717  1.00 35.57 ? 200 ARG A N   1 
ATOM   444  C  CA  . ARG A 1 58 ? 7.074   7.610   -1.192  1.00 34.97 ? 200 ARG A CA  1 
ATOM   445  C  C   . ARG A 1 58 ? 7.687   7.294   0.162   1.00 34.84 ? 200 ARG A C   1 
ATOM   446  O  O   . ARG A 1 58 ? 7.128   7.634   1.204   1.00 35.48 ? 200 ARG A O   1 
ATOM   447  C  CB  . ARG A 1 58 ? 6.012   8.720   -1.094  1.00 33.98 ? 200 ARG A CB  1 
ATOM   448  C  CG  . ARG A 1 58 ? 5.435   9.128   -2.462  1.00 35.33 ? 200 ARG A CG  1 
ATOM   449  C  CD  . ARG A 1 58 ? 4.484   10.287  -2.364  1.00 35.98 ? 200 ARG A CD  1 
ATOM   450  N  NE  . ARG A 1 58 ? 3.379   10.013  -1.450  1.00 37.43 ? 200 ARG A NE  1 
ATOM   451  C  CZ  . ARG A 1 58 ? 2.162   9.629   -1.832  1.00 40.42 ? 200 ARG A CZ  1 
ATOM   452  N  NH1 . ARG A 1 58 ? 1.884   9.458   -3.122  1.00 38.97 ? 200 ARG A NH1 1 
ATOM   453  N  NH2 . ARG A 1 58 ? 1.217   9.420   -0.924  1.00 39.30 ? 200 ARG A NH2 1 
ATOM   454  N  N   . PHE A 1 59 ? 8.846   6.633   0.143   1.00 35.18 ? 201 PHE A N   1 
ATOM   455  C  CA  . PHE A 1 59 ? 9.409   6.046   1.361   1.00 35.07 ? 201 PHE A CA  1 
ATOM   456  C  C   . PHE A 1 59 ? 9.899   7.120   2.335   1.00 35.32 ? 201 PHE A C   1 
ATOM   457  O  O   . PHE A 1 59 ? 9.785   6.975   3.549   1.00 35.54 ? 201 PHE A O   1 
ATOM   458  C  CB  . PHE A 1 59 ? 10.525  5.021   1.006   1.00 34.35 ? 201 PHE A CB  1 
ATOM   459  C  CG  . PHE A 1 59 ? 10.004  3.821   0.243   1.00 35.25 ? 201 PHE A CG  1 
ATOM   460  C  CD1 . PHE A 1 59 ? 9.004   3.000   0.809   1.00 34.26 ? 201 PHE A CD1 1 
ATOM   461  C  CD2 . PHE A 1 59 ? 10.448  3.544   -1.051  1.00 31.60 ? 201 PHE A CD2 1 
ATOM   462  C  CE1 . PHE A 1 59 ? 8.474   1.913   0.112   1.00 33.84 ? 201 PHE A CE1 1 
ATOM   463  C  CE2 . PHE A 1 59 ? 9.908   2.472   -1.766  1.00 29.94 ? 201 PHE A CE2 1 
ATOM   464  C  CZ  . PHE A 1 59 ? 8.937   1.633   -1.174  1.00 32.89 ? 201 PHE A CZ  1 
ATOM   465  N  N   . GLN A 1 60 ? 10.447  8.194   1.795   1.00 35.77 ? 202 GLN A N   1 
ATOM   466  C  CA  . GLN A 1 60 ? 10.918  9.321   2.613   1.00 36.54 ? 202 GLN A CA  1 
ATOM   467  C  C   . GLN A 1 60 ? 9.771   9.969   3.381   1.00 35.89 ? 202 GLN A C   1 
ATOM   468  O  O   . GLN A 1 60 ? 9.874   10.213  4.589   1.00 35.11 ? 202 GLN A O   1 
ATOM   469  C  CB  . GLN A 1 60 ? 11.616  10.369  1.745   1.00 37.12 ? 202 GLN A CB  1 
ATOM   470  C  CG  . GLN A 1 60 ? 11.952  11.628  2.530   1.00 41.76 ? 202 GLN A CG  1 
ATOM   471  C  CD  . GLN A 1 60 ? 13.259  11.514  3.279   1.00 46.31 ? 202 GLN A CD  1 
ATOM   472  O  OE1 . GLN A 1 60 ? 13.275  11.277  4.491   1.00 49.55 ? 202 GLN A OE1 1 
ATOM   473  N  NE2 . GLN A 1 60 ? 14.371  11.695  2.562   1.00 49.87 ? 202 GLN A NE2 1 
ATOM   474  N  N   . GLU A 1 61 ? 8.677   10.251  2.674   1.00 35.04 ? 203 GLU A N   1 
ATOM   475  C  CA  . GLU A 1 61 ? 7.510   10.832  3.310   1.00 35.74 ? 203 GLU A CA  1 
ATOM   476  C  C   . GLU A 1 61 ? 6.858   9.911   4.317   1.00 34.86 ? 203 GLU A C   1 
ATOM   477  O  O   . GLU A 1 61 ? 6.371   10.392  5.317   1.00 34.30 ? 203 GLU A O   1 
ATOM   478  C  CB  . GLU A 1 61 ? 6.504   11.297  2.260   1.00 36.75 ? 203 GLU A CB  1 
ATOM   479  C  CG  . GLU A 1 61 ? 7.113   12.414  1.448   1.00 40.92 ? 203 GLU A CG  1 
ATOM   480  C  CD  . GLU A 1 61 ? 6.332   12.772  0.228   1.00 48.37 ? 203 GLU A CD  1 
ATOM   481  O  OE1 . GLU A 1 61 ? 5.170   13.222  0.387   1.00 49.22 ? 203 GLU A OE1 1 
ATOM   482  O  OE2 . GLU A 1 61 ? 6.902   12.632  -0.888  1.00 51.54 ? 203 GLU A OE2 1 
ATOM   483  N  N   . ALA A 1 62 ? 6.844   8.594   4.045   1.00 34.83 ? 204 ALA A N   1 
ATOM   484  C  CA  . ALA A 1 62 ? 6.390   7.603   5.034   1.00 34.40 ? 204 ALA A CA  1 
ATOM   485  C  C   . ALA A 1 62 ? 7.193   7.710   6.331   1.00 34.63 ? 204 ALA A C   1 
ATOM   486  O  O   . ALA A 1 62 ? 6.628   7.765   7.420   1.00 34.75 ? 204 ALA A O   1 
ATOM   487  C  CB  . ALA A 1 62 ? 6.464   6.175   4.453   1.00 34.08 ? 204 ALA A CB  1 
ATOM   488  N  N   . ILE A 1 63 ? 8.519   7.760   6.205   1.00 34.92 ? 205 ILE A N   1 
ATOM   489  C  CA  . ILE A 1 63 ? 9.412   7.870   7.362   1.00 34.18 ? 205 ILE A CA  1 
ATOM   490  C  C   . ILE A 1 63 ? 9.145   9.146   8.149   1.00 33.97 ? 205 ILE A C   1 
ATOM   491  O  O   . ILE A 1 63 ? 9.025   9.105   9.380   1.00 33.32 ? 205 ILE A O   1 
ATOM   492  C  CB  . ILE A 1 63 ? 10.909  7.751   6.968   1.00 34.47 ? 205 ILE A CB  1 
ATOM   493  C  CG1 . ILE A 1 63 ? 11.192  6.364   6.376   1.00 34.09 ? 205 ILE A CG1 1 
ATOM   494  C  CG2 . ILE A 1 63 ? 11.835  7.985   8.193   1.00 34.35 ? 205 ILE A CG2 1 
ATOM   495  C  CD1 . ILE A 1 63 ? 12.541  6.257   5.688   1.00 35.06 ? 205 ILE A CD1 1 
ATOM   496  N  N   . ASP A 1 64 ? 9.024   10.263  7.437   1.00 34.71 ? 206 ASP A N   1 
ATOM   497  C  CA  . ASP A 1 64 ? 8.780   11.565  8.055   1.00 35.61 ? 206 ASP A CA  1 
ATOM   498  C  C   . ASP A 1 64 ? 7.511   11.531  8.908   1.00 35.90 ? 206 ASP A C   1 
ATOM   499  O  O   . ASP A 1 64 ? 7.462   12.144  9.960   1.00 36.45 ? 206 ASP A O   1 
ATOM   500  C  CB  . ASP A 1 64 ? 8.620   12.646  6.980   1.00 35.52 ? 206 ASP A CB  1 
ATOM   501  C  CG  . ASP A 1 64 ? 9.923   12.950  6.253   1.00 36.68 ? 206 ASP A CG  1 
ATOM   502  O  OD1 . ASP A 1 64 ? 10.991  12.544  6.732   1.00 37.34 ? 206 ASP A OD1 1 
ATOM   503  O  OD2 . ASP A 1 64 ? 9.878   13.577  5.180   1.00 38.35 ? 206 ASP A OD2 1 
ATOM   504  N  N   . THR A 1 65 ? 6.491   10.835  8.416   1.00 35.36 ? 207 THR A N   1 
ATOM   505  C  CA  . THR A 1 65 ? 5.195   10.735  9.113   1.00 36.13 ? 207 THR A CA  1 
ATOM   506  C  C   . THR A 1 65 ? 5.344   9.851   10.356  1.00 35.53 ? 207 THR A C   1 
ATOM   507  O  O   . THR A 1 65 ? 4.815   10.173  11.414  1.00 35.81 ? 207 THR A O   1 
ATOM   508  C  CB  . THR A 1 65 ? 4.083   10.181  8.185   1.00 35.06 ? 207 THR A CB  1 
ATOM   509  O  OG1 . THR A 1 65 ? 4.113   10.883  6.936   1.00 35.50 ? 207 THR A OG1 1 
ATOM   510  C  CG2 . THR A 1 65 ? 2.711   10.347  8.825   1.00 36.78 ? 207 THR A CG2 1 
ATOM   511  N  N   . TRP A 1 66 ? 6.066   8.750   10.216  1.00 35.73 ? 208 TRP A N   1 
ATOM   512  C  CA  . TRP A 1 66 ? 6.316   7.847   11.353  1.00 35.95 ? 208 TRP A CA  1 
ATOM   513  C  C   . TRP A 1 66 ? 7.192   8.508   12.415  1.00 35.92 ? 208 TRP A C   1 
ATOM   514  O  O   . TRP A 1 66 ? 6.963   8.317   13.604  1.00 36.48 ? 208 TRP A O   1 
ATOM   515  C  CB  . TRP A 1 66 ? 6.936   6.519   10.889  1.00 35.48 ? 208 TRP A CB  1 
ATOM   516  C  CG  . TRP A 1 66 ? 5.952   5.559   10.274  1.00 35.96 ? 208 TRP A CG  1 
ATOM   517  C  CD1 . TRP A 1 66 ? 4.674   5.247   10.748  1.00 36.14 ? 208 TRP A CD1 1 
ATOM   518  C  CD2 . TRP A 1 66 ? 6.141   4.765   9.083   1.00 34.69 ? 208 TRP A CD2 1 
ATOM   519  N  NE1 . TRP A 1 66 ? 4.079   4.314   9.908   1.00 35.78 ? 208 TRP A NE1 1 
ATOM   520  C  CE2 . TRP A 1 66 ? 4.951   4.001   8.890   1.00 35.69 ? 208 TRP A CE2 1 
ATOM   521  C  CE3 . TRP A 1 66 ? 7.201   4.615   8.174   1.00 35.21 ? 208 TRP A CE3 1 
ATOM   522  C  CZ2 . TRP A 1 66 ? 4.790   3.102   7.799   1.00 35.54 ? 208 TRP A CZ2 1 
ATOM   523  C  CZ3 . TRP A 1 66 ? 7.055   3.737   7.102   1.00 37.10 ? 208 TRP A CZ3 1 
ATOM   524  C  CH2 . TRP A 1 66 ? 5.842   2.993   6.910   1.00 35.09 ? 208 TRP A CH2 1 
ATOM   525  N  N   . VAL A 1 67 ? 8.182   9.293   11.988  1.00 35.47 ? 209 VAL A N   1 
ATOM   526  C  CA  . VAL A 1 67 ? 9.078   9.953   12.928  1.00 35.14 ? 209 VAL A CA  1 
ATOM   527  C  C   . VAL A 1 67 ? 8.289   11.018  13.713  1.00 35.78 ? 209 VAL A C   1 
ATOM   528  O  O   . VAL A 1 67 ? 8.495   11.188  14.912  1.00 36.18 ? 209 VAL A O   1 
ATOM   529  C  CB  . VAL A 1 67 ? 10.321  10.542  12.221  1.00 34.78 ? 209 VAL A CB  1 
ATOM   530  C  CG1 . VAL A 1 67 ? 11.168  11.409  13.201  1.00 34.73 ? 209 VAL A CG1 1 
ATOM   531  C  CG2 . VAL A 1 67 ? 11.192  9.434   11.625  1.00 34.39 ? 209 VAL A CG2 1 
ATOM   532  N  N   . LEU A 1 68 ? 7.371   11.697  13.028  1.00 36.39 ? 210 LEU A N   1 
ATOM   533  C  CA  . LEU A 1 68 ? 6.442   12.635  13.641  1.00 37.31 ? 210 LEU A CA  1 
ATOM   534  C  C   . LEU A 1 68 ? 5.526   11.924  14.652  1.00 36.64 ? 210 LEU A C   1 
ATOM   535  O  O   . LEU A 1 68 ? 5.355   12.386  15.771  1.00 37.29 ? 210 LEU A O   1 
ATOM   536  C  CB  . LEU A 1 68 ? 5.629   13.387  12.562  1.00 37.30 ? 210 LEU A CB  1 
ATOM   537  C  CG  . LEU A 1 68 ? 4.654   14.466  13.051  1.00 37.66 ? 210 LEU A CG  1 
ATOM   538  C  CD1 . LEU A 1 68 ? 5.373   15.694  13.651  1.00 39.63 ? 210 LEU A CD1 1 
ATOM   539  C  CD2 . LEU A 1 68 ? 3.720   14.927  11.935  1.00 39.98 ? 210 LEU A CD2 1 
ATOM   540  N  N   . LEU A 1 69 ? 4.981   10.782  14.266  1.00 36.60 ? 211 LEU A N   1 
ATOM   541  C  CA  . LEU A 1 69 ? 4.165   9.975   15.180  1.00 36.58 ? 211 LEU A CA  1 
ATOM   542  C  C   . LEU A 1 69 ? 4.939   9.586   16.452  1.00 36.29 ? 211 LEU A C   1 
ATOM   543  O  O   . LEU A 1 69 ? 4.372   9.597   17.546  1.00 36.69 ? 211 LEU A O   1 
ATOM   544  C  CB  . LEU A 1 69 ? 3.625   8.724   14.458  1.00 36.83 ? 211 LEU A CB  1 
ATOM   545  C  CG  . LEU A 1 69 ? 2.774   7.712   15.248  1.00 36.46 ? 211 LEU A CG  1 
ATOM   546  C  CD1 . LEU A 1 69 ? 1.635   8.403   16.051  1.00 35.32 ? 211 LEU A CD1 1 
ATOM   547  C  CD2 . LEU A 1 69 ? 2.214   6.668   14.305  1.00 35.98 ? 211 LEU A CD2 1 
ATOM   548  N  N   . LEU A 1 70 ? 6.224   9.256   16.304  1.00 35.02 ? 212 LEU A N   1 
ATOM   549  C  CA  . LEU A 1 70 ? 7.068   8.858   17.433  1.00 34.53 ? 212 LEU A CA  1 
ATOM   550  C  C   . LEU A 1 70 ? 7.185   9.949   18.495  1.00 35.18 ? 212 LEU A C   1 
ATOM   551  O  O   . LEU A 1 70 ? 7.508   9.650   19.643  1.00 35.34 ? 212 LEU A O   1 
ATOM   552  C  CB  . LEU A 1 70 ? 8.462   8.425   16.958  1.00 33.04 ? 212 LEU A CB  1 
ATOM   553  C  CG  . LEU A 1 70 ? 8.531   7.105   16.164  1.00 33.09 ? 212 LEU A CG  1 
ATOM   554  C  CD1 . LEU A 1 70 ? 9.969   6.846   15.598  1.00 29.73 ? 212 LEU A CD1 1 
ATOM   555  C  CD2 . LEU A 1 70 ? 8.095   5.957   17.076  1.00 31.72 ? 212 LEU A CD2 1 
ATOM   556  N  N   . ASP A 1 71 ? 6.936   11.202  18.118  1.00 36.00 ? 213 ASP A N   1 
ATOM   557  C  CA  . ASP A 1 71 ? 6.999   12.308  19.094  1.00 37.96 ? 213 ASP A CA  1 
ATOM   558  C  C   . ASP A 1 71 ? 5.766   12.359  20.002  1.00 38.12 ? 213 ASP A C   1 
ATOM   559  O  O   . ASP A 1 71 ? 5.727   13.156  20.948  1.00 38.38 ? 213 ASP A O   1 
ATOM   560  C  CB  . ASP A 1 71 ? 7.262   13.671  18.433  1.00 37.88 ? 213 ASP A CB  1 
ATOM   561  C  CG  . ASP A 1 71 ? 8.125   14.551  19.292  1.00 41.28 ? 213 ASP A CG  1 
ATOM   562  O  OD1 . ASP A 1 71 ? 8.973   13.989  20.025  1.00 45.96 ? 213 ASP A OD1 1 
ATOM   563  O  OD2 . ASP A 1 71 ? 7.963   15.794  19.279  1.00 42.75 ? 213 ASP A OD2 1 
ATOM   564  N  N   . SER A 1 72 ? 4.778   11.505  19.710  1.00 38.91 ? 214 SER A N   1 
ATOM   565  C  CA  . SER A 1 72 ? 3.632   11.274  20.592  1.00 39.45 ? 214 SER A CA  1 
ATOM   566  C  C   . SER A 1 72 ? 4.065   10.989  22.029  1.00 40.02 ? 214 SER A C   1 
ATOM   567  O  O   . SER A 1 72 ? 5.036   10.273  22.264  1.00 39.31 ? 214 SER A O   1 
ATOM   568  C  CB  . SER A 1 72 ? 2.810   10.085  20.116  1.00 39.45 ? 214 SER A CB  1 
ATOM   569  O  OG  . SER A 1 72 ? 1.634   9.942   20.906  1.00 40.64 ? 214 SER A OG  1 
ATOM   570  N  N   . ASN A 1 73 ? 3.321   11.552  22.977  1.00 40.72 ? 215 ASN A N   1 
ATOM   571  C  CA  . ASN A 1 73 ? 3.561   11.339  24.399  1.00 41.92 ? 215 ASN A CA  1 
ATOM   572  C  C   . ASN A 1 73 ? 2.693   10.207  24.956  1.00 42.10 ? 215 ASN A C   1 
ATOM   573  O  O   . ASN A 1 73 ? 2.659   9.989   26.177  1.00 42.06 ? 215 ASN A O   1 
ATOM   574  C  CB  . ASN A 1 73 ? 3.324   12.643  25.188  1.00 42.54 ? 215 ASN A CB  1 
ATOM   575  C  CG  . ASN A 1 73 ? 4.614   13.420  25.454  1.00 44.01 ? 215 ASN A CG  1 
ATOM   576  O  OD1 . ASN A 1 73 ? 5.690   13.068  24.963  1.00 45.37 ? 215 ASN A OD1 1 
ATOM   577  N  ND2 . ASN A 1 73 ? 4.508   14.474  26.250  1.00 45.74 ? 215 ASN A ND2 1 
ATOM   578  N  N   . ASP A 1 74 ? 1.990   9.500   24.066  1.00 41.88 ? 216 ASP A N   1 
ATOM   579  C  CA  . ASP A 1 74 ? 1.142   8.385   24.471  1.00 42.38 ? 216 ASP A CA  1 
ATOM   580  C  C   . ASP A 1 74 ? 2.013   7.193   24.851  1.00 42.40 ? 216 ASP A C   1 
ATOM   581  O  O   . ASP A 1 74 ? 2.699   6.628   23.990  1.00 42.41 ? 216 ASP A O   1 
ATOM   582  C  CB  . ASP A 1 74 ? 0.125   8.003   23.381  1.00 42.61 ? 216 ASP A CB  1 
ATOM   583  C  CG  . ASP A 1 74 ? -0.699  6.748   23.740  1.00 44.30 ? 216 ASP A CG  1 
ATOM   584  O  OD1 . ASP A 1 74 ? -0.522  6.165   24.836  1.00 46.10 ? 216 ASP A OD1 1 
ATOM   585  O  OD2 . ASP A 1 74 ? -1.538  6.327   22.918  1.00 45.14 ? 216 ASP A OD2 1 
ATOM   586  N  N   . PRO A 1 75 ? 1.976   6.803   26.143  1.00 42.69 ? 217 PRO A N   1 
ATOM   587  C  CA  . PRO A 1 75 ? 2.803   5.710   26.655  1.00 43.02 ? 217 PRO A CA  1 
ATOM   588  C  C   . PRO A 1 75 ? 2.525   4.379   25.961  1.00 43.26 ? 217 PRO A C   1 
ATOM   589  O  O   . PRO A 1 75 ? 3.424   3.557   25.850  1.00 43.59 ? 217 PRO A O   1 
ATOM   590  C  CB  . PRO A 1 75 ? 2.400   5.626   28.139  1.00 43.13 ? 217 PRO A CB  1 
ATOM   591  C  CG  . PRO A 1 75 ? 1.802   6.935   28.446  1.00 43.07 ? 217 PRO A CG  1 
ATOM   592  C  CD  . PRO A 1 75 ? 1.121   7.374   27.201  1.00 42.22 ? 217 PRO A CD  1 
ATOM   593  N  N   . ASN A 1 76 ? 1.294   4.189   25.488  1.00 43.80 ? 218 ASN A N   1 
ATOM   594  C  CA  . ASN A 1 76 ? 0.878   2.936   24.840  1.00 44.25 ? 218 ASN A CA  1 
ATOM   595  C  C   . ASN A 1 76 ? 1.262   2.794   23.349  1.00 43.72 ? 218 ASN A C   1 
ATOM   596  O  O   . ASN A 1 76 ? 1.088   1.717   22.762  1.00 44.02 ? 218 ASN A O   1 
ATOM   597  C  CB  . ASN A 1 76 ? -0.633  2.719   25.015  1.00 44.41 ? 218 ASN A CB  1 
ATOM   598  C  CG  . ASN A 1 76 ? -1.081  2.784   26.470  1.00 45.87 ? 218 ASN A CG  1 
ATOM   599  O  OD1 . ASN A 1 76 ? -0.403  2.287   27.382  1.00 45.59 ? 218 ASN A OD1 1 
ATOM   600  N  ND2 . ASN A 1 76 ? -2.238  3.402   26.692  1.00 47.77 ? 218 ASN A ND2 1 
ATOM   601  N  N   . LEU A 1 77 ? 1.778   3.863   22.743  1.00 43.17 ? 219 LEU A N   1 
ATOM   602  C  CA  . LEU A 1 77 ? 2.234   3.820   21.325  1.00 42.25 ? 219 LEU A CA  1 
ATOM   603  C  C   . LEU A 1 77 ? 3.185   2.651   21.045  1.00 42.26 ? 219 LEU A C   1 
ATOM   604  O  O   . LEU A 1 77 ? 4.195   2.485   21.739  1.00 41.74 ? 219 LEU A O   1 
ATOM   605  C  CB  . LEU A 1 77 ? 2.921   5.133   20.935  1.00 42.01 ? 219 LEU A CB  1 
ATOM   606  C  CG  . LEU A 1 77 ? 3.365   5.351   19.477  1.00 42.73 ? 219 LEU A CG  1 
ATOM   607  C  CD1 . LEU A 1 77 ? 2.156   5.536   18.604  1.00 44.03 ? 219 LEU A CD1 1 
ATOM   608  C  CD2 . LEU A 1 77 ? 4.273   6.569   19.346  1.00 41.34 ? 219 LEU A CD2 1 
ATOM   609  N  N   . ASP A 1 78 ? 2.881   1.865   20.008  1.00 42.30 ? 220 ASP A N   1 
ATOM   610  C  CA  . ASP A 1 78 ? 3.743   0.749   19.610  1.00 41.75 ? 220 ASP A CA  1 
ATOM   611  C  C   . ASP A 1 78 ? 4.905   1.268   18.770  1.00 40.71 ? 220 ASP A C   1 
ATOM   612  O  O   . ASP A 1 78 ? 4.902   1.169   17.530  1.00 40.48 ? 220 ASP A O   1 
ATOM   613  C  CB  . ASP A 1 78 ? 2.968   -0.336  18.834  1.00 42.36 ? 220 ASP A CB  1 
ATOM   614  C  CG  . ASP A 1 78 ? 3.811   -1.570  18.561  1.00 43.93 ? 220 ASP A CG  1 
ATOM   615  O  OD1 . ASP A 1 78 ? 4.987   -1.596  18.984  1.00 44.29 ? 220 ASP A OD1 1 
ATOM   616  O  OD2 . ASP A 1 78 ? 3.302   -2.521  17.924  1.00 46.60 ? 220 ASP A OD2 1 
ATOM   617  N  N   . ARG A 1 79 ? 5.902   1.793   19.469  1.00 39.28 ? 221 ARG A N   1 
ATOM   618  C  CA  . ARG A 1 79 ? 7.084   2.378   18.867  1.00 37.86 ? 221 ARG A CA  1 
ATOM   619  C  C   . ARG A 1 79 ? 7.864   1.343   18.123  1.00 36.80 ? 221 ARG A C   1 
ATOM   620  O  O   . ARG A 1 79 ? 8.437   1.647   17.088  1.00 35.71 ? 221 ARG A O   1 
ATOM   621  C  CB  . ARG A 1 79 ? 7.982   3.011   19.934  1.00 37.89 ? 221 ARG A CB  1 
ATOM   622  C  CG  . ARG A 1 79 ? 7.550   4.399   20.278  1.00 38.51 ? 221 ARG A CG  1 
ATOM   623  C  CD  . ARG A 1 79 ? 8.258   4.981   21.489  1.00 39.76 ? 221 ARG A CD  1 
ATOM   624  N  NE  . ARG A 1 79 ? 7.397   6.051   21.958  1.00 43.48 ? 221 ARG A NE  1 
ATOM   625  C  CZ  . ARG A 1 79 ? 7.482   7.316   21.555  1.00 42.88 ? 221 ARG A CZ  1 
ATOM   626  N  NH1 . ARG A 1 79 ? 8.463   7.701   20.733  1.00 39.43 ? 221 ARG A NH1 1 
ATOM   627  N  NH2 . ARG A 1 79 ? 6.592   8.194   22.003  1.00 41.18 ? 221 ARG A NH2 1 
ATOM   628  N  N   . VAL A 1 80 ? 7.894   0.125   18.660  1.00 36.70 ? 222 VAL A N   1 
ATOM   629  C  CA  . VAL A 1 80 ? 8.621   -0.964  18.031  1.00 36.84 ? 222 VAL A CA  1 
ATOM   630  C  C   . VAL A 1 80 ? 8.155   -1.210  16.583  1.00 36.85 ? 222 VAL A C   1 
ATOM   631  O  O   . VAL A 1 80 ? 8.970   -1.247  15.674  1.00 36.14 ? 222 VAL A O   1 
ATOM   632  C  CB  . VAL A 1 80 ? 8.628   -2.251  18.894  1.00 37.24 ? 222 VAL A CB  1 
ATOM   633  C  CG1 . VAL A 1 80 ? 9.298   -3.419  18.144  1.00 37.87 ? 222 VAL A CG1 1 
ATOM   634  C  CG2 . VAL A 1 80 ? 9.381   -2.015  20.208  1.00 37.21 ? 222 VAL A CG2 1 
ATOM   635  N  N   . THR A 1 81 ? 6.847   -1.319  16.365  1.00 37.50 ? 223 THR A N   1 
ATOM   636  C  CA  . THR A 1 81 ? 6.324   -1.594  15.012  1.00 37.78 ? 223 THR A CA  1 
ATOM   637  C  C   . THR A 1 81 ? 6.609   -0.417  14.111  1.00 37.10 ? 223 THR A C   1 
ATOM   638  O  O   . THR A 1 81 ? 7.010   -0.598  12.963  1.00 37.59 ? 223 THR A O   1 
ATOM   639  C  CB  . THR A 1 81 ? 4.818   -1.948  15.019  1.00 37.43 ? 223 THR A CB  1 
ATOM   640  O  OG1 . THR A 1 81 ? 4.629   -3.099  15.842  1.00 39.21 ? 223 THR A OG1 1 
ATOM   641  C  CG2 . THR A 1 81 ? 4.320   -2.280  13.610  1.00 39.61 ? 223 THR A CG2 1 
ATOM   642  N  N   . ILE A 1 82 ? 6.434   0.789   14.642  1.00 36.90 ? 224 ILE A N   1 
ATOM   643  C  CA  . ILE A 1 82 ? 6.673   2.012   13.877  1.00 36.13 ? 224 ILE A CA  1 
ATOM   644  C  C   . ILE A 1 82 ? 8.127   2.075   13.393  1.00 36.11 ? 224 ILE A C   1 
ATOM   645  O  O   . ILE A 1 82 ? 8.392   2.367   12.234  1.00 36.14 ? 224 ILE A O   1 
ATOM   646  C  CB  . ILE A 1 82 ? 6.310   3.235   14.709  1.00 36.06 ? 224 ILE A CB  1 
ATOM   647  C  CG1 . ILE A 1 82 ? 4.782   3.299   14.888  1.00 36.14 ? 224 ILE A CG1 1 
ATOM   648  C  CG2 . ILE A 1 82 ? 6.830   4.526   14.056  1.00 35.48 ? 224 ILE A CG2 1 
ATOM   649  C  CD1 . ILE A 1 82 ? 4.323   4.347   15.949  1.00 36.48 ? 224 ILE A CD1 1 
ATOM   650  N  N   . ILE A 1 83 ? 9.061   1.788   14.286  1.00 35.19 ? 225 ILE A N   1 
ATOM   651  C  CA  . ILE A 1 83 ? 10.481  1.848   13.927  1.00 35.43 ? 225 ILE A CA  1 
ATOM   652  C  C   . ILE A 1 83 ? 10.897  0.703   12.963  1.00 35.95 ? 225 ILE A C   1 
ATOM   653  O  O   . ILE A 1 83 ? 11.808  0.889   12.153  1.00 35.68 ? 225 ILE A O   1 
ATOM   654  C  CB  . ILE A 1 83 ? 11.365  1.891   15.182  1.00 34.80 ? 225 ILE A CB  1 
ATOM   655  C  CG1 . ILE A 1 83 ? 11.103  3.186   15.975  1.00 34.17 ? 225 ILE A CG1 1 
ATOM   656  C  CG2 . ILE A 1 83 ? 12.866  1.785   14.834  1.00 35.57 ? 225 ILE A CG2 1 
ATOM   657  C  CD1 . ILE A 1 83 ? 11.611  3.098   17.384  1.00 34.59 ? 225 ILE A CD1 1 
ATOM   658  N  N   . GLU A 1 84 ? 10.252  -0.466  13.069  1.00 35.43 ? 226 GLU A N   1 
ATOM   659  C  CA  . GLU A 1 84 ? 10.422  -1.521  12.062  1.00 36.83 ? 226 GLU A CA  1 
ATOM   660  C  C   . GLU A 1 84 ? 9.936   -1.049  10.668  1.00 36.42 ? 226 GLU A C   1 
ATOM   661  O  O   . GLU A 1 84 ? 10.577  -1.340  9.643   1.00 36.87 ? 226 GLU A O   1 
ATOM   662  C  CB  . GLU A 1 84 ? 9.720   -2.828  12.497  1.00 36.77 ? 226 GLU A CB  1 
ATOM   663  C  CG  . GLU A 1 84 ? 10.462  -3.572  13.695  1.00 38.47 ? 226 GLU A CG  1 
ATOM   664  C  CD  . GLU A 1 84 ? 9.669   -4.738  14.327  1.00 39.31 ? 226 GLU A CD  1 
ATOM   665  O  OE1 . GLU A 1 84 ? 8.425   -4.818  14.134  1.00 42.36 ? 226 GLU A OE1 1 
ATOM   666  O  OE2 . GLU A 1 84 ? 10.302  -5.581  15.023  1.00 42.18 ? 226 GLU A OE2 1 
ATOM   667  N  N   . SER A 1 85 ? 8.821   -0.317  10.641  1.00 35.59 ? 227 SER A N   1 
ATOM   668  C  CA  . SER A 1 85 ? 8.318   0.292   9.410   1.00 35.74 ? 227 SER A CA  1 
ATOM   669  C  C   . SER A 1 85 ? 9.317   1.293   8.816   1.00 35.48 ? 227 SER A C   1 
ATOM   670  O  O   . SER A 1 85 ? 9.555   1.283   7.591   1.00 34.96 ? 227 SER A O   1 
ATOM   671  C  CB  . SER A 1 85 ? 6.971   0.972   9.640   1.00 35.58 ? 227 SER A CB  1 
ATOM   672  O  OG  . SER A 1 85 ? 6.001   0.014   10.047  1.00 34.76 ? 227 SER A OG  1 
ATOM   673  N  N   . ILE A 1 86 ? 9.869   2.155   9.678   1.00 35.25 ? 228 ILE A N   1 
ATOM   674  C  CA  . ILE A 1 86 ? 10.865  3.149   9.271   1.00 35.23 ? 228 ILE A CA  1 
ATOM   675  C  C   . ILE A 1 86 ? 12.043  2.420   8.666   1.00 36.64 ? 228 ILE A C   1 
ATOM   676  O  O   . ILE A 1 86 ? 12.561  2.805   7.598   1.00 36.79 ? 228 ILE A O   1 
ATOM   677  C  CB  . ILE A 1 86 ? 11.347  4.012   10.470  1.00 35.59 ? 228 ILE A CB  1 
ATOM   678  C  CG1 . ILE A 1 86 ? 10.280  5.050   10.845  1.00 34.09 ? 228 ILE A CG1 1 
ATOM   679  C  CG2 . ILE A 1 86 ? 12.738  4.685   10.185  1.00 33.31 ? 228 ILE A CG2 1 
ATOM   680  C  CD1 . ILE A 1 86 ? 10.519  5.721   12.170  1.00 35.51 ? 228 ILE A CD1 1 
ATOM   681  N  N   . ASN A 1 87 ? 12.479  1.368   9.350   1.00 36.29 ? 229 ASN A N   1 
ATOM   682  C  CA  . ASN A 1 87 ? 13.621  0.628   8.864   1.00 38.11 ? 229 ASN A CA  1 
ATOM   683  C  C   . ASN A 1 87 ? 13.436  -0.064  7.508   1.00 38.26 ? 229 ASN A C   1 
ATOM   684  O  O   . ASN A 1 87 ? 14.339  -0.036  6.685   1.00 37.72 ? 229 ASN A O   1 
ATOM   685  C  CB  . ASN A 1 87 ? 14.115  -0.359  9.905   1.00 38.46 ? 229 ASN A CB  1 
ATOM   686  C  CG  . ASN A 1 87 ? 15.504  -0.048  10.337  1.00 44.20 ? 229 ASN A CG  1 
ATOM   687  O  OD1 . ASN A 1 87 ? 16.436  -0.835  10.083  1.00 49.87 ? 229 ASN A OD1 1 
ATOM   688  N  ND2 . ASN A 1 87 ? 15.690  1.137   10.937  1.00 45.70 ? 229 ASN A ND2 1 
ATOM   689  N  N   . LYS A 1 88 ? 12.281  -0.692  7.299   1.00 37.83 ? 230 LYS A N   1 
ATOM   690  C  CA  . LYS A 1 88 ? 11.918  -1.245  6.003   1.00 39.64 ? 230 LYS A CA  1 
ATOM   691  C  C   . LYS A 1 88 ? 11.965  -0.142  4.908   1.00 38.16 ? 230 LYS A C   1 
ATOM   692  O  O   . LYS A 1 88 ? 12.616  -0.310  3.887   1.00 38.27 ? 230 LYS A O   1 
ATOM   693  C  CB  . LYS A 1 88 ? 10.515  -1.897  6.094   1.00 38.99 ? 230 LYS A CB  1 
ATOM   694  C  CG  . LYS A 1 88 ? 10.168  -2.893  4.996   1.00 43.72 ? 230 LYS A CG  1 
ATOM   695  C  CD  . LYS A 1 88 ? 8.811   -3.611  5.336   1.00 43.18 ? 230 LYS A CD  1 
ATOM   696  C  CE  . LYS A 1 88 ? 8.420   -4.712  4.334   1.00 47.19 ? 230 LYS A CE  1 
ATOM   697  N  NZ  . LYS A 1 88 ? 9.079   -6.082  4.466   1.00 46.58 ? 230 LYS A NZ  1 
ATOM   698  N  N   . ALA A 1 89 ? 11.251  0.962   5.138   1.00 37.64 ? 231 ALA A N   1 
ATOM   699  C  CA  . ALA A 1 89 ? 11.198  2.111   4.209   1.00 37.18 ? 231 ALA A CA  1 
ATOM   700  C  C   . ALA A 1 89 ? 12.591  2.625   3.827   1.00 37.23 ? 231 ALA A C   1 
ATOM   701  O  O   . ALA A 1 89 ? 12.904  2.818   2.650   1.00 37.20 ? 231 ALA A O   1 
ATOM   702  C  CB  . ALA A 1 89 ? 10.365  3.221   4.801   1.00 34.84 ? 231 ALA A CB  1 
ATOM   703  N  N   . LYS A 1 90 ? 13.424  2.804   4.841   1.00 37.95 ? 232 LYS A N   1 
ATOM   704  C  CA  . LYS A 1 90 ? 14.802  3.273   4.700   1.00 38.69 ? 232 LYS A CA  1 
ATOM   705  C  C   . LYS A 1 90 ? 15.580  2.349   3.761   1.00 38.39 ? 232 LYS A C   1 
ATOM   706  O  O   . LYS A 1 90 ? 16.317  2.813   2.913   1.00 37.69 ? 232 LYS A O   1 
ATOM   707  C  CB  . LYS A 1 90 ? 15.430  3.301   6.098   1.00 39.38 ? 232 LYS A CB  1 
ATOM   708  C  CG  . LYS A 1 90 ? 16.852  3.720   6.195   1.00 44.57 ? 232 LYS A CG  1 
ATOM   709  C  CD  . LYS A 1 90 ? 17.198  4.039   7.665   1.00 51.31 ? 232 LYS A CD  1 
ATOM   710  C  CE  . LYS A 1 90 ? 17.711  2.810   8.424   1.00 54.67 ? 232 LYS A CE  1 
ATOM   711  N  NZ  . LYS A 1 90 ? 17.983  3.147   9.861   1.00 57.69 ? 232 LYS A NZ  1 
ATOM   712  N  N   . LYS A 1 91 ? 15.384  1.038   3.905   1.00 38.75 ? 233 LYS A N   1 
ATOM   713  C  CA  . LYS A 1 91 ? 16.064  0.046   3.078   1.00 39.96 ? 233 LYS A CA  1 
ATOM   714  C  C   . LYS A 1 91 ? 15.536  0.003   1.643   1.00 39.65 ? 233 LYS A C   1 
ATOM   715  O  O   . LYS A 1 91 ? 16.182  -0.538  0.782   1.00 39.27 ? 233 LYS A O   1 
ATOM   716  C  CB  . LYS A 1 91 ? 15.922  -1.338  3.704   1.00 40.89 ? 233 LYS A CB  1 
ATOM   717  C  CG  . LYS A 1 91 ? 16.806  -1.606  4.936   1.00 43.98 ? 233 LYS A CG  1 
ATOM   718  C  CD  . LYS A 1 91 ? 16.399  -2.973  5.504   1.00 48.83 ? 233 LYS A CD  1 
ATOM   719  C  CE  . LYS A 1 91 ? 16.923  -3.251  6.902   1.00 51.84 ? 233 LYS A CE  1 
ATOM   720  N  NZ  . LYS A 1 91 ? 16.305  -4.542  7.366   1.00 54.72 ? 233 LYS A NZ  1 
ATOM   721  N  N   . LEU A 1 92 ? 14.361  0.576   1.392   1.00 39.35 ? 234 LEU A N   1 
ATOM   722  C  CA  . LEU A 1 92 ? 13.776  0.546   0.062   1.00 39.82 ? 234 LEU A CA  1 
ATOM   723  C  C   . LEU A 1 92 ? 14.060  1.826   -0.709  1.00 41.15 ? 234 LEU A C   1 
ATOM   724  O  O   . LEU A 1 92 ? 13.739  1.919   -1.893  1.00 39.65 ? 234 LEU A O   1 
ATOM   725  C  CB  . LEU A 1 92 ? 12.258  0.294   0.132   1.00 39.40 ? 234 LEU A CB  1 
ATOM   726  C  CG  . LEU A 1 92 ? 11.886  -1.122  0.586   1.00 37.74 ? 234 LEU A CG  1 
ATOM   727  C  CD1 . LEU A 1 92 ? 10.408  -1.196  0.826   1.00 35.31 ? 234 LEU A CD1 1 
ATOM   728  C  CD2 . LEU A 1 92 ? 12.410  -2.209  -0.409  1.00 31.56 ? 234 LEU A CD2 1 
HETATM 729  N  N   . MSE A 1 93 ? 14.618  2.816   -0.014  1.00 42.61 ? 235 MSE A N   1 
HETATM 730  C  CA  . MSE A 1 93 ? 14.979  4.066   -0.664  1.00 46.67 ? 235 MSE A CA  1 
HETATM 731  C  C   . MSE A 1 93 ? 16.211  3.930   -1.518  1.00 44.90 ? 235 MSE A C   1 
HETATM 732  O  O   . MSE A 1 93 ? 16.362  4.725   -2.409  1.00 46.01 ? 235 MSE A O   1 
HETATM 733  C  CB  . MSE A 1 93 ? 15.204  5.168   0.345   1.00 45.61 ? 235 MSE A CB  1 
HETATM 734  C  CG  . MSE A 1 93 ? 13.944  5.632   0.973   1.00 47.91 ? 235 MSE A CG  1 
HETATM 735  SE SE  . MSE A 1 93 ? 14.310  6.987   2.287   1.00 56.07 ? 235 MSE A SE  1 
HETATM 736  C  CE  . MSE A 1 93 ? 16.118  6.575   2.915   1.00 55.78 ? 235 MSE A CE  1 
ATOM   737  N  N   . ALA B 1 3  ? -20.484 -11.216 -15.542 1.00 46.79 ? 145 ALA B N   1 
ATOM   738  C  CA  . ALA B 1 3  ? -19.156 -11.860 -15.321 1.00 46.62 ? 145 ALA B CA  1 
ATOM   739  C  C   . ALA B 1 3  ? -18.177 -10.901 -14.649 1.00 46.36 ? 145 ALA B C   1 
ATOM   740  O  O   . ALA B 1 3  ? -17.974 -9.778  -15.131 1.00 46.68 ? 145 ALA B O   1 
ATOM   741  C  CB  . ALA B 1 3  ? -18.583 -12.368 -16.646 1.00 46.76 ? 145 ALA B CB  1 
ATOM   742  N  N   . VAL B 1 4  ? -17.586 -11.338 -13.533 1.00 45.48 ? 146 VAL B N   1 
ATOM   743  C  CA  . VAL B 1 4  ? -16.551 -10.568 -12.853 1.00 44.59 ? 146 VAL B CA  1 
ATOM   744  C  C   . VAL B 1 4  ? -15.296 -10.488 -13.737 1.00 43.83 ? 146 VAL B C   1 
ATOM   745  O  O   . VAL B 1 4  ? -14.857 -11.497 -14.289 1.00 44.17 ? 146 VAL B O   1 
ATOM   746  C  CB  . VAL B 1 4  ? -16.215 -11.186 -11.471 1.00 45.23 ? 146 VAL B CB  1 
ATOM   747  N  N   . THR B 1 5  ? -14.743 -9.287  -13.888 1.00 41.88 ? 147 THR B N   1 
ATOM   748  C  CA  . THR B 1 5  ? -13.556 -9.109  -14.701 1.00 40.54 ? 147 THR B CA  1 
ATOM   749  C  C   . THR B 1 5  ? -12.286 -9.453  -13.892 1.00 39.78 ? 147 THR B C   1 
ATOM   750  O  O   . THR B 1 5  ? -12.319 -9.573  -12.653 1.00 39.02 ? 147 THR B O   1 
ATOM   751  C  CB  . THR B 1 5  ? -13.449 -7.665  -15.281 1.00 40.54 ? 147 THR B CB  1 
ATOM   752  O  OG1 . THR B 1 5  ? -13.125 -6.747  -14.232 1.00 40.07 ? 147 THR B OG1 1 
ATOM   753  C  CG2 . THR B 1 5  ? -14.752 -7.223  -15.984 1.00 39.49 ? 147 THR B CG2 1 
ATOM   754  N  N   . ALA B 1 6  ? -11.178 -9.601  -14.609 1.00 38.83 ? 148 ALA B N   1 
ATOM   755  C  CA  . ALA B 1 6  ? -9.874  -9.824  -13.997 1.00 38.52 ? 148 ALA B CA  1 
ATOM   756  C  C   . ALA B 1 6  ? -9.499  -8.664  -13.067 1.00 38.45 ? 148 ALA B C   1 
ATOM   757  O  O   . ALA B 1 6  ? -8.999  -8.894  -11.973 1.00 37.24 ? 148 ALA B O   1 
ATOM   758  C  CB  . ALA B 1 6  ? -8.799  -10.018 -15.075 1.00 38.11 ? 148 ALA B CB  1 
ATOM   759  N  N   . THR B 1 7  ? -9.757  -7.426  -13.493 1.00 38.45 ? 149 THR B N   1 
ATOM   760  C  CA  . THR B 1 7  ? -9.399  -6.260  -12.665 1.00 38.96 ? 149 THR B CA  1 
ATOM   761  C  C   . THR B 1 7  ? -10.259 -6.185  -11.384 1.00 39.15 ? 149 THR B C   1 
ATOM   762  O  O   . THR B 1 7  ? -9.732  -5.880  -10.314 1.00 39.85 ? 149 THR B O   1 
ATOM   763  C  CB  . THR B 1 7  ? -9.299  -4.918  -13.497 1.00 39.41 ? 149 THR B CB  1 
ATOM   764  O  OG1 . THR B 1 7  ? -8.192  -5.007  -14.405 1.00 38.96 ? 149 THR B OG1 1 
ATOM   765  C  CG2 . THR B 1 7  ? -9.068  -3.698  -12.610 1.00 39.14 ? 149 THR B CG2 1 
ATOM   766  N  N   . GLN B 1 8  ? -11.549 -6.510  -11.485 1.00 38.25 ? 150 GLN B N   1 
ATOM   767  C  CA  . GLN B 1 8  ? -12.368 -6.753  -10.291 1.00 37.76 ? 150 GLN B CA  1 
ATOM   768  C  C   . GLN B 1 8  ? -11.807 -7.794  -9.324  1.00 36.98 ? 150 GLN B C   1 
ATOM   769  O  O   . GLN B 1 8  ? -11.739 -7.539  -8.122  1.00 37.23 ? 150 GLN B O   1 
ATOM   770  C  CB  . GLN B 1 8  ? -13.772 -7.154  -10.686 1.00 38.18 ? 150 GLN B CB  1 
ATOM   771  C  CG  . GLN B 1 8  ? -14.675 -5.967  -10.780 1.00 40.56 ? 150 GLN B CG  1 
ATOM   772  C  CD  . GLN B 1 8  ? -15.784 -6.158  -11.771 1.00 41.37 ? 150 GLN B CD  1 
ATOM   773  O  OE1 . GLN B 1 8  ? -16.080 -7.280  -12.186 1.00 41.72 ? 150 GLN B OE1 1 
ATOM   774  N  NE2 . GLN B 1 8  ? -16.418 -5.057  -12.160 1.00 41.86 ? 150 GLN B NE2 1 
ATOM   775  N  N   . LEU B 1 9  ? -11.389 -8.945  -9.841  1.00 35.53 ? 151 LEU B N   1 
ATOM   776  C  CA  . LEU B 1 9  ? -10.759 -9.985  -9.016  1.00 35.47 ? 151 LEU B CA  1 
ATOM   777  C  C   . LEU B 1 9  ? -9.500  -9.461  -8.341  1.00 35.51 ? 151 LEU B C   1 
ATOM   778  O  O   . LEU B 1 9  ? -9.291  -9.666  -7.133  1.00 35.13 ? 151 LEU B O   1 
ATOM   779  C  CB  . LEU B 1 9  ? -10.443 -11.221 -9.864  1.00 35.03 ? 151 LEU B CB  1 
ATOM   780  C  CG  . LEU B 1 9  ? -11.650 -12.081 -10.302 1.00 36.65 ? 151 LEU B CG  1 
ATOM   781  C  CD1 . LEU B 1 9  ? -11.272 -13.111 -11.352 1.00 36.22 ? 151 LEU B CD1 1 
ATOM   782  C  CD2 . LEU B 1 9  ? -12.316 -12.787 -9.117  1.00 36.06 ? 151 LEU B CD2 1 
ATOM   783  N  N   . ALA B 1 10 ? -8.670  -8.774  -9.131  1.00 35.04 ? 152 ALA B N   1 
ATOM   784  C  CA  . ALA B 1 10 ? -7.400  -8.215  -8.663  1.00 35.72 ? 152 ALA B CA  1 
ATOM   785  C  C   . ALA B 1 10 ? -7.653  -7.114  -7.646  1.00 35.81 ? 152 ALA B C   1 
ATOM   786  O  O   . ALA B 1 10 ? -6.855  -6.940  -6.719  1.00 36.63 ? 152 ALA B O   1 
ATOM   787  C  CB  . ALA B 1 10 ? -6.615  -7.634  -9.844  1.00 35.88 ? 152 ALA B CB  1 
ATOM   788  N  N   . ALA B 1 11 ? -8.717  -6.335  -7.856  1.00 35.07 ? 153 ALA B N   1 
ATOM   789  C  CA  . ALA B 1 11 ? -9.105  -5.277  -6.920  1.00 35.79 ? 153 ALA B CA  1 
ATOM   790  C  C   . ALA B 1 11 ? -9.486  -5.879  -5.562  1.00 36.39 ? 153 ALA B C   1 
ATOM   791  O  O   . ALA B 1 11 ? -9.045  -5.394  -4.510  1.00 36.97 ? 153 ALA B O   1 
ATOM   792  C  CB  . ALA B 1 11 ? -10.271 -4.442  -7.484  1.00 35.27 ? 153 ALA B CB  1 
ATOM   793  N  N   . LYS B 1 12 ? -10.303 -6.928  -5.588  1.00 36.27 ? 154 LYS B N   1 
ATOM   794  C  CA  . LYS B 1 12 ? -10.664 -7.640  -4.376  1.00 36.96 ? 154 LYS B CA  1 
ATOM   795  C  C   . LYS B 1 12 ? -9.433  -8.212  -3.681  1.00 35.79 ? 154 LYS B C   1 
ATOM   796  O  O   . LYS B 1 12 ? -9.304  -8.109  -2.481  1.00 34.57 ? 154 LYS B O   1 
ATOM   797  C  CB  . LYS B 1 12 ? -11.647 -8.785  -4.691  1.00 37.24 ? 154 LYS B CB  1 
ATOM   798  C  CG  . LYS B 1 12 ? -12.130 -9.564  -3.417  1.00 38.98 ? 154 LYS B CG  1 
ATOM   799  C  CD  . LYS B 1 12 ? -13.287 -10.516 -3.762  1.00 38.88 ? 154 LYS B CD  1 
ATOM   800  C  CE  . LYS B 1 12 ? -13.608 -11.494 -2.642  1.00 40.91 ? 154 LYS B CE  1 
ATOM   801  N  NZ  . LYS B 1 12 ? -14.596 -12.516 -3.182  1.00 42.75 ? 154 LYS B NZ  1 
ATOM   802  N  N   . ALA B 1 13 ? -8.549  -8.856  -4.450  1.00 35.55 ? 155 ALA B N   1 
ATOM   803  C  CA  . ALA B 1 13 ? -7.318  -9.415  -3.924  1.00 34.76 ? 155 ALA B CA  1 
ATOM   804  C  C   . ALA B 1 13 ? -6.458  -8.355  -3.232  1.00 34.96 ? 155 ALA B C   1 
ATOM   805  O  O   . ALA B 1 13 ? -5.849  -8.613  -2.191  1.00 34.83 ? 155 ALA B O   1 
ATOM   806  C  CB  . ALA B 1 13 ? -6.532  -10.100 -5.038  1.00 34.93 ? 155 ALA B CB  1 
ATOM   807  N  N   . THR B 1 14 ? -6.394  -7.169  -3.829  1.00 35.10 ? 156 THR B N   1 
ATOM   808  C  CA  . THR B 1 14 ? -5.630  -6.041  -3.299  1.00 34.97 ? 156 THR B CA  1 
ATOM   809  C  C   . THR B 1 14 ? -6.184  -5.551  -1.937  1.00 34.81 ? 156 THR B C   1 
ATOM   810  O  O   . THR B 1 14 ? -5.426  -5.351  -0.977  1.00 34.72 ? 156 THR B O   1 
ATOM   811  C  CB  . THR B 1 14 ? -5.656  -4.915  -4.329  1.00 35.45 ? 156 THR B CB  1 
ATOM   812  O  OG1 . THR B 1 14 ? -5.152  -5.444  -5.566  1.00 37.04 ? 156 THR B OG1 1 
ATOM   813  C  CG2 . THR B 1 14 ? -4.807  -3.707  -3.889  1.00 35.30 ? 156 THR B CG2 1 
ATOM   814  N  N   . THR B 1 15 ? -7.497  -5.366  -1.854  1.00 34.55 ? 157 THR B N   1 
ATOM   815  C  CA  . THR B 1 15 ? -8.128  -4.950  -0.593  1.00 35.48 ? 157 THR B CA  1 
ATOM   816  C  C   . THR B 1 15 ? -7.840  -5.998  0.488   1.00 35.32 ? 157 THR B C   1 
ATOM   817  O  O   . THR B 1 15 ? -7.412  -5.649  1.590   1.00 35.35 ? 157 THR B O   1 
ATOM   818  C  CB  . THR B 1 15 ? -9.643  -4.775  -0.802  1.00 35.49 ? 157 THR B CB  1 
ATOM   819  O  OG1 . THR B 1 15 ? -9.813  -3.716  -1.726  1.00 36.15 ? 157 THR B OG1 1 
ATOM   820  C  CG2 . THR B 1 15 ? -10.435 -4.428  0.524   1.00 34.62 ? 157 THR B CG2 1 
ATOM   821  N  N   . LEU B 1 16 ? -8.039  -7.275  0.138   1.00 34.75 ? 158 LEU B N   1 
ATOM   822  C  CA  . LEU B 1 16 ? -7.858  -8.371  1.076   1.00 34.90 ? 158 LEU B CA  1 
ATOM   823  C  C   . LEU B 1 16 ? -6.401  -8.442  1.548   1.00 33.87 ? 158 LEU B C   1 
ATOM   824  O  O   . LEU B 1 16 ? -6.162  -8.688  2.726   1.00 34.33 ? 158 LEU B O   1 
ATOM   825  C  CB  . LEU B 1 16 ? -8.267  -9.728  0.466   1.00 35.04 ? 158 LEU B CB  1 
ATOM   826  C  CG  . LEU B 1 16 ? -9.729  -10.091 0.232   1.00 38.47 ? 158 LEU B CG  1 
ATOM   827  C  CD1 . LEU B 1 16 ? -9.813  -11.515 -0.362  1.00 36.28 ? 158 LEU B CD1 1 
ATOM   828  C  CD2 . LEU B 1 16 ? -10.608 -9.978  1.501   1.00 37.16 ? 158 LEU B CD2 1 
ATOM   829  N  N   . TYR B 1 17 ? -5.445  -8.252  0.631   1.00 32.59 ? 159 TYR B N   1 
ATOM   830  C  CA  . TYR B 1 17 ? -4.030  -8.192  0.978   1.00 31.89 ? 159 TYR B CA  1 
ATOM   831  C  C   . TYR B 1 17 ? -3.751  -7.133  2.081   1.00 31.81 ? 159 TYR B C   1 
ATOM   832  O  O   . TYR B 1 17 ? -3.065  -7.402  3.068   1.00 31.24 ? 159 TYR B O   1 
ATOM   833  C  CB  . TYR B 1 17 ? -3.228  -7.922  -0.289  1.00 31.74 ? 159 TYR B CB  1 
ATOM   834  C  CG  . TYR B 1 17 ? -1.752  -7.570  -0.157  1.00 33.07 ? 159 TYR B CG  1 
ATOM   835  C  CD1 . TYR B 1 17 ? -0.774  -8.573  -0.092  1.00 33.46 ? 159 TYR B CD1 1 
ATOM   836  C  CD2 . TYR B 1 17 ? -1.326  -6.232  -0.172  1.00 31.56 ? 159 TYR B CD2 1 
ATOM   837  C  CE1 . TYR B 1 17 ? 0.591   -8.247  -0.016  1.00 31.23 ? 159 TYR B CE1 1 
ATOM   838  C  CE2 . TYR B 1 17 ? 0.033   -5.890  -0.117  1.00 29.33 ? 159 TYR B CE2 1 
ATOM   839  C  CZ  . TYR B 1 17 ? 0.987   -6.906  -0.033  1.00 31.72 ? 159 TYR B CZ  1 
ATOM   840  O  OH  . TYR B 1 17 ? 2.332   -6.584  0.039   1.00 31.19 ? 159 TYR B OH  1 
ATOM   841  N  N   . TYR B 1 18 ? -4.288  -5.931  1.917   1.00 32.25 ? 160 TYR B N   1 
ATOM   842  C  CA  . TYR B 1 18 ? -4.122  -4.908  2.941   1.00 31.69 ? 160 TYR B CA  1 
ATOM   843  C  C   . TYR B 1 18 ? -4.883  -5.255  4.229   1.00 32.16 ? 160 TYR B C   1 
ATOM   844  O  O   . TYR B 1 18 ? -4.403  -4.967  5.333   1.00 31.94 ? 160 TYR B O   1 
ATOM   845  C  CB  . TYR B 1 18 ? -4.502  -3.521  2.382   1.00 32.16 ? 160 TYR B CB  1 
ATOM   846  C  CG  . TYR B 1 18 ? -3.488  -3.037  1.337   1.00 33.01 ? 160 TYR B CG  1 
ATOM   847  C  CD1 . TYR B 1 18 ? -2.167  -2.778  1.695   1.00 32.04 ? 160 TYR B CD1 1 
ATOM   848  C  CD2 . TYR B 1 18 ? -3.841  -2.887  -0.008  1.00 33.40 ? 160 TYR B CD2 1 
ATOM   849  C  CE1 . TYR B 1 18 ? -1.219  -2.369  0.747   1.00 32.13 ? 160 TYR B CE1 1 
ATOM   850  C  CE2 . TYR B 1 18 ? -2.887  -2.490  -0.968  1.00 33.14 ? 160 TYR B CE2 1 
ATOM   851  C  CZ  . TYR B 1 18 ? -1.590  -2.229  -0.570  1.00 32.85 ? 160 TYR B CZ  1 
ATOM   852  O  OH  . TYR B 1 18 ? -0.645  -1.831  -1.493  1.00 34.77 ? 160 TYR B OH  1 
ATOM   853  N  N   . LEU B 1 19 ? -6.050  -5.893  4.103   1.00 31.63 ? 161 LEU B N   1 
ATOM   854  C  CA  . LEU B 1 19 ? -6.852  -6.215  5.297   1.00 32.43 ? 161 LEU B CA  1 
ATOM   855  C  C   . LEU B 1 19 ? -6.216  -7.325  6.112   1.00 32.46 ? 161 LEU B C   1 
ATOM   856  O  O   . LEU B 1 19 ? -6.504  -7.485  7.301   1.00 32.42 ? 161 LEU B O   1 
ATOM   857  C  CB  . LEU B 1 19 ? -8.319  -6.564  4.946   1.00 32.25 ? 161 LEU B CB  1 
ATOM   858  C  CG  . LEU B 1 19 ? -9.218  -5.469  4.345   1.00 32.35 ? 161 LEU B CG  1 
ATOM   859  C  CD1 . LEU B 1 19 ? -10.650 -5.993  4.029   1.00 31.86 ? 161 LEU B CD1 1 
ATOM   860  C  CD2 . LEU B 1 19 ? -9.310  -4.200  5.228   1.00 31.76 ? 161 LEU B CD2 1 
ATOM   861  N  N   . HIS B 1 20 ? -5.351  -8.090  5.450   1.00 33.31 ? 162 HIS B N   1 
ATOM   862  C  CA  . HIS B 1 20 ? -4.570  -9.154  6.085   1.00 33.74 ? 162 HIS B CA  1 
ATOM   863  C  C   . HIS B 1 20 ? -3.168  -8.627  6.413   1.00 34.31 ? 162 HIS B C   1 
ATOM   864  O  O   . HIS B 1 20 ? -2.219  -9.398  6.575   1.00 34.41 ? 162 HIS B O   1 
ATOM   865  C  CB  . HIS B 1 20 ? -4.532  -10.389 5.159   1.00 32.91 ? 162 HIS B CB  1 
ATOM   866  C  CG  . HIS B 1 20 ? -5.790  -11.212 5.211   1.00 34.98 ? 162 HIS B CG  1 
ATOM   867  N  ND1 . HIS B 1 20 ? -6.012  -12.164 6.183   1.00 35.96 ? 162 HIS B ND1 1 
ATOM   868  C  CD2 . HIS B 1 20 ? -6.904  -11.199 4.438   1.00 34.60 ? 162 HIS B CD2 1 
ATOM   869  C  CE1 . HIS B 1 20 ? -7.204  -12.708 6.005   1.00 35.31 ? 162 HIS B CE1 1 
ATOM   870  N  NE2 . HIS B 1 20 ? -7.765  -12.138 4.953   1.00 36.61 ? 162 HIS B NE2 1 
ATOM   871  N  N   . LYS B 1 21 ? -3.046  -7.297  6.483   1.00 35.24 ? 163 LYS B N   1 
ATOM   872  C  CA  . LYS B 1 21 ? -1.787  -6.614  6.841   1.00 35.57 ? 163 LYS B CA  1 
ATOM   873  C  C   . LYS B 1 21 ? -0.624  -6.883  5.862   1.00 36.02 ? 163 LYS B C   1 
ATOM   874  O  O   . LYS B 1 21 ? 0.507   -7.172  6.275   1.00 35.42 ? 163 LYS B O   1 
ATOM   875  C  CB  . LYS B 1 21 ? -1.388  -6.946  8.285   1.00 35.81 ? 163 LYS B CB  1 
ATOM   876  C  CG  . LYS B 1 21 ? -2.346  -6.384  9.318   1.00 36.55 ? 163 LYS B CG  1 
ATOM   877  C  CD  . LYS B 1 21 ? -1.829  -6.619  10.721  1.00 36.91 ? 163 LYS B CD  1 
ATOM   878  C  CE  . LYS B 1 21 ? -1.967  -5.376  11.518  1.00 36.58 ? 163 LYS B CE  1 
ATOM   879  N  NZ  . LYS B 1 21 ? -1.404  -5.570  12.872  1.00 39.16 ? 163 LYS B NZ  1 
ATOM   880  N  N   . GLN B 1 22 ? -0.919  -6.783  4.567   1.00 35.91 ? 164 GLN B N   1 
ATOM   881  C  CA  . GLN B 1 22 ? 0.066   -6.968  3.501   1.00 36.55 ? 164 GLN B CA  1 
ATOM   882  C  C   . GLN B 1 22 ? 0.602   -8.390  3.488   1.00 36.54 ? 164 GLN B C   1 
ATOM   883  O  O   . GLN B 1 22 ? 1.819   -8.624  3.476   1.00 36.32 ? 164 GLN B O   1 
ATOM   884  C  CB  . GLN B 1 22 ? 1.213   -5.952  3.596   1.00 36.41 ? 164 GLN B CB  1 
ATOM   885  C  CG  . GLN B 1 22 ? 0.809   -4.500  3.317   1.00 37.75 ? 164 GLN B CG  1 
ATOM   886  C  CD  . GLN B 1 22 ? 2.028   -3.563  3.335   1.00 38.16 ? 164 GLN B CD  1 
ATOM   887  O  OE1 . GLN B 1 22 ? 2.717   -3.471  4.339   1.00 41.24 ? 164 GLN B OE1 1 
ATOM   888  N  NE2 . GLN B 1 22 ? 2.303   -2.893  2.216   1.00 41.35 ? 164 GLN B NE2 1 
ATOM   889  N  N   . ALA B 1 23 ? -0.322  -9.341  3.507   1.00 36.76 ? 165 ALA B N   1 
ATOM   890  C  CA  . ALA B 1 23 ? 0.036   -10.753 3.432   1.00 37.08 ? 165 ALA B CA  1 
ATOM   891  C  C   . ALA B 1 23 ? -0.576  -11.373 2.190   1.00 36.40 ? 165 ALA B C   1 
ATOM   892  O  O   . ALA B 1 23 ? -1.766  -11.183 1.898   1.00 36.16 ? 165 ALA B O   1 
ATOM   893  C  CB  . ALA B 1 23 ? -0.393  -11.509 4.707   1.00 36.51 ? 165 ALA B CB  1 
HETATM 894  N  N   . MSE B 1 24 ? 0.269   -12.089 1.458   1.00 36.47 ? 166 MSE B N   1 
HETATM 895  C  CA  . MSE B 1 24 ? -0.117  -12.852 0.265   1.00 36.88 ? 166 MSE B CA  1 
HETATM 896  C  C   . MSE B 1 24 ? -0.718  -14.192 0.735   1.00 35.85 ? 166 MSE B C   1 
HETATM 897  O  O   . MSE B 1 24 ? -0.120  -15.252 0.565   1.00 35.19 ? 166 MSE B O   1 
HETATM 898  C  CB  . MSE B 1 24 ? 1.156   -13.088 -0.573  1.00 37.73 ? 166 MSE B CB  1 
HETATM 899  C  CG  . MSE B 1 24 ? 0.927   -13.491 -1.992  1.00 45.04 ? 166 MSE B CG  1 
HETATM 900  SE SE  . MSE B 1 24 ? -0.161  -12.131 -2.945  1.00 60.10 ? 166 MSE B SE  1 
HETATM 901  C  CE  . MSE B 1 24 ? 0.818   -10.522 -2.557  1.00 45.72 ? 166 MSE B CE  1 
ATOM   902  N  N   . THR B 1 25 ? -1.894  -14.142 1.355   1.00 34.84 ? 167 THR B N   1 
ATOM   903  C  CA  . THR B 1 25 ? -2.543  -15.363 1.849   1.00 34.96 ? 167 THR B CA  1 
ATOM   904  C  C   . THR B 1 25 ? -2.957  -16.241 0.664   1.00 35.48 ? 167 THR B C   1 
ATOM   905  O  O   . THR B 1 25 ? -2.989  -15.773 -0.487  1.00 36.12 ? 167 THR B O   1 
ATOM   906  C  CB  . THR B 1 25 ? -3.790  -15.029 2.693   1.00 35.04 ? 167 THR B CB  1 
ATOM   907  O  OG1 . THR B 1 25 ? -4.832  -14.535 1.827   1.00 33.77 ? 167 THR B OG1 1 
ATOM   908  C  CG2 . THR B 1 25 ? -3.441  -13.946 3.785   1.00 32.73 ? 167 THR B CG2 1 
ATOM   909  N  N   . ASP B 1 26 ? -3.269  -17.500 0.947   1.00 35.15 ? 168 ASP B N   1 
ATOM   910  C  CA  . ASP B 1 26 ? -3.838  -18.414 -0.030  1.00 35.87 ? 168 ASP B CA  1 
ATOM   911  C  C   . ASP B 1 26 ? -5.027  -17.807 -0.784  1.00 35.32 ? 168 ASP B C   1 
ATOM   912  O  O   . ASP B 1 26 ? -5.126  -17.916 -1.986  1.00 35.45 ? 168 ASP B O   1 
ATOM   913  C  CB  . ASP B 1 26 ? -4.245  -19.731 0.657   1.00 35.80 ? 168 ASP B CB  1 
ATOM   914  C  CG  . ASP B 1 26 ? -3.044  -20.580 1.043   1.00 38.36 ? 168 ASP B CG  1 
ATOM   915  O  OD1 . ASP B 1 26 ? -1.905  -20.290 0.572   1.00 38.60 ? 168 ASP B OD1 1 
ATOM   916  O  OD2 . ASP B 1 26 ? -3.248  -21.549 1.808   1.00 40.07 ? 168 ASP B OD2 1 
ATOM   917  N  N   . GLU B 1 27 ? -5.924  -17.169 -0.061  1.00 35.75 ? 169 GLU B N   1 
ATOM   918  C  CA  . GLU B 1 27 ? -7.070  -16.523 -0.664  1.00 36.08 ? 169 GLU B CA  1 
ATOM   919  C  C   . GLU B 1 27 ? -6.746  -15.393 -1.644  1.00 35.88 ? 169 GLU B C   1 
ATOM   920  O  O   . GLU B 1 27 ? -7.366  -15.296 -2.711  1.00 35.53 ? 169 GLU B O   1 
ATOM   921  C  CB  . GLU B 1 27 ? -7.951  -15.976 0.439   1.00 36.50 ? 169 GLU B CB  1 
ATOM   922  C  CG  . GLU B 1 27 ? -9.125  -15.245 -0.079  1.00 37.85 ? 169 GLU B CG  1 
ATOM   923  C  CD  . GLU B 1 27 ? -10.082 -14.914 1.001   1.00 41.63 ? 169 GLU B CD  1 
ATOM   924  O  OE1 . GLU B 1 27 ? -9.633  -14.700 2.162   1.00 43.38 ? 169 GLU B OE1 1 
ATOM   925  O  OE2 . GLU B 1 27 ? -11.283 -14.894 0.680   1.00 40.61 ? 169 GLU B OE2 1 
ATOM   926  N  N   . VAL B 1 28 ? -5.789  -14.537 -1.261  1.00 35.47 ? 170 VAL B N   1 
ATOM   927  C  CA  . VAL B 1 28 ? -5.285  -13.475 -2.104  1.00 35.23 ? 170 VAL B CA  1 
ATOM   928  C  C   . VAL B 1 28 ? -4.656  -14.061 -3.359  1.00 35.41 ? 170 VAL B C   1 
ATOM   929  O  O   . VAL B 1 28 ? -4.968  -13.621 -4.474  1.00 34.80 ? 170 VAL B O   1 
ATOM   930  C  CB  . VAL B 1 28 ? -4.294  -12.550 -1.340  1.00 35.89 ? 170 VAL B CB  1 
ATOM   931  C  CG1 . VAL B 1 28 ? -3.602  -11.577 -2.288  1.00 36.01 ? 170 VAL B CG1 1 
ATOM   932  C  CG2 . VAL B 1 28 ? -5.033  -11.804 -0.182  1.00 34.52 ? 170 VAL B CG2 1 
ATOM   933  N  N   . SER B 1 29 ? -3.777  -15.053 -3.190  1.00 36.02 ? 171 SER B N   1 
ATOM   934  C  CA  . SER B 1 29 ? -3.115  -15.685 -4.345  1.00 37.48 ? 171 SER B CA  1 
ATOM   935  C  C   . SER B 1 29 ? -4.138  -16.301 -5.301  1.00 36.73 ? 171 SER B C   1 
ATOM   936  O  O   . SER B 1 29 ? -4.027  -16.104 -6.491  1.00 37.14 ? 171 SER B O   1 
ATOM   937  C  CB  . SER B 1 29 ? -2.095  -16.753 -3.912  1.00 37.48 ? 171 SER B CB  1 
ATOM   938  O  OG  . SER B 1 29 ? -1.110  -16.119 -3.115  1.00 41.46 ? 171 SER B OG  1 
ATOM   939  N  N   . LEU B 1 30 ? -5.127  -17.020 -4.775  1.00 35.66 ? 172 LEU B N   1 
ATOM   940  C  CA  . LEU B 1 30 ? -6.168  -17.630 -5.606  1.00 36.18 ? 172 LEU B CA  1 
ATOM   941  C  C   . LEU B 1 30 ? -6.899  -16.600 -6.483  1.00 35.84 ? 172 LEU B C   1 
ATOM   942  O  O   . LEU B 1 30 ? -7.108  -16.820 -7.678  1.00 35.45 ? 172 LEU B O   1 
ATOM   943  C  CB  . LEU B 1 30 ? -7.186  -18.357 -4.712  1.00 35.59 ? 172 LEU B CB  1 
ATOM   944  C  CG  . LEU B 1 30 ? -8.162  -19.257 -5.440  1.00 39.23 ? 172 LEU B CG  1 
ATOM   945  C  CD1 . LEU B 1 30 ? -7.377  -20.508 -5.847  1.00 42.64 ? 172 LEU B CD1 1 
ATOM   946  C  CD2 . LEU B 1 30 ? -9.370  -19.671 -4.552  1.00 38.39 ? 172 LEU B CD2 1 
ATOM   947  N  N   . LEU B 1 31 ? -7.284  -15.470 -5.894  1.00 35.37 ? 173 LEU B N   1 
ATOM   948  C  CA  . LEU B 1 31 ? -7.954  -14.405 -6.662  1.00 35.36 ? 173 LEU B CA  1 
ATOM   949  C  C   . LEU B 1 31 ? -7.062  -13.810 -7.736  1.00 35.56 ? 173 LEU B C   1 
ATOM   950  O  O   . LEU B 1 31 ? -7.529  -13.502 -8.842  1.00 35.87 ? 173 LEU B O   1 
ATOM   951  C  CB  . LEU B 1 31 ? -8.447  -13.283 -5.745  1.00 35.10 ? 173 LEU B CB  1 
ATOM   952  C  CG  . LEU B 1 31 ? -9.633  -13.584 -4.835  1.00 36.18 ? 173 LEU B CG  1 
ATOM   953  C  CD1 . LEU B 1 31 ? -9.688  -12.515 -3.706  1.00 31.95 ? 173 LEU B CD1 1 
ATOM   954  C  CD2 . LEU B 1 31 ? -10.958 -13.695 -5.607  1.00 32.42 ? 173 LEU B CD2 1 
ATOM   955  N  N   . LEU B 1 32 ? -5.793  -13.626 -7.391  1.00 34.97 ? 174 LEU B N   1 
ATOM   956  C  CA  . LEU B 1 32 ? -4.770  -13.165 -8.339  1.00 34.97 ? 174 LEU B CA  1 
ATOM   957  C  C   . LEU B 1 32 ? -4.588  -14.169 -9.470  1.00 35.25 ? 174 LEU B C   1 
ATOM   958  O  O   . LEU B 1 32 ? -4.531  -13.780 -10.612 1.00 34.55 ? 174 LEU B O   1 
ATOM   959  C  CB  . LEU B 1 32 ? -3.433  -12.924 -7.636  1.00 33.85 ? 174 LEU B CB  1 
ATOM   960  C  CG  . LEU B 1 32 ? -3.362  -11.748 -6.647  1.00 35.14 ? 174 LEU B CG  1 
ATOM   961  C  CD1 . LEU B 1 32 ? -2.019  -11.773 -5.861  1.00 33.60 ? 174 LEU B CD1 1 
ATOM   962  C  CD2 . LEU B 1 32 ? -3.496  -10.429 -7.398  1.00 34.91 ? 174 LEU B CD2 1 
ATOM   963  N  N   . GLU B 1 33 ? -4.537  -15.464 -9.147  1.00 35.89 ? 175 GLU B N   1 
ATOM   964  C  CA  A GLU B 1 33 ? -4.373  -16.522 -10.133 0.50 36.89 ? 175 GLU B CA  1 
ATOM   965  C  CA  B GLU B 1 33 ? -4.360  -16.457 -10.192 0.50 36.08 ? 175 GLU B CA  1 
ATOM   966  C  C   . GLU B 1 33 ? -5.603  -16.584 -11.077 1.00 35.93 ? 175 GLU B C   1 
ATOM   967  O  O   . GLU B 1 33 ? -5.476  -16.782 -12.271 1.00 35.50 ? 175 GLU B O   1 
ATOM   968  C  CB  A GLU B 1 33 ? -4.074  -17.859 -9.417  0.50 37.26 ? 175 GLU B CB  1 
ATOM   969  C  CB  B GLU B 1 33 ? -3.888  -17.798 -9.636  0.50 36.82 ? 175 GLU B CB  1 
ATOM   970  C  CG  A GLU B 1 33 ? -2.716  -17.864 -8.625  0.50 39.57 ? 175 GLU B CG  1 
ATOM   971  C  CG  B GLU B 1 33 ? -2.487  -17.748 -8.997  0.50 38.20 ? 175 GLU B CG  1 
ATOM   972  C  CD  A GLU B 1 33 ? -2.504  -19.067 -7.656  0.50 39.92 ? 175 GLU B CD  1 
ATOM   973  C  CD  B GLU B 1 33 ? -1.393  -17.338 -9.954  0.50 39.31 ? 175 GLU B CD  1 
ATOM   974  O  OE1 A GLU B 1 33 ? -3.472  -19.580 -7.037  0.50 43.12 ? 175 GLU B OE1 1 
ATOM   975  O  OE1 B GLU B 1 33 ? -1.440  -17.733 -11.141 0.50 40.09 ? 175 GLU B OE1 1 
ATOM   976  O  OE2 A GLU B 1 33 ? -1.330  -19.482 -7.487  0.50 42.27 ? 175 GLU B OE2 1 
ATOM   977  O  OE2 B GLU B 1 33 ? -0.473  -16.618 -9.505  0.50 41.36 ? 175 GLU B OE2 1 
ATOM   978  N  N   . GLN B 1 34 ? -6.790  -16.379 -10.517 1.00 35.62 ? 176 GLN B N   1 
ATOM   979  C  CA  . GLN B 1 34 ? -8.017  -16.321 -11.302 1.00 36.03 ? 176 GLN B CA  1 
ATOM   980  C  C   . GLN B 1 34 ? -8.035  -15.122 -12.217 1.00 35.36 ? 176 GLN B C   1 
ATOM   981  O  O   . GLN B 1 34 ? -8.502  -15.227 -13.336 1.00 34.13 ? 176 GLN B O   1 
ATOM   982  C  CB  . GLN B 1 34 ? -9.244  -16.178 -10.421 1.00 36.91 ? 176 GLN B CB  1 
ATOM   983  C  CG  . GLN B 1 34 ? -9.749  -17.387 -9.774  1.00 41.89 ? 176 GLN B CG  1 
ATOM   984  C  CD  . GLN B 1 34 ? -10.748 -16.996 -8.722  1.00 47.68 ? 176 GLN B CD  1 
ATOM   985  O  OE1 . GLN B 1 34 ? -10.413 -16.932 -7.535  1.00 51.02 ? 176 GLN B OE1 1 
ATOM   986  N  NE2 . GLN B 1 34 ? -11.969 -16.663 -9.153  1.00 48.64 ? 176 GLN B NE2 1 
ATOM   987  N  N   . ALA B 1 35 ? -7.573  -13.975 -11.718 1.00 34.37 ? 177 ALA B N   1 
ATOM   988  C  CA  . ALA B 1 35 ? -7.514  -12.768 -12.541 1.00 34.83 ? 177 ALA B CA  1 
ATOM   989  C  C   . ALA B 1 35 ? -6.552  -13.019 -13.712 1.00 35.47 ? 177 ALA B C   1 
ATOM   990  O  O   . ALA B 1 35 ? -6.869  -12.681 -14.853 1.00 35.54 ? 177 ALA B O   1 
ATOM   991  C  CB  . ALA B 1 35 ? -7.066  -11.531 -11.694 1.00 33.88 ? 177 ALA B CB  1 
ATOM   992  N  N   . LEU B 1 36 ? -5.406  -13.654 -13.436 1.00 35.10 ? 178 LEU B N   1 
ATOM   993  C  CA  . LEU B 1 36 ? -4.377  -13.849 -14.473 1.00 35.28 ? 178 LEU B CA  1 
ATOM   994  C  C   . LEU B 1 36 ? -4.782  -14.904 -15.506 1.00 35.07 ? 178 LEU B C   1 
ATOM   995  O  O   . LEU B 1 36 ? -4.321  -14.852 -16.642 1.00 34.64 ? 178 LEU B O   1 
ATOM   996  C  CB  . LEU B 1 36 ? -3.007  -14.184 -13.868 1.00 34.86 ? 178 LEU B CB  1 
ATOM   997  C  CG  . LEU B 1 36 ? -2.410  -13.016 -13.062 1.00 36.63 ? 178 LEU B CG  1 
ATOM   998  C  CD1 . LEU B 1 36 ? -1.176  -13.481 -12.309 1.00 35.64 ? 178 LEU B CD1 1 
ATOM   999  C  CD2 . LEU B 1 36 ? -2.100  -11.826 -14.044 1.00 32.89 ? 178 LEU B CD2 1 
ATOM   1000 N  N   . GLN B 1 37 ? -5.646  -15.841 -15.117 1.00 35.31 ? 179 GLN B N   1 
ATOM   1001 C  CA  . GLN B 1 37 ? -6.241  -16.770 -16.094 1.00 36.35 ? 179 GLN B CA  1 
ATOM   1002 C  C   . GLN B 1 37 ? -7.149  -16.076 -17.107 1.00 36.40 ? 179 GLN B C   1 
ATOM   1003 O  O   . GLN B 1 37 ? -7.212  -16.480 -18.274 1.00 36.87 ? 179 GLN B O   1 
ATOM   1004 C  CB  . GLN B 1 37 ? -6.987  -17.916 -15.408 1.00 36.78 ? 179 GLN B CB  1 
ATOM   1005 C  CG  . GLN B 1 37 ? -6.052  -18.837 -14.697 1.00 39.42 ? 179 GLN B CG  1 
ATOM   1006 C  CD  . GLN B 1 37 ? -6.370  -20.277 -14.932 1.00 44.68 ? 179 GLN B CD  1 
ATOM   1007 O  OE1 . GLN B 1 37 ? -7.130  -20.874 -14.178 1.00 47.84 ? 179 GLN B OE1 1 
ATOM   1008 N  NE2 . GLN B 1 37 ? -5.783  -20.858 -15.977 1.00 44.70 ? 179 GLN B NE2 1 
ATOM   1009 N  N   . LEU B 1 38 ? -7.856  -15.047 -16.661 1.00 36.37 ? 180 LEU B N   1 
ATOM   1010 C  CA  . LEU B 1 38 ? -8.672  -14.234 -17.553 1.00 37.00 ? 180 LEU B CA  1 
ATOM   1011 C  C   . LEU B 1 38 ? -7.816  -13.297 -18.421 1.00 37.70 ? 180 LEU B C   1 
ATOM   1012 O  O   . LEU B 1 38 ? -8.056  -13.174 -19.643 1.00 36.98 ? 180 LEU B O   1 
ATOM   1013 C  CB  . LEU B 1 38 ? -9.745  -13.460 -16.766 1.00 37.16 ? 180 LEU B CB  1 
ATOM   1014 C  CG  . LEU B 1 38 ? -10.834 -14.312 -16.083 1.00 36.04 ? 180 LEU B CG  1 
ATOM   1015 C  CD1 . LEU B 1 38 ? -11.719 -13.469 -15.202 1.00 34.02 ? 180 LEU B CD1 1 
ATOM   1016 C  CD2 . LEU B 1 38 ? -11.693 -15.146 -17.110 1.00 35.76 ? 180 LEU B CD2 1 
ATOM   1017 N  N   . GLU B 1 39 ? -6.809  -12.684 -17.786 1.00 37.86 ? 181 GLU B N   1 
ATOM   1018 C  CA  . GLU B 1 39 ? -5.940  -11.676 -18.388 1.00 39.33 ? 181 GLU B CA  1 
ATOM   1019 C  C   . GLU B 1 39 ? -4.521  -11.892 -17.882 1.00 39.89 ? 181 GLU B C   1 
ATOM   1020 O  O   . GLU B 1 39 ? -4.193  -11.445 -16.772 1.00 39.44 ? 181 GLU B O   1 
ATOM   1021 C  CB  . GLU B 1 39 ? -6.392  -10.259 -17.990 1.00 38.81 ? 181 GLU B CB  1 
ATOM   1022 C  CG  . GLU B 1 39 ? -7.648  -9.790  -18.718 1.00 40.36 ? 181 GLU B CG  1 
ATOM   1023 C  CD  . GLU B 1 39 ? -8.224  -8.466  -18.207 1.00 41.18 ? 181 GLU B CD  1 
ATOM   1024 O  OE1 . GLU B 1 39 ? -7.470  -7.599  -17.697 1.00 41.91 ? 181 GLU B OE1 1 
ATOM   1025 O  OE2 . GLU B 1 39 ? -9.464  -8.307  -18.317 1.00 45.22 ? 181 GLU B OE2 1 
ATOM   1026 N  N   . PRO B 1 40 ? -3.688  -12.601 -18.675 1.00 40.28 ? 182 PRO B N   1 
ATOM   1027 C  CA  . PRO B 1 40 ? -2.321  -12.975 -18.326 1.00 40.16 ? 182 PRO B CA  1 
ATOM   1028 C  C   . PRO B 1 40 ? -1.406  -11.802 -17.996 1.00 40.00 ? 182 PRO B C   1 
ATOM   1029 O  O   . PRO B 1 40 ? -0.421  -11.989 -17.276 1.00 39.44 ? 182 PRO B O   1 
ATOM   1030 C  CB  . PRO B 1 40 ? -1.827  -13.701 -19.599 1.00 39.88 ? 182 PRO B CB  1 
ATOM   1031 C  CG  . PRO B 1 40 ? -3.074  -14.246 -20.201 1.00 40.64 ? 182 PRO B CG  1 
ATOM   1032 C  CD  . PRO B 1 40 ? -4.071  -13.150 -19.992 1.00 40.70 ? 182 PRO B CD  1 
ATOM   1033 N  N   . TYR B 1 41 ? -1.722  -10.620 -18.532 1.00 39.82 ? 183 TYR B N   1 
ATOM   1034 C  CA  . TYR B 1 41 ? -0.909  -9.448  -18.298 1.00 40.17 ? 183 TYR B CA  1 
ATOM   1035 C  C   . TYR B 1 41 ? -1.691  -8.401  -17.533 1.00 40.18 ? 183 TYR B C   1 
ATOM   1036 O  O   . TYR B 1 41 ? -1.382  -7.217  -17.639 1.00 39.21 ? 183 TYR B O   1 
ATOM   1037 C  CB  . TYR B 1 41 ? -0.335  -8.887  -19.627 1.00 41.97 ? 183 TYR B CB  1 
ATOM   1038 C  CG  . TYR B 1 41 ? 0.367   -9.955  -20.433 1.00 42.02 ? 183 TYR B CG  1 
ATOM   1039 C  CD1 . TYR B 1 41 ? 1.605   -10.431 -20.026 1.00 42.28 ? 183 TYR B CD1 1 
ATOM   1040 C  CD2 . TYR B 1 41 ? -0.240  -10.544 -21.546 1.00 42.97 ? 183 TYR B CD2 1 
ATOM   1041 C  CE1 . TYR B 1 41 ? 2.250   -11.449 -20.709 1.00 43.01 ? 183 TYR B CE1 1 
ATOM   1042 C  CE2 . TYR B 1 41 ? 0.405   -11.582 -22.261 1.00 44.39 ? 183 TYR B CE2 1 
ATOM   1043 C  CZ  . TYR B 1 41 ? 1.662   -12.018 -21.817 1.00 43.22 ? 183 TYR B CZ  1 
ATOM   1044 O  OH  . TYR B 1 41 ? 2.345   -13.014 -22.455 1.00 44.90 ? 183 TYR B OH  1 
ATOM   1045 N  N   . ASN B 1 42 ? -2.684  -8.839  -16.737 1.00 39.14 ? 184 ASN B N   1 
ATOM   1046 C  CA  . ASN B 1 42 ? -3.467  -7.905  -15.935 1.00 38.91 ? 184 ASN B CA  1 
ATOM   1047 C  C   . ASN B 1 42 ? -2.558  -7.036  -15.031 1.00 39.16 ? 184 ASN B C   1 
ATOM   1048 O  O   . ASN B 1 42 ? -1.774  -7.557  -14.232 1.00 39.18 ? 184 ASN B O   1 
ATOM   1049 C  CB  . ASN B 1 42 ? -4.501  -8.641  -15.083 1.00 38.66 ? 184 ASN B CB  1 
ATOM   1050 C  CG  . ASN B 1 42 ? -5.403  -7.703  -14.343 1.00 36.82 ? 184 ASN B CG  1 
ATOM   1051 O  OD1 . ASN B 1 42 ? -5.127  -7.339  -13.209 1.00 36.73 ? 184 ASN B OD1 1 
ATOM   1052 N  ND2 . ASN B 1 42 ? -6.487  -7.290  -14.976 1.00 37.00 ? 184 ASN B ND2 1 
ATOM   1053 N  N   . GLU B 1 43 ? -2.681  -5.720  -15.182 1.00 38.68 ? 185 GLU B N   1 
ATOM   1054 C  CA  . GLU B 1 43 ? -1.810  -4.758  -14.523 1.00 39.20 ? 185 GLU B CA  1 
ATOM   1055 C  C   . GLU B 1 43 ? -2.008  -4.715  -12.996 1.00 38.16 ? 185 GLU B C   1 
ATOM   1056 O  O   . GLU B 1 43 ? -1.026  -4.730  -12.245 1.00 37.79 ? 185 GLU B O   1 
ATOM   1057 C  CB  . GLU B 1 43 ? -2.015  -3.357  -15.147 1.00 38.68 ? 185 GLU B CB  1 
ATOM   1058 C  CG  . GLU B 1 43 ? -1.145  -2.246  -14.533 1.00 39.97 ? 185 GLU B CG  1 
ATOM   1059 C  CD  . GLU B 1 43 ? -1.356  -0.884  -15.196 1.00 41.94 ? 185 GLU B CD  1 
ATOM   1060 O  OE1 . GLU B 1 43 ? -2.045  -0.806  -16.251 1.00 42.97 ? 185 GLU B OE1 1 
ATOM   1061 O  OE2 . GLU B 1 43 ? -0.830  0.118   -14.648 1.00 44.87 ? 185 GLU B OE2 1 
ATOM   1062 N  N   . ALA B 1 44 ? -3.264  -4.623  -12.547 1.00 37.14 ? 186 ALA B N   1 
ATOM   1063 C  CA  . ALA B 1 44 ? -3.554  -4.627  -11.114 1.00 36.23 ? 186 ALA B CA  1 
ATOM   1064 C  C   . ALA B 1 44 ? -2.998  -5.883  -10.418 1.00 36.08 ? 186 ALA B C   1 
ATOM   1065 O  O   . ALA B 1 44 ? -2.412  -5.801  -9.337  1.00 34.77 ? 186 ALA B O   1 
ATOM   1066 C  CB  . ALA B 1 44 ? -5.070  -4.488  -10.865 1.00 35.87 ? 186 ALA B CB  1 
ATOM   1067 N  N   . ALA B 1 45 ? -3.222  -7.053  -11.021 1.00 35.47 ? 187 ALA B N   1 
ATOM   1068 C  CA  . ALA B 1 45 ? -2.711  -8.312  -10.462 1.00 34.90 ? 187 ALA B CA  1 
ATOM   1069 C  C   . ALA B 1 45 ? -1.174  -8.351  -10.429 1.00 34.95 ? 187 ALA B C   1 
ATOM   1070 O  O   . ALA B 1 45 ? -0.572  -8.577  -9.383  1.00 34.49 ? 187 ALA B O   1 
ATOM   1071 C  CB  . ALA B 1 45 ? -3.257  -9.514  -11.245 1.00 33.42 ? 187 ALA B CB  1 
ATOM   1072 N  N   . LEU B 1 46 ? -0.550  -8.132  -11.574 1.00 35.38 ? 188 LEU B N   1 
ATOM   1073 C  CA  . LEU B 1 46 ? 0.899   -8.215  -11.651 1.00 36.92 ? 188 LEU B CA  1 
ATOM   1074 C  C   . LEU B 1 46 ? 1.604   -7.093  -10.863 1.00 37.21 ? 188 LEU B C   1 
ATOM   1075 O  O   . LEU B 1 46 ? 2.663   -7.328  -10.302 1.00 37.34 ? 188 LEU B O   1 
ATOM   1076 C  CB  . LEU B 1 46 ? 1.360   -8.241  -13.114 1.00 36.76 ? 188 LEU B CB  1 
ATOM   1077 C  CG  . LEU B 1 46 ? 0.993   -9.493  -13.935 1.00 37.46 ? 188 LEU B CG  1 
ATOM   1078 C  CD1 . LEU B 1 46 ? 1.588   -9.361  -15.362 1.00 35.38 ? 188 LEU B CD1 1 
ATOM   1079 C  CD2 . LEU B 1 46 ? 1.538   -10.755 -13.273 1.00 37.69 ? 188 LEU B CD2 1 
ATOM   1080 N  N   . SER B 1 47 ? 1.030   -5.888  -10.807 1.00 37.93 ? 189 SER B N   1 
ATOM   1081 C  CA  . SER B 1 47 ? 1.614   -4.820  -9.956  1.00 39.66 ? 189 SER B CA  1 
ATOM   1082 C  C   . SER B 1 47 ? 1.631   -5.199  -8.491  1.00 38.77 ? 189 SER B C   1 
ATOM   1083 O  O   . SER B 1 47 ? 2.637   -5.005  -7.808  1.00 38.93 ? 189 SER B O   1 
ATOM   1084 C  CB  . SER B 1 47 ? 0.874   -3.464  -10.084 1.00 40.01 ? 189 SER B CB  1 
ATOM   1085 O  OG  . SER B 1 47 ? 0.961   -3.051  -11.425 1.00 48.45 ? 189 SER B OG  1 
ATOM   1086 N  N   . LEU B 1 48 ? 0.496   -5.670  -7.991  1.00 38.02 ? 190 LEU B N   1 
ATOM   1087 C  CA  . LEU B 1 48 ? 0.436   -6.159  -6.608  1.00 37.52 ? 190 LEU B CA  1 
ATOM   1088 C  C   . LEU B 1 48 ? 1.523   -7.232  -6.318  1.00 37.18 ? 190 LEU B C   1 
ATOM   1089 O  O   . LEU B 1 48 ? 2.232   -7.161  -5.322  1.00 37.79 ? 190 LEU B O   1 
ATOM   1090 C  CB  . LEU B 1 48 ? -0.954  -6.710  -6.278  1.00 36.78 ? 190 LEU B CB  1 
ATOM   1091 C  CG  . LEU B 1 48 ? -1.093  -7.304  -4.872  1.00 37.45 ? 190 LEU B CG  1 
ATOM   1092 C  CD1 . LEU B 1 48 ? -0.716  -6.261  -3.803  1.00 38.81 ? 190 LEU B CD1 1 
ATOM   1093 C  CD2 . LEU B 1 48 ? -2.490  -7.854  -4.579  1.00 35.83 ? 190 LEU B CD2 1 
ATOM   1094 N  N   . ILE B 1 49 ? 1.625   -8.225  -7.176  1.00 36.09 ? 191 ILE B N   1 
ATOM   1095 C  CA  . ILE B 1 49 ? 2.605   -9.277  -6.993  1.00 35.77 ? 191 ILE B CA  1 
ATOM   1096 C  C   . ILE B 1 49 ? 4.024   -8.702  -7.024  1.00 35.86 ? 191 ILE B C   1 
ATOM   1097 O  O   . ILE B 1 49 ? 4.803   -8.986  -6.127  1.00 36.11 ? 191 ILE B O   1 
ATOM   1098 C  CB  . ILE B 1 49 ? 2.429   -10.395 -8.063  1.00 35.13 ? 191 ILE B CB  1 
ATOM   1099 C  CG1 . ILE B 1 49 ? 1.050   -11.076 -7.895  1.00 35.13 ? 191 ILE B CG1 1 
ATOM   1100 C  CG2 . ILE B 1 49 ? 3.577   -11.434 -7.992  1.00 34.71 ? 191 ILE B CG2 1 
ATOM   1101 C  CD1 . ILE B 1 49 ? 0.670   -12.022 -9.052  1.00 34.36 ? 191 ILE B CD1 1 
ATOM   1102 N  N   . ALA B 1 50 ? 4.330   -7.878  -8.031  1.00 35.80 ? 192 ALA B N   1 
ATOM   1103 C  CA  . ALA B 1 50 ? 5.683   -7.283  -8.174  1.00 36.61 ? 192 ALA B CA  1 
ATOM   1104 C  C   . ALA B 1 50 ? 6.002   -6.392  -6.966  1.00 36.56 ? 192 ALA B C   1 
ATOM   1105 O  O   . ALA B 1 50 ? 7.089   -6.494  -6.397  1.00 36.48 ? 192 ALA B O   1 
ATOM   1106 C  CB  . ALA B 1 50 ? 5.776   -6.480  -9.455  1.00 36.47 ? 192 ALA B CB  1 
ATOM   1107 N  N   . ASN B 1 51 ? 5.046   -5.544  -6.566  1.00 35.56 ? 193 ASN B N   1 
ATOM   1108 C  CA  . ASN B 1 51 ? 5.233   -4.617  -5.446  1.00 36.40 ? 193 ASN B CA  1 
ATOM   1109 C  C   . ASN B 1 51 ? 5.480   -5.342  -4.124  1.00 36.29 ? 193 ASN B C   1 
ATOM   1110 O  O   . ASN B 1 51 ? 6.270   -4.887  -3.289  1.00 36.15 ? 193 ASN B O   1 
ATOM   1111 C  CB  . ASN B 1 51 ? 4.007   -3.668  -5.264  1.00 35.68 ? 193 ASN B CB  1 
ATOM   1112 C  CG  . ASN B 1 51 ? 3.920   -2.608  -6.373  1.00 38.10 ? 193 ASN B CG  1 
ATOM   1113 O  OD1 . ASN B 1 51 ? 4.796   -2.526  -7.245  1.00 37.61 ? 193 ASN B OD1 1 
ATOM   1114 N  ND2 . ASN B 1 51 ? 2.884   -1.768  -6.317  1.00 38.35 ? 193 ASN B ND2 1 
ATOM   1115 N  N   . ASP B 1 52 ? 4.757   -6.443  -3.933  1.00 36.30 ? 194 ASP B N   1 
ATOM   1116 C  CA  . ASP B 1 52 ? 4.861   -7.249  -2.736  1.00 36.00 ? 194 ASP B CA  1 
ATOM   1117 C  C   . ASP B 1 52 ? 6.275   -7.884  -2.669  1.00 35.78 ? 194 ASP B C   1 
ATOM   1118 O  O   . ASP B 1 52 ? 6.910   -7.885  -1.605  1.00 34.92 ? 194 ASP B O   1 
ATOM   1119 C  CB  . ASP B 1 52 ? 3.759   -8.327  -2.729  1.00 35.83 ? 194 ASP B CB  1 
ATOM   1120 C  CG  . ASP B 1 52 ? 3.895   -9.295  -1.564  1.00 36.85 ? 194 ASP B CG  1 
ATOM   1121 O  OD1 . ASP B 1 52 ? 3.723   -8.861  -0.419  1.00 35.12 ? 194 ASP B OD1 1 
ATOM   1122 O  OD2 . ASP B 1 52 ? 4.189   -10.490 -1.780  1.00 38.83 ? 194 ASP B OD2 1 
ATOM   1123 N  N   . HIS B 1 53 ? 6.739   -8.444  -3.794  1.00 35.09 ? 195 HIS B N   1 
ATOM   1124 C  CA  . HIS B 1 53 ? 8.117   -8.961  -3.877  1.00 34.47 ? 195 HIS B CA  1 
ATOM   1125 C  C   . HIS B 1 53 ? 9.119   -7.876  -3.488  1.00 34.84 ? 195 HIS B C   1 
ATOM   1126 O  O   . HIS B 1 53 ? 9.978   -8.114  -2.652  1.00 35.10 ? 195 HIS B O   1 
ATOM   1127 C  CB  . HIS B 1 53 ? 8.444   -9.435  -5.291  1.00 34.10 ? 195 HIS B CB  1 
ATOM   1128 C  CG  . HIS B 1 53 ? 7.812   -10.739 -5.656  1.00 34.17 ? 195 HIS B CG  1 
ATOM   1129 N  ND1 . HIS B 1 53 ? 7.914   -11.862 -4.866  1.00 35.60 ? 195 HIS B ND1 1 
ATOM   1130 C  CD2 . HIS B 1 53 ? 7.098   -11.110 -6.749  1.00 36.16 ? 195 HIS B CD2 1 
ATOM   1131 C  CE1 . HIS B 1 53 ? 7.292   -12.874 -5.456  1.00 34.75 ? 195 HIS B CE1 1 
ATOM   1132 N  NE2 . HIS B 1 53 ? 6.786   -12.440 -6.599  1.00 34.61 ? 195 HIS B NE2 1 
ATOM   1133 N  N   . PHE B 1 54 ? 8.981   -6.690  -4.099  1.00 34.62 ? 196 PHE B N   1 
ATOM   1134 C  CA  . PHE B 1 54 ? 9.863   -5.529  -3.880  1.00 34.62 ? 196 PHE B CA  1 
ATOM   1135 C  C   . PHE B 1 54 ? 9.945   -5.131  -2.403  1.00 34.72 ? 196 PHE B C   1 
ATOM   1136 O  O   . PHE B 1 54 ? 11.041  -5.069  -1.860  1.00 34.57 ? 196 PHE B O   1 
ATOM   1137 C  CB  . PHE B 1 54 ? 9.399   -4.337  -4.739  1.00 34.82 ? 196 PHE B CB  1 
ATOM   1138 C  CG  . PHE B 1 54 ? 10.284  -3.131  -4.653  1.00 35.66 ? 196 PHE B CG  1 
ATOM   1139 C  CD1 . PHE B 1 54 ? 11.382  -3.013  -5.483  1.00 35.36 ? 196 PHE B CD1 1 
ATOM   1140 C  CD2 . PHE B 1 54 ? 10.004  -2.096  -3.757  1.00 36.11 ? 196 PHE B CD2 1 
ATOM   1141 C  CE1 . PHE B 1 54 ? 12.225  -1.885  -5.413  1.00 35.49 ? 196 PHE B CE1 1 
ATOM   1142 C  CE2 . PHE B 1 54 ? 10.836  -0.963  -3.685  1.00 35.16 ? 196 PHE B CE2 1 
ATOM   1143 C  CZ  . PHE B 1 54 ? 11.938  -0.865  -4.517  1.00 34.04 ? 196 PHE B CZ  1 
ATOM   1144 N  N   . ILE B 1 55 ? 8.796   -4.923  -1.737  1.00 34.86 ? 197 ILE B N   1 
ATOM   1145 C  CA  . ILE B 1 55 ? 8.807   -4.482  -0.340  1.00 34.64 ? 197 ILE B CA  1 
ATOM   1146 C  C   . ILE B 1 55 ? 9.194   -5.619  0.632   1.00 35.62 ? 197 ILE B C   1 
ATOM   1147 O  O   . ILE B 1 55 ? 9.485   -5.374  1.797   1.00 35.10 ? 197 ILE B O   1 
ATOM   1148 C  CB  . ILE B 1 55 ? 7.471   -3.817  0.089   1.00 35.55 ? 197 ILE B CB  1 
ATOM   1149 C  CG1 . ILE B 1 55 ? 6.328   -4.851  0.093   1.00 33.74 ? 197 ILE B CG1 1 
ATOM   1150 C  CG2 . ILE B 1 55 ? 7.164   -2.573  -0.838  1.00 35.45 ? 197 ILE B CG2 1 
ATOM   1151 C  CD1 . ILE B 1 55 ? 5.176   -4.493  1.022   1.00 37.80 ? 197 ILE B CD1 1 
ATOM   1152 N  N   . SER B 1 56 ? 9.189   -6.850  0.129   1.00 35.76 ? 198 SER B N   1 
ATOM   1153 C  CA  . SER B 1 56 ? 9.671   -8.024  0.851   1.00 36.82 ? 198 SER B CA  1 
ATOM   1154 C  C   . SER B 1 56 ? 11.153  -8.275  0.532   1.00 37.31 ? 198 SER B C   1 
ATOM   1155 O  O   . SER B 1 56 ? 11.704  -9.285  0.949   1.00 37.89 ? 198 SER B O   1 
ATOM   1156 C  CB  . SER B 1 56 ? 8.878   -9.275  0.429   1.00 36.70 ? 198 SER B CB  1 
ATOM   1157 O  OG  . SER B 1 56 ? 7.506   -9.168  0.787   1.00 37.66 ? 198 SER B OG  1 
ATOM   1158 N  N   . PHE B 1 57 ? 11.781  -7.367  -0.216  1.00 37.52 ? 199 PHE B N   1 
ATOM   1159 C  CA  . PHE B 1 57 ? 13.206  -7.464  -0.592  1.00 37.69 ? 199 PHE B CA  1 
ATOM   1160 C  C   . PHE B 1 57 ? 13.501  -8.676  -1.482  1.00 37.51 ? 199 PHE B C   1 
ATOM   1161 O  O   . PHE B 1 57 ? 14.649  -9.156  -1.544  1.00 35.83 ? 199 PHE B O   1 
ATOM   1162 C  CB  . PHE B 1 57 ? 14.133  -7.485  0.633   1.00 38.94 ? 199 PHE B CB  1 
ATOM   1163 C  CG  . PHE B 1 57 ? 13.815  -6.435  1.663   1.00 39.79 ? 199 PHE B CG  1 
ATOM   1164 C  CD1 . PHE B 1 57 ? 14.220  -5.119  1.484   1.00 42.83 ? 199 PHE B CD1 1 
ATOM   1165 C  CD2 . PHE B 1 57 ? 13.159  -6.771  2.824   1.00 42.15 ? 199 PHE B CD2 1 
ATOM   1166 C  CE1 . PHE B 1 57 ? 13.937  -4.147  2.441   1.00 42.21 ? 199 PHE B CE1 1 
ATOM   1167 C  CE2 . PHE B 1 57 ? 12.867  -5.802  3.781   1.00 43.71 ? 199 PHE B CE2 1 
ATOM   1168 C  CZ  . PHE B 1 57 ? 13.265  -4.490  3.579   1.00 41.96 ? 199 PHE B CZ  1 
ATOM   1169 N  N   . ARG B 1 58 ? 12.463  -9.167  -2.164  1.00 37.12 ? 200 ARG B N   1 
ATOM   1170 C  CA  . ARG B 1 58 ? 12.638  -10.229 -3.176  1.00 37.90 ? 200 ARG B CA  1 
ATOM   1171 C  C   . ARG B 1 58 ? 12.828  -9.539  -4.521  1.00 37.43 ? 200 ARG B C   1 
ATOM   1172 O  O   . ARG B 1 58 ? 11.952  -9.586  -5.397  1.00 37.47 ? 200 ARG B O   1 
ATOM   1173 C  CB  . ARG B 1 58 ? 11.442  -11.196 -3.168  1.00 37.00 ? 200 ARG B CB  1 
ATOM   1174 C  CG  . ARG B 1 58 ? 11.495  -12.178 -1.998  1.00 38.51 ? 200 ARG B CG  1 
ATOM   1175 C  CD  . ARG B 1 58 ? 10.418  -13.262 -2.075  1.00 38.60 ? 200 ARG B CD  1 
ATOM   1176 N  NE  . ARG B 1 58 ? 9.088   -12.676 -2.257  1.00 37.29 ? 200 ARG B NE  1 
ATOM   1177 C  CZ  . ARG B 1 58 ? 8.199   -12.439 -1.296  1.00 37.96 ? 200 ARG B CZ  1 
ATOM   1178 N  NH1 . ARG B 1 58 ? 8.451   -12.755 -0.032  1.00 35.71 ? 200 ARG B NH1 1 
ATOM   1179 N  NH2 . ARG B 1 58 ? 7.020   -11.910 -1.616  1.00 34.61 ? 200 ARG B NH2 1 
ATOM   1180 N  N   . PHE B 1 59 ? 13.965  -8.855  -4.655  1.00 37.24 ? 201 PHE B N   1 
ATOM   1181 C  CA  . PHE B 1 59 ? 14.176  -7.935  -5.781  1.00 36.76 ? 201 PHE B CA  1 
ATOM   1182 C  C   . PHE B 1 59 ? 14.168  -8.615  -7.145  1.00 36.64 ? 201 PHE B C   1 
ATOM   1183 O  O   . PHE B 1 59 ? 13.567  -8.087  -8.073  1.00 36.77 ? 201 PHE B O   1 
ATOM   1184 C  CB  . PHE B 1 59 ? 15.424  -7.053  -5.578  1.00 36.12 ? 201 PHE B CB  1 
ATOM   1185 C  CG  . PHE B 1 59 ? 15.342  -6.164  -4.355  1.00 36.40 ? 201 PHE B CG  1 
ATOM   1186 C  CD1 . PHE B 1 59 ? 14.317  -5.224  -4.222  1.00 34.18 ? 201 PHE B CD1 1 
ATOM   1187 C  CD2 . PHE B 1 59 ? 16.266  -6.294  -3.325  1.00 34.98 ? 201 PHE B CD2 1 
ATOM   1188 C  CE1 . PHE B 1 59 ? 14.226  -4.418  -3.081  1.00 36.07 ? 201 PHE B CE1 1 
ATOM   1189 C  CE2 . PHE B 1 59 ? 16.190  -5.503  -2.191  1.00 34.80 ? 201 PHE B CE2 1 
ATOM   1190 C  CZ  . PHE B 1 59 ? 15.154  -4.551  -2.057  1.00 34.74 ? 201 PHE B CZ  1 
ATOM   1191 N  N   . GLN B 1 60 ? 14.812  -9.783  -7.274  1.00 36.99 ? 202 GLN B N   1 
ATOM   1192 C  CA  . GLN B 1 60 ? 14.800  -10.491 -8.572  1.00 36.84 ? 202 GLN B CA  1 
ATOM   1193 C  C   . GLN B 1 60 ? 13.386  -10.914 -8.975  1.00 36.58 ? 202 GLN B C   1 
ATOM   1194 O  O   . GLN B 1 60 ? 12.990  -10.719 -10.110 1.00 36.34 ? 202 GLN B O   1 
ATOM   1195 C  CB  . GLN B 1 60 ? 15.722  -11.711 -8.586  1.00 37.22 ? 202 GLN B CB  1 
ATOM   1196 C  CG  . GLN B 1 60 ? 15.807  -12.403 -9.963  1.00 37.47 ? 202 GLN B CG  1 
ATOM   1197 C  CD  . GLN B 1 60 ? 16.463  -11.518 -11.019 1.00 39.04 ? 202 GLN B CD  1 
ATOM   1198 O  OE1 . GLN B 1 60 ? 17.604  -11.098 -10.858 1.00 43.02 ? 202 GLN B OE1 1 
ATOM   1199 N  NE2 . GLN B 1 60 ? 15.746  -11.236 -12.096 1.00 37.44 ? 202 GLN B NE2 1 
ATOM   1200 N  N   . GLU B 1 61 ? 12.627  -11.486 -8.040  1.00 36.63 ? 203 GLU B N   1 
ATOM   1201 C  CA  . GLU B 1 61 ? 11.232  -11.810 -8.319  1.00 36.83 ? 203 GLU B CA  1 
ATOM   1202 C  C   . GLU B 1 61 ? 10.380  -10.601 -8.679  1.00 36.85 ? 203 GLU B C   1 
ATOM   1203 O  O   . GLU B 1 61 ? 9.500   -10.726 -9.518  1.00 36.45 ? 203 GLU B O   1 
ATOM   1204 C  CB  . GLU B 1 61 ? 10.603  -12.593 -7.186  1.00 37.05 ? 203 GLU B CB  1 
ATOM   1205 C  CG  . GLU B 1 61 ? 11.255  -13.951 -7.004  1.00 40.52 ? 203 GLU B CG  1 
ATOM   1206 C  CD  . GLU B 1 61 ? 10.431  -14.873 -6.175  1.00 45.31 ? 203 GLU B CD  1 
ATOM   1207 O  OE1 . GLU B 1 61 ? 10.829  -15.111 -5.020  1.00 49.34 ? 203 GLU B OE1 1 
ATOM   1208 O  OE2 . GLU B 1 61 ? 9.392   -15.377 -6.674  1.00 49.15 ? 203 GLU B OE2 1 
ATOM   1209 N  N   . ALA B 1 62 ? 10.637  -9.440  -8.051  1.00 36.32 ? 204 ALA B N   1 
ATOM   1210 C  CA  . ALA B 1 62 ? 9.947   -8.206  -8.439  1.00 36.58 ? 204 ALA B CA  1 
ATOM   1211 C  C   . ALA B 1 62 ? 10.213  -7.877  -9.915  1.00 36.46 ? 204 ALA B C   1 
ATOM   1212 O  O   . ALA B 1 62 ? 9.287   -7.544  -10.675 1.00 36.75 ? 204 ALA B O   1 
ATOM   1213 C  CB  . ALA B 1 62 ? 10.349  -7.011  -7.515  1.00 35.93 ? 204 ALA B CB  1 
ATOM   1214 N  N   . ILE B 1 63 ? 11.481  -7.971  -10.307 1.00 37.12 ? 205 ILE B N   1 
ATOM   1215 C  CA  . ILE B 1 63 ? 11.940  -7.640  -11.663 1.00 36.80 ? 205 ILE B CA  1 
ATOM   1216 C  C   . ILE B 1 63 ? 11.281  -8.578  -12.667 1.00 37.39 ? 205 ILE B C   1 
ATOM   1217 O  O   . ILE B 1 63 ? 10.664  -8.110  -13.633 1.00 37.70 ? 205 ILE B O   1 
ATOM   1218 C  CB  . ILE B 1 63 ? 13.491  -7.717  -11.765 1.00 36.98 ? 205 ILE B CB  1 
ATOM   1219 C  CG1 . ILE B 1 63 ? 14.112  -6.515  -11.047 1.00 37.38 ? 205 ILE B CG1 1 
ATOM   1220 C  CG2 . ILE B 1 63 ? 13.963  -7.772  -13.244 1.00 35.43 ? 205 ILE B CG2 1 
ATOM   1221 C  CD1 . ILE B 1 63 ? 15.549  -6.738  -10.568 1.00 36.95 ? 205 ILE B CD1 1 
ATOM   1222 N  N   . ASP B 1 64 ? 11.395  -9.888  -12.415 1.00 37.32 ? 206 ASP B N   1 
ATOM   1223 C  CA  . ASP B 1 64 ? 10.755  -10.938 -13.226 1.00 37.80 ? 206 ASP B CA  1 
ATOM   1224 C  C   . ASP B 1 64 ? 9.272   -10.682 -13.411 1.00 37.73 ? 206 ASP B C   1 
ATOM   1225 O  O   . ASP B 1 64 ? 8.755   -10.864 -14.500 1.00 37.93 ? 206 ASP B O   1 
ATOM   1226 C  CB  . ASP B 1 64 ? 10.913  -12.312 -12.582 1.00 37.79 ? 206 ASP B CB  1 
ATOM   1227 C  CG  . ASP B 1 64 ? 12.357  -12.756 -12.489 1.00 41.06 ? 206 ASP B CG  1 
ATOM   1228 O  OD1 . ASP B 1 64 ? 13.256  -12.116 -13.116 1.00 44.55 ? 206 ASP B OD1 1 
ATOM   1229 O  OD2 . ASP B 1 64 ? 12.586  -13.768 -11.792 1.00 42.27 ? 206 ASP B OD2 1 
ATOM   1230 N  N   . THR B 1 65 ? 8.586   -10.269 -12.346 1.00 37.22 ? 207 THR B N   1 
ATOM   1231 C  CA  . THR B 1 65 ? 7.149   -9.940  -12.456 1.00 37.28 ? 207 THR B CA  1 
ATOM   1232 C  C   . THR B 1 65 ? 6.881   -8.689  -13.327 1.00 36.70 ? 207 THR B C   1 
ATOM   1233 O  O   . THR B 1 65 ? 5.965   -8.685  -14.153 1.00 36.94 ? 207 THR B O   1 
ATOM   1234 C  CB  . THR B 1 65 ? 6.460   -9.802  -11.046 1.00 37.13 ? 207 THR B CB  1 
ATOM   1235 O  OG1 . THR B 1 65 ? 6.780   -10.936 -10.238 1.00 37.85 ? 207 THR B OG1 1 
ATOM   1236 C  CG2 . THR B 1 65 ? 4.935   -9.749  -11.175 1.00 35.95 ? 207 THR B CG2 1 
ATOM   1237 N  N   . TRP B 1 66 ? 7.658   -7.627  -13.129 1.00 36.83 ? 208 TRP B N   1 
ATOM   1238 C  CA  . TRP B 1 66 ? 7.553   -6.434  -13.972 1.00 36.88 ? 208 TRP B CA  1 
ATOM   1239 C  C   . TRP B 1 66 ? 7.899   -6.742  -15.441 1.00 36.77 ? 208 TRP B C   1 
ATOM   1240 O  O   . TRP B 1 66 ? 7.230   -6.245  -16.350 1.00 36.57 ? 208 TRP B O   1 
ATOM   1241 C  CB  . TRP B 1 66 ? 8.422   -5.298  -13.432 1.00 36.93 ? 208 TRP B CB  1 
ATOM   1242 C  CG  . TRP B 1 66 ? 7.789   -4.591  -12.266 1.00 38.46 ? 208 TRP B CG  1 
ATOM   1243 C  CD1 . TRP B 1 66 ? 6.463   -4.181  -12.152 1.00 37.72 ? 208 TRP B CD1 1 
ATOM   1244 C  CD2 . TRP B 1 66 ? 8.438   -4.196  -11.056 1.00 37.29 ? 208 TRP B CD2 1 
ATOM   1245 N  NE1 . TRP B 1 66 ? 6.281   -3.537  -10.940 1.00 38.65 ? 208 TRP B NE1 1 
ATOM   1246 C  CE2 . TRP B 1 66 ? 7.463   -3.555  -10.242 1.00 37.10 ? 208 TRP B CE2 1 
ATOM   1247 C  CE3 . TRP B 1 66 ? 9.754   -4.326  -10.571 1.00 39.70 ? 208 TRP B CE3 1 
ATOM   1248 C  CZ2 . TRP B 1 66 ? 7.760   -3.050  -8.954  1.00 38.66 ? 208 TRP B CZ2 1 
ATOM   1249 C  CZ3 . TRP B 1 66 ? 10.057  -3.811  -9.296  1.00 39.11 ? 208 TRP B CZ3 1 
ATOM   1250 C  CH2 . TRP B 1 66 ? 9.057   -3.183  -8.500  1.00 38.33 ? 208 TRP B CH2 1 
ATOM   1251 N  N   . VAL B 1 67 ? 8.902   -7.589  -15.671 1.00 36.61 ? 209 VAL B N   1 
ATOM   1252 C  CA  . VAL B 1 67 ? 9.244   -7.988  -17.055 1.00 37.15 ? 209 VAL B CA  1 
ATOM   1253 C  C   . VAL B 1 67 ? 8.070   -8.745  -17.713 1.00 37.99 ? 209 VAL B C   1 
ATOM   1254 O  O   . VAL B 1 67 ? 7.755   -8.497  -18.898 1.00 37.46 ? 209 VAL B O   1 
ATOM   1255 C  CB  . VAL B 1 67 ? 10.552  -8.776  -17.109 1.00 37.21 ? 209 VAL B CB  1 
ATOM   1256 C  CG1 . VAL B 1 67 ? 10.815  -9.393  -18.545 1.00 38.35 ? 209 VAL B CG1 1 
ATOM   1257 C  CG2 . VAL B 1 67 ? 11.710  -7.840  -16.698 1.00 37.19 ? 209 VAL B CG2 1 
ATOM   1258 N  N   . LEU B 1 68 ? 7.390   -9.613  -16.937 1.00 36.97 ? 210 LEU B N   1 
ATOM   1259 C  CA  . LEU B 1 68 ? 6.212   -10.293 -17.460 1.00 37.59 ? 210 LEU B CA  1 
ATOM   1260 C  C   . LEU B 1 68 ? 5.155   -9.251  -17.809 1.00 37.05 ? 210 LEU B C   1 
ATOM   1261 O  O   . LEU B 1 68 ? 4.568   -9.303  -18.884 1.00 36.33 ? 210 LEU B O   1 
ATOM   1262 C  CB  . LEU B 1 68 ? 5.647   -11.327 -16.455 1.00 37.82 ? 210 LEU B CB  1 
ATOM   1263 C  CG  . LEU B 1 68 ? 4.383   -12.137 -16.825 1.00 38.30 ? 210 LEU B CG  1 
ATOM   1264 C  CD1 . LEU B 1 68 ? 4.626   -13.029 -18.022 1.00 39.81 ? 210 LEU B CD1 1 
ATOM   1265 C  CD2 . LEU B 1 68 ? 3.938   -13.013 -15.661 1.00 38.90 ? 210 LEU B CD2 1 
ATOM   1266 N  N   . LEU B 1 69 ? 4.910   -8.311  -16.889 1.00 36.89 ? 211 LEU B N   1 
ATOM   1267 C  CA  . LEU B 1 69 ? 3.962   -7.231  -17.124 1.00 37.44 ? 211 LEU B CA  1 
ATOM   1268 C  C   . LEU B 1 69 ? 4.262   -6.424  -18.379 1.00 38.15 ? 211 LEU B C   1 
ATOM   1269 O  O   . LEU B 1 69 ? 3.338   -6.032  -19.106 1.00 39.10 ? 211 LEU B O   1 
ATOM   1270 C  CB  . LEU B 1 69 ? 3.888   -6.307  -15.902 1.00 37.67 ? 211 LEU B CB  1 
ATOM   1271 C  CG  . LEU B 1 69 ? 2.950   -5.092  -15.967 1.00 39.19 ? 211 LEU B CG  1 
ATOM   1272 C  CD1 . LEU B 1 69 ? 1.511   -5.402  -16.500 1.00 38.49 ? 211 LEU B CD1 1 
ATOM   1273 C  CD2 . LEU B 1 69 ? 2.920   -4.394  -14.595 1.00 37.78 ? 211 LEU B CD2 1 
ATOM   1274 N  N   . LEU B 1 70 ? 5.546   -6.209  -18.662 1.00 38.07 ? 212 LEU B N   1 
ATOM   1275 C  CA  . LEU B 1 70 ? 5.948   -5.458  -19.846 1.00 38.61 ? 212 LEU B CA  1 
ATOM   1276 C  C   . LEU B 1 70 ? 5.659   -6.189  -21.167 1.00 38.96 ? 212 LEU B C   1 
ATOM   1277 O  O   . LEU B 1 70 ? 5.762   -5.580  -22.237 1.00 39.06 ? 212 LEU B O   1 
ATOM   1278 C  CB  . LEU B 1 70 ? 7.421   -5.064  -19.759 1.00 38.05 ? 212 LEU B CB  1 
ATOM   1279 C  CG  . LEU B 1 70 ? 7.784   -3.972  -18.755 1.00 38.62 ? 212 LEU B CG  1 
ATOM   1280 C  CD1 . LEU B 1 70 ? 9.334   -3.777  -18.792 1.00 37.47 ? 212 LEU B CD1 1 
ATOM   1281 C  CD2 . LEU B 1 70 ? 7.038   -2.651  -19.042 1.00 36.04 ? 212 LEU B CD2 1 
ATOM   1282 N  N   . ASP B 1 71 ? 5.301   -7.476  -21.076 1.00 39.44 ? 213 ASP B N   1 
ATOM   1283 C  CA  . ASP B 1 71 ? 4.842   -8.280  -22.233 1.00 40.46 ? 213 ASP B CA  1 
ATOM   1284 C  C   . ASP B 1 71 ? 3.383   -8.013  -22.596 1.00 40.11 ? 213 ASP B C   1 
ATOM   1285 O  O   . ASP B 1 71 ? 2.889   -8.532  -23.605 1.00 39.67 ? 213 ASP B O   1 
ATOM   1286 C  CB  . ASP B 1 71 ? 4.987   -9.781  -21.976 1.00 40.90 ? 213 ASP B CB  1 
ATOM   1287 C  CG  . ASP B 1 71 ? 6.370   -10.308 -22.283 1.00 42.97 ? 213 ASP B CG  1 
ATOM   1288 O  OD1 . ASP B 1 71 ? 7.235   -9.555  -22.779 1.00 43.55 ? 213 ASP B OD1 1 
ATOM   1289 O  OD2 . ASP B 1 71 ? 6.592   -11.499 -22.005 1.00 48.13 ? 213 ASP B OD2 1 
ATOM   1290 N  N   . SER B 1 72 ? 2.705   -7.211  -21.769 1.00 39.57 ? 214 SER B N   1 
ATOM   1291 C  CA  . SER B 1 72 ? 1.400   -6.668  -22.116 1.00 39.61 ? 214 SER B CA  1 
ATOM   1292 C  C   . SER B 1 72 ? 1.371   -5.968  -23.483 1.00 40.46 ? 214 SER B C   1 
ATOM   1293 O  O   . SER B 1 72 ? 2.345   -5.327  -23.897 1.00 39.69 ? 214 SER B O   1 
ATOM   1294 C  CB  . SER B 1 72 ? 0.964   -5.655  -21.061 1.00 39.63 ? 214 SER B CB  1 
ATOM   1295 O  OG  . SER B 1 72 ? -0.316  -5.167  -21.374 1.00 38.42 ? 214 SER B OG  1 
ATOM   1296 N  N   . ASN B 1 73 ? 0.219   -6.059  -24.134 1.00 41.20 ? 215 ASN B N   1 
ATOM   1297 C  CA  . ASN B 1 73 ? -0.075  -5.358  -25.374 1.00 42.98 ? 215 ASN B CA  1 
ATOM   1298 C  C   . ASN B 1 73 ? -0.789  -4.027  -25.188 1.00 42.93 ? 215 ASN B C   1 
ATOM   1299 O  O   . ASN B 1 73 ? -1.071  -3.340  -26.161 1.00 43.53 ? 215 ASN B O   1 
ATOM   1300 C  CB  . ASN B 1 73 ? -0.973  -6.234  -26.240 1.00 43.98 ? 215 ASN B CB  1 
ATOM   1301 C  CG  . ASN B 1 73 ? -0.246  -6.821  -27.392 1.00 46.87 ? 215 ASN B CG  1 
ATOM   1302 O  OD1 . ASN B 1 73 ? 0.570   -6.147  -28.033 1.00 51.50 ? 215 ASN B OD1 1 
ATOM   1303 N  ND2 . ASN B 1 73 ? -0.538  -8.083  -27.691 1.00 50.50 ? 215 ASN B ND2 1 
ATOM   1304 N  N   . ASP B 1 74 ? -1.092  -3.674  -23.948 1.00 42.47 ? 216 ASP B N   1 
ATOM   1305 C  CA  . ASP B 1 74 ? -1.843  -2.458  -23.649 1.00 42.44 ? 216 ASP B CA  1 
ATOM   1306 C  C   . ASP B 1 74 ? -1.014  -1.187  -23.984 1.00 42.47 ? 216 ASP B C   1 
ATOM   1307 O  O   . ASP B 1 74 ? 0.019   -0.939  -23.347 1.00 42.29 ? 216 ASP B O   1 
ATOM   1308 C  CB  . ASP B 1 74 ? -2.294  -2.495  -22.184 1.00 42.12 ? 216 ASP B CB  1 
ATOM   1309 C  CG  . ASP B 1 74 ? -3.037  -1.243  -21.751 1.00 43.42 ? 216 ASP B CG  1 
ATOM   1310 O  OD1 . ASP B 1 74 ? -3.334  -0.364  -22.597 1.00 42.77 ? 216 ASP B OD1 1 
ATOM   1311 O  OD2 . ASP B 1 74 ? -3.326  -1.137  -20.543 1.00 43.68 ? 216 ASP B OD2 1 
ATOM   1312 N  N   . PRO B 1 75 ? -1.474  -0.381  -24.982 1.00 42.10 ? 217 PRO B N   1 
ATOM   1313 C  CA  . PRO B 1 75 ? -0.682  0.765   -25.430 1.00 42.37 ? 217 PRO B CA  1 
ATOM   1314 C  C   . PRO B 1 75 ? -0.540  1.812   -24.341 1.00 42.34 ? 217 PRO B C   1 
ATOM   1315 O  O   . PRO B 1 75 ? 0.397   2.616   -24.373 1.00 42.04 ? 217 PRO B O   1 
ATOM   1316 C  CB  . PRO B 1 75 ? -1.490  1.347   -26.602 1.00 42.28 ? 217 PRO B CB  1 
ATOM   1317 C  CG  . PRO B 1 75 ? -2.562  0.375   -26.900 1.00 42.70 ? 217 PRO B CG  1 
ATOM   1318 C  CD  . PRO B 1 75 ? -2.753  -0.493  -25.707 1.00 41.91 ? 217 PRO B CD  1 
ATOM   1319 N  N   . ASN B 1 76 ? -1.460  1.794   -23.379 1.00 42.03 ? 218 ASN B N   1 
ATOM   1320 C  CA  . ASN B 1 76 ? -1.482  2.819   -22.344 1.00 42.09 ? 218 ASN B CA  1 
ATOM   1321 C  C   . ASN B 1 76 ? -0.755  2.407   -21.073 1.00 41.08 ? 218 ASN B C   1 
ATOM   1322 O  O   . ASN B 1 76 ? -0.694  3.179   -20.115 1.00 41.14 ? 218 ASN B O   1 
ATOM   1323 C  CB  . ASN B 1 76 ? -2.915  3.279   -22.056 1.00 42.68 ? 218 ASN B CB  1 
ATOM   1324 C  CG  . ASN B 1 76 ? -3.519  4.048   -23.222 1.00 45.74 ? 218 ASN B CG  1 
ATOM   1325 O  OD1 . ASN B 1 76 ? -4.442  3.563   -23.881 1.00 48.98 ? 218 ASN B OD1 1 
ATOM   1326 N  ND2 . ASN B 1 76 ? -2.987  5.244   -23.498 1.00 47.14 ? 218 ASN B ND2 1 
ATOM   1327 N  N   . LEU B 1 77 ? -0.160  1.217   -21.080 1.00 39.49 ? 219 LEU B N   1 
ATOM   1328 C  CA  . LEU B 1 77 ? 0.590   0.779   -19.916 1.00 38.66 ? 219 LEU B CA  1 
ATOM   1329 C  C   . LEU B 1 77 ? 1.723   1.765   -19.670 1.00 38.75 ? 219 LEU B C   1 
ATOM   1330 O  O   . LEU B 1 77 ? 2.389   2.197   -20.622 1.00 38.71 ? 219 LEU B O   1 
ATOM   1331 C  CB  . LEU B 1 77 ? 1.134   -0.634  -20.133 1.00 38.54 ? 219 LEU B CB  1 
ATOM   1332 C  CG  . LEU B 1 77 ? 1.935   -1.209  -18.971 1.00 37.91 ? 219 LEU B CG  1 
ATOM   1333 C  CD1 . LEU B 1 77 ? 1.009   -1.372  -17.775 1.00 36.52 ? 219 LEU B CD1 1 
ATOM   1334 C  CD2 . LEU B 1 77 ? 2.598   -2.530  -19.333 1.00 37.10 ? 219 LEU B CD2 1 
ATOM   1335 N  N   . ASP B 1 78 ? 1.932   2.134   -18.412 1.00 38.86 ? 220 ASP B N   1 
ATOM   1336 C  CA  . ASP B 1 78 ? 3.005   3.077   -18.074 1.00 40.04 ? 220 ASP B CA  1 
ATOM   1337 C  C   . ASP B 1 78 ? 4.319   2.302   -18.025 1.00 39.75 ? 220 ASP B C   1 
ATOM   1338 O  O   . ASP B 1 78 ? 4.797   1.930   -16.940 1.00 39.87 ? 220 ASP B O   1 
ATOM   1339 C  CB  . ASP B 1 78 ? 2.741   3.788   -16.740 1.00 40.03 ? 220 ASP B CB  1 
ATOM   1340 C  CG  . ASP B 1 78 ? 3.775   4.894   -16.445 1.00 43.13 ? 220 ASP B CG  1 
ATOM   1341 O  OD1 . ASP B 1 78 ? 4.757   5.041   -17.213 1.00 43.26 ? 220 ASP B OD1 1 
ATOM   1342 O  OD2 . ASP B 1 78 ? 3.606   5.623   -15.434 1.00 44.70 ? 220 ASP B OD2 1 
ATOM   1343 N  N   . ARG B 1 79 ? 4.866   2.024   -19.204 1.00 38.59 ? 221 ARG B N   1 
ATOM   1344 C  CA  . ARG B 1 79 ? 6.067   1.203   -19.324 1.00 38.60 ? 221 ARG B CA  1 
ATOM   1345 C  C   . ARG B 1 79 ? 7.274   1.878   -18.693 1.00 38.53 ? 221 ARG B C   1 
ATOM   1346 O  O   . ARG B 1 79 ? 8.130   1.198   -18.125 1.00 38.80 ? 221 ARG B O   1 
ATOM   1347 C  CB  . ARG B 1 79 ? 6.336   0.849   -20.790 1.00 38.55 ? 221 ARG B CB  1 
ATOM   1348 C  CG  . ARG B 1 79 ? 5.251   -0.085  -21.355 1.00 39.70 ? 221 ARG B CG  1 
ATOM   1349 C  CD  . ARG B 1 79 ? 5.208   -0.194  -22.886 1.00 37.97 ? 221 ARG B CD  1 
ATOM   1350 N  NE  . ARG B 1 79 ? 3.918   -0.786  -23.250 1.00 36.07 ? 221 ARG B NE  1 
ATOM   1351 C  CZ  . ARG B 1 79 ? 3.651   -2.087  -23.253 1.00 37.05 ? 221 ARG B CZ  1 
ATOM   1352 N  NH1 . ARG B 1 79 ? 4.595   -2.976  -22.976 1.00 36.96 ? 221 ARG B NH1 1 
ATOM   1353 N  NH2 . ARG B 1 79 ? 2.429   -2.514  -23.554 1.00 38.16 ? 221 ARG B NH2 1 
ATOM   1354 N  N   . VAL B 1 80 ? 7.335   3.205   -18.800 1.00 38.01 ? 222 VAL B N   1 
ATOM   1355 C  CA  . VAL B 1 80 ? 8.426   3.984   -18.230 1.00 38.53 ? 222 VAL B CA  1 
ATOM   1356 C  C   . VAL B 1 80 ? 8.556   3.783   -16.731 1.00 38.67 ? 222 VAL B C   1 
ATOM   1357 O  O   . VAL B 1 80 ? 9.665   3.556   -16.244 1.00 39.48 ? 222 VAL B O   1 
ATOM   1358 C  CB  . VAL B 1 80 ? 8.322   5.512   -18.561 1.00 38.29 ? 222 VAL B CB  1 
ATOM   1359 C  CG1 . VAL B 1 80 ? 9.278   6.333   -17.688 1.00 39.13 ? 222 VAL B CG1 1 
ATOM   1360 C  CG2 . VAL B 1 80 ? 8.646   5.755   -20.030 1.00 38.07 ? 222 VAL B CG2 1 
ATOM   1361 N  N   . THR B 1 81 ? 7.441   3.867   -16.006 1.00 38.41 ? 223 THR B N   1 
ATOM   1362 C  CA  . THR B 1 81 ? 7.460   3.729   -14.552 1.00 39.03 ? 223 THR B CA  1 
ATOM   1363 C  C   . THR B 1 81 ? 7.856   2.313   -14.170 1.00 39.02 ? 223 THR B C   1 
ATOM   1364 O  O   . THR B 1 81 ? 8.662   2.125   -13.260 1.00 39.18 ? 223 THR B O   1 
ATOM   1365 C  CB  . THR B 1 81 ? 6.094   4.134   -13.957 1.00 39.44 ? 223 THR B CB  1 
ATOM   1366 O  OG1 . THR B 1 81 ? 5.937   5.539   -14.153 1.00 40.26 ? 223 THR B OG1 1 
ATOM   1367 C  CG2 . THR B 1 81 ? 5.961   3.826   -12.474 1.00 40.25 ? 223 THR B CG2 1 
ATOM   1368 N  N   . ILE B 1 82 ? 7.324   1.319   -14.888 1.00 38.44 ? 224 ILE B N   1 
ATOM   1369 C  CA  . ILE B 1 82 ? 7.723   -0.061  -14.663 1.00 37.78 ? 224 ILE B CA  1 
ATOM   1370 C  C   . ILE B 1 82 ? 9.231   -0.264  -14.855 1.00 37.86 ? 224 ILE B C   1 
ATOM   1371 O  O   . ILE B 1 82 ? 9.876   -0.904  -14.025 1.00 38.17 ? 224 ILE B O   1 
ATOM   1372 C  CB  . ILE B 1 82 ? 6.929   -1.042  -15.541 1.00 38.69 ? 224 ILE B CB  1 
ATOM   1373 C  CG1 . ILE B 1 82 ? 5.428   -0.969  -15.226 1.00 38.37 ? 224 ILE B CG1 1 
ATOM   1374 C  CG2 . ILE B 1 82 ? 7.417   -2.504  -15.318 1.00 37.51 ? 224 ILE B CG2 1 
ATOM   1375 C  CD1 . ILE B 1 82 ? 4.596   -1.706  -16.256 1.00 40.38 ? 224 ILE B CD1 1 
ATOM   1376 N  N   . ILE B 1 83 ? 9.798   0.302   -15.925 1.00 37.41 ? 225 ILE B N   1 
ATOM   1377 C  CA  . ILE B 1 83 ? 11.252  0.243   -16.132 1.00 37.22 ? 225 ILE B CA  1 
ATOM   1378 C  C   . ILE B 1 83 ? 12.041  0.921   -14.981 1.00 37.57 ? 225 ILE B C   1 
ATOM   1379 O  O   . ILE B 1 83 ? 13.036  0.379   -14.522 1.00 37.15 ? 225 ILE B O   1 
ATOM   1380 C  CB  . ILE B 1 83 ? 11.680  0.787   -17.533 1.00 37.12 ? 225 ILE B CB  1 
ATOM   1381 C  CG1 . ILE B 1 83 ? 11.076  -0.110  -18.637 1.00 36.81 ? 225 ILE B CG1 1 
ATOM   1382 C  CG2 . ILE B 1 83 ? 13.232  0.846   -17.664 1.00 35.10 ? 225 ILE B CG2 1 
ATOM   1383 C  CD1 . ILE B 1 83 ? 11.382  0.363   -20.089 1.00 36.29 ? 225 ILE B CD1 1 
ATOM   1384 N  N   . GLU B 1 84 ? 11.571  2.071   -14.506 1.00 38.01 ? 226 GLU B N   1 
ATOM   1385 C  CA  . GLU B 1 84 ? 12.149  2.739   -13.336 1.00 39.59 ? 226 GLU B CA  1 
ATOM   1386 C  C   . GLU B 1 84 ? 12.159  1.834   -12.093 1.00 38.99 ? 226 GLU B C   1 
ATOM   1387 O  O   . GLU B 1 84 ? 13.111  1.861   -11.304 1.00 38.58 ? 226 GLU B O   1 
ATOM   1388 C  CB  . GLU B 1 84 ? 11.329  3.977   -12.984 1.00 39.00 ? 226 GLU B CB  1 
ATOM   1389 C  CG  . GLU B 1 84 ? 11.455  5.160   -13.925 1.00 42.50 ? 226 GLU B CG  1 
ATOM   1390 C  CD  . GLU B 1 84 ? 10.448  6.257   -13.564 1.00 43.13 ? 226 GLU B CD  1 
ATOM   1391 O  OE1 . GLU B 1 84 ? 9.803   6.165   -12.475 1.00 50.15 ? 226 GLU B OE1 1 
ATOM   1392 O  OE2 . GLU B 1 84 ? 10.291  7.192   -14.367 1.00 47.79 ? 226 GLU B OE2 1 
ATOM   1393 N  N   . SER B 1 85 ? 11.072  1.074   -11.910 1.00 39.52 ? 227 SER B N   1 
ATOM   1394 C  CA  . SER B 1 85 ? 10.923  0.135   -10.779 1.00 39.55 ? 227 SER B CA  1 
ATOM   1395 C  C   . SER B 1 85 ? 11.914  -1.012  -10.927 1.00 39.07 ? 227 SER B C   1 
ATOM   1396 O  O   . SER B 1 85 ? 12.597  -1.381  -9.980  1.00 39.92 ? 227 SER B O   1 
ATOM   1397 C  CB  . SER B 1 85 ? 9.490   -0.395  -10.697 1.00 40.13 ? 227 SER B CB  1 
ATOM   1398 O  OG  . SER B 1 85 ? 8.597   0.668   -10.401 1.00 42.54 ? 227 SER B OG  1 
ATOM   1399 N  N   . ILE B 1 86 ? 12.032  -1.540  -12.133 1.00 38.55 ? 228 ILE B N   1 
ATOM   1400 C  CA  . ILE B 1 86 ? 13.064  -2.539  -12.433 1.00 37.55 ? 228 ILE B CA  1 
ATOM   1401 C  C   . ILE B 1 86 ? 14.469  -2.023  -12.092 1.00 37.66 ? 228 ILE B C   1 
ATOM   1402 O  O   . ILE B 1 86 ? 15.225  -2.691  -11.384 1.00 37.37 ? 228 ILE B O   1 
ATOM   1403 C  CB  . ILE B 1 86 ? 12.963  -3.001  -13.907 1.00 37.02 ? 228 ILE B CB  1 
ATOM   1404 C  CG1 . ILE B 1 86 ? 11.666  -3.810  -14.114 1.00 36.72 ? 228 ILE B CG1 1 
ATOM   1405 C  CG2 . ILE B 1 86 ? 14.223  -3.787  -14.334 1.00 37.18 ? 228 ILE B CG2 1 
ATOM   1406 C  CD1 . ILE B 1 86 ? 11.310  -4.075  -15.609 1.00 36.99 ? 228 ILE B CD1 1 
ATOM   1407 N  N   . ASN B 1 87 ? 14.796  -0.816  -12.553 1.00 38.03 ? 229 ASN B N   1 
ATOM   1408 C  CA  . ASN B 1 87 ? 16.119  -0.223  -12.344 1.00 37.99 ? 229 ASN B CA  1 
ATOM   1409 C  C   . ASN B 1 87 ? 16.417  0.007   -10.855 1.00 38.64 ? 229 ASN B C   1 
ATOM   1410 O  O   . ASN B 1 87 ? 17.556  -0.208  -10.388 1.00 38.88 ? 229 ASN B O   1 
ATOM   1411 C  CB  . ASN B 1 87 ? 16.244  1.104   -13.102 1.00 37.68 ? 229 ASN B CB  1 
ATOM   1412 C  CG  . ASN B 1 87 ? 16.280  0.935   -14.618 1.00 38.73 ? 229 ASN B CG  1 
ATOM   1413 O  OD1 . ASN B 1 87 ? 16.552  -0.162  -15.138 1.00 36.30 ? 229 ASN B OD1 1 
ATOM   1414 N  ND2 . ASN B 1 87 ? 16.025  2.041   -15.343 1.00 35.18 ? 229 ASN B ND2 1 
ATOM   1415 N  N   . LYS B 1 88 ? 15.406  0.463   -10.121 1.00 38.00 ? 230 LYS B N   1 
ATOM   1416 C  CA  . LYS B 1 88 ? 15.524  0.611   -8.662  1.00 38.81 ? 230 LYS B CA  1 
ATOM   1417 C  C   . LYS B 1 88 ? 15.856  -0.731  -7.989  1.00 38.06 ? 230 LYS B C   1 
ATOM   1418 O  O   . LYS B 1 88 ? 16.801  -0.821  -7.193  1.00 37.77 ? 230 LYS B O   1 
ATOM   1419 C  CB  . LYS B 1 88 ? 14.237  1.204   -8.047  1.00 39.31 ? 230 LYS B CB  1 
ATOM   1420 C  CG  . LYS B 1 88 ? 14.412  1.660   -6.572  1.00 42.86 ? 230 LYS B CG  1 
ATOM   1421 C  CD  . LYS B 1 88 ? 15.750  2.408   -6.371  1.00 45.43 ? 230 LYS B CD  1 
ATOM   1422 C  CE  . LYS B 1 88 ? 15.794  3.133   -5.061  1.00 50.37 ? 230 LYS B CE  1 
ATOM   1423 N  NZ  . LYS B 1 88 ? 14.782  4.238   -4.984  1.00 52.10 ? 230 LYS B NZ  1 
ATOM   1424 N  N   . ALA B 1 89 ? 15.086  -1.762  -8.331  1.00 37.38 ? 231 ALA B N   1 
ATOM   1425 C  CA  . ALA B 1 89 ? 15.305  -3.093  -7.781  1.00 37.55 ? 231 ALA B CA  1 
ATOM   1426 C  C   . ALA B 1 89 ? 16.699  -3.612  -8.083  1.00 37.91 ? 231 ALA B C   1 
ATOM   1427 O  O   . ALA B 1 89 ? 17.330  -4.182  -7.197  1.00 38.12 ? 231 ALA B O   1 
ATOM   1428 C  CB  . ALA B 1 89 ? 14.258  -4.058  -8.255  1.00 36.52 ? 231 ALA B CB  1 
ATOM   1429 N  N   . LYS B 1 90 ? 17.184  -3.400  -9.313  1.00 38.71 ? 232 LYS B N   1 
ATOM   1430 C  CA  . LYS B 1 90 ? 18.519  -3.863  -9.708  1.00 40.56 ? 232 LYS B CA  1 
ATOM   1431 C  C   . LYS B 1 90 ? 19.557  -3.206  -8.816  1.00 40.89 ? 232 LYS B C   1 
ATOM   1432 O  O   . LYS B 1 90 ? 20.484  -3.848  -8.354  1.00 41.48 ? 232 LYS B O   1 
ATOM   1433 C  CB  . LYS B 1 90 ? 18.830  -3.532  -11.188 1.00 40.47 ? 232 LYS B CB  1 
ATOM   1434 C  CG  . LYS B 1 90 ? 18.159  -4.443  -12.201 1.00 42.01 ? 232 LYS B CG  1 
ATOM   1435 C  CD  . LYS B 1 90 ? 18.664  -4.235  -13.647 1.00 42.36 ? 232 LYS B CD  1 
ATOM   1436 C  CE  . LYS B 1 90 ? 20.196  -4.203  -13.735 1.00 43.75 ? 232 LYS B CE  1 
ATOM   1437 N  NZ  . LYS B 1 90 ? 20.795  -4.352  -15.130 1.00 46.93 ? 232 LYS B NZ  1 
ATOM   1438 N  N   . LYS B 1 91 ? 19.366  -1.912  -8.585  1.00 41.74 ? 233 LYS B N   1 
ATOM   1439 C  CA  . LYS B 1 91 ? 20.238  -1.079  -7.774  1.00 42.66 ? 233 LYS B CA  1 
ATOM   1440 C  C   . LYS B 1 91 ? 20.212  -1.492  -6.284  1.00 42.67 ? 233 LYS B C   1 
ATOM   1441 O  O   . LYS B 1 91 ? 21.242  -1.419  -5.599  1.00 41.26 ? 233 LYS B O   1 
ATOM   1442 C  CB  . LYS B 1 91 ? 19.801  0.376   -7.975  1.00 43.21 ? 233 LYS B CB  1 
ATOM   1443 C  CG  . LYS B 1 91 ? 20.468  1.407   -7.121  1.00 46.08 ? 233 LYS B CG  1 
ATOM   1444 C  CD  . LYS B 1 91 ? 19.831  2.774   -7.358  1.00 49.67 ? 233 LYS B CD  1 
ATOM   1445 C  CE  . LYS B 1 91 ? 20.424  3.841   -6.425  1.00 51.41 ? 233 LYS B CE  1 
ATOM   1446 N  NZ  . LYS B 1 91 ? 21.900  4.048   -6.634  1.00 52.11 ? 233 LYS B NZ  1 
ATOM   1447 N  N   . LEU B 1 92 ? 19.045  -1.947  -5.799  1.00 43.04 ? 234 LEU B N   1 
ATOM   1448 C  CA  . LEU B 1 92 ? 18.910  -2.385  -4.398  1.00 43.56 ? 234 LEU B CA  1 
ATOM   1449 C  C   . LEU B 1 92 ? 19.447  -3.793  -4.146  1.00 45.68 ? 234 LEU B C   1 
ATOM   1450 O  O   . LEU B 1 92 ? 19.731  -4.141  -3.008  1.00 45.41 ? 234 LEU B O   1 
ATOM   1451 C  CB  . LEU B 1 92 ? 17.462  -2.267  -3.900  1.00 42.86 ? 234 LEU B CB  1 
ATOM   1452 C  CG  . LEU B 1 92 ? 16.940  -0.839  -3.716  1.00 39.98 ? 234 LEU B CG  1 
ATOM   1453 C  CD1 . LEU B 1 92 ? 15.456  -0.846  -3.519  1.00 35.85 ? 234 LEU B CD1 1 
ATOM   1454 C  CD2 . LEU B 1 92 ? 17.643  -0.137  -2.556  1.00 38.05 ? 234 LEU B CD2 1 
HETATM 1455 N  N   . MSE B 1 93 ? 19.562  -4.598  -5.204  1.00 47.91 ? 235 MSE B N   1 
HETATM 1456 C  CA  . MSE B 1 93 ? 20.285  -5.871  -5.147  1.00 51.38 ? 235 MSE B CA  1 
HETATM 1457 C  C   . MSE B 1 93 ? 21.764  -5.627  -4.894  1.00 50.44 ? 235 MSE B C   1 
HETATM 1458 O  O   . MSE B 1 93 ? 22.400  -6.399  -4.199  1.00 50.75 ? 235 MSE B O   1 
HETATM 1459 C  CB  . MSE B 1 93 ? 20.135  -6.656  -6.455  1.00 50.74 ? 235 MSE B CB  1 
HETATM 1460 C  CG  . MSE B 1 93 ? 18.759  -7.253  -6.657  1.00 52.79 ? 235 MSE B CG  1 
HETATM 1461 SE SE  . MSE B 1 93 ? 18.470  -7.987  -8.455  1.00 58.77 ? 235 MSE B SE  1 
HETATM 1462 C  CE  . MSE B 1 93 ? 19.565  -9.605  -8.288  1.00 56.79 ? 235 MSE B CE  1 
HETATM 1463 C  C1  . EDO C 2 .  ? -13.502 13.307  -3.634  1.00 52.04 ? 301 EDO A C1  1 
HETATM 1464 O  O1  . EDO C 2 .  ? -13.737 12.628  -2.380  1.00 50.21 ? 301 EDO A O1  1 
HETATM 1465 C  C2  . EDO C 2 .  ? -12.546 12.559  -4.581  1.00 53.95 ? 301 EDO A C2  1 
HETATM 1466 O  O2  . EDO C 2 .  ? -11.202 13.103  -4.469  1.00 51.43 ? 301 EDO A O2  1 
HETATM 1467 C  C1  . EDO D 2 .  ? 3.583   -0.855  6.103   1.00 54.97 ? 302 EDO A C1  1 
HETATM 1468 O  O1  . EDO D 2 .  ? 2.740   0.306   5.927   1.00 57.19 ? 302 EDO A O1  1 
HETATM 1469 C  C2  . EDO D 2 .  ? 4.812   -0.522  6.943   1.00 51.14 ? 302 EDO A C2  1 
HETATM 1470 O  O2  . EDO D 2 .  ? 5.875   -1.404  6.568   1.00 52.14 ? 302 EDO A O2  1 
HETATM 1471 C  C1  . EDO E 2 .  ? -15.672 15.141  1.518   1.00 55.61 ? 304 EDO A C1  1 
HETATM 1472 O  O1  . EDO E 2 .  ? -15.918 15.068  2.925   1.00 54.83 ? 304 EDO A O1  1 
HETATM 1473 C  C2  . EDO E 2 .  ? -14.813 16.354  1.199   1.00 55.07 ? 304 EDO A C2  1 
HETATM 1474 O  O2  . EDO E 2 .  ? -14.607 16.337  -0.212  1.00 57.54 ? 304 EDO A O2  1 
HETATM 1475 C  C1  . EDO F 2 .  ? -6.464  -2.947  7.876   1.00 53.21 ? 303 EDO B C1  1 
HETATM 1476 O  O1  . EDO F 2 .  ? -6.227  -1.547  8.095   1.00 54.86 ? 303 EDO B O1  1 
HETATM 1477 C  C2  . EDO F 2 .  ? -5.609  -3.733  8.851   1.00 54.08 ? 303 EDO B C2  1 
HETATM 1478 O  O2  . EDO F 2 .  ? -4.280  -3.174  8.874   1.00 54.54 ? 303 EDO B O2  1 
HETATM 1479 O  O   . HOH G 3 .  ? -3.808  1.798   8.737   1.00 62.76 ? 3   HOH A O   1 
HETATM 1480 O  O   . HOH G 3 .  ? 11.793  -1.451  16.079  1.00 46.12 ? 5   HOH A O   1 
HETATM 1481 O  O   . HOH G 3 .  ? -0.380  9.799   2.464   1.00 31.64 ? 7   HOH A O   1 
HETATM 1482 O  O   . HOH G 3 .  ? -2.446  14.081  19.776  1.00 48.25 ? 9   HOH A O   1 
HETATM 1483 O  O   . HOH G 3 .  ? 9.407   13.662  11.058  1.00 40.25 ? 12  HOH A O   1 
HETATM 1484 O  O   . HOH G 3 .  ? -18.409 8.966   20.236  1.00 64.21 ? 13  HOH A O   1 
HETATM 1485 O  O   . HOH G 3 .  ? 12.021  -3.646  9.519   1.00 39.94 ? 14  HOH A O   1 
HETATM 1486 O  O   . HOH G 3 .  ? -5.422  6.135   17.361  1.00 49.30 ? 15  HOH A O   1 
HETATM 1487 O  O   . HOH G 3 .  ? -9.810  20.203  8.093   1.00 37.94 ? 25  HOH A O   1 
HETATM 1488 O  O   . HOH G 3 .  ? -5.379  3.880   10.420  1.00 39.59 ? 28  HOH A O   1 
HETATM 1489 O  O   . HOH G 3 .  ? -10.485 12.606  20.154  1.00 45.13 ? 30  HOH A O   1 
HETATM 1490 O  O   . HOH G 3 .  ? -13.992 8.657   -0.774  1.00 48.91 ? 31  HOH A O   1 
HETATM 1491 O  O   . HOH G 3 .  ? 6.271   -7.361  3.384   1.00 57.53 ? 33  HOH A O   1 
HETATM 1492 O  O   . HOH G 3 .  ? -0.211  -0.018  10.131  1.00 57.10 ? 35  HOH A O   1 
HETATM 1493 O  O   . HOH G 3 .  ? -17.673 7.441   -0.246  1.00 46.92 ? 41  HOH A O   1 
HETATM 1494 O  O   . HOH G 3 .  ? 1.834   2.520   10.350  1.00 40.93 ? 42  HOH A O   1 
HETATM 1495 O  O   . HOH G 3 .  ? -6.992  14.243  -1.785  1.00 49.84 ? 44  HOH A O   1 
HETATM 1496 O  O   . HOH G 3 .  ? -1.712  9.567   -1.854  1.00 43.16 ? 46  HOH A O   1 
HETATM 1497 O  O   . HOH G 3 .  ? 10.586  4.998   -4.227  1.00 41.59 ? 48  HOH A O   1 
HETATM 1498 O  O   . HOH G 3 .  ? 4.799   15.718  21.666  1.00 49.53 ? 49  HOH A O   1 
HETATM 1499 O  O   . HOH G 3 .  ? 4.676   14.463  3.074   1.00 55.19 ? 50  HOH A O   1 
HETATM 1500 O  O   . HOH G 3 .  ? 8.717   10.423  -0.462  1.00 45.49 ? 56  HOH A O   1 
HETATM 1501 O  O   . HOH G 3 .  ? -4.405  8.460   -4.249  1.00 48.52 ? 59  HOH A O   1 
HETATM 1502 O  O   . HOH G 3 .  ? -4.074  14.347  4.859   1.00 50.16 ? 60  HOH A O   1 
HETATM 1503 O  O   . HOH G 3 .  ? -18.324 11.045  7.126   1.00 59.87 ? 66  HOH A O   1 
HETATM 1504 O  O   . HOH G 3 .  ? 19.093  -2.316  10.384  1.00 60.62 ? 67  HOH A O   1 
HETATM 1505 O  O   . HOH G 3 .  ? -3.263  2.990   -4.017  1.00 56.06 ? 70  HOH A O   1 
HETATM 1506 O  O   . HOH G 3 .  ? 16.032  3.289   11.918  1.00 45.42 ? 71  HOH A O   1 
HETATM 1507 O  O   . HOH G 3 .  ? 11.505  8.389   -1.086  1.00 40.55 ? 73  HOH A O   1 
HETATM 1508 O  O   . HOH G 3 .  ? -9.682  8.936   20.106  1.00 50.24 ? 75  HOH A O   1 
HETATM 1509 O  O   . HOH G 3 .  ? 4.971   14.821  7.606   1.00 55.76 ? 77  HOH A O   1 
HETATM 1510 O  O   . HOH G 3 .  ? -0.005  16.302  13.197  1.00 59.72 ? 79  HOH A O   1 
HETATM 1511 O  O   . HOH G 3 .  ? -14.249 2.003   -5.377  1.00 62.18 ? 80  HOH A O   1 
HETATM 1512 O  O   . HOH G 3 .  ? 6.746   0.126   21.768  1.00 55.63 ? 81  HOH A O   1 
HETATM 1513 O  O   . HOH G 3 .  ? -13.084 19.111  1.138   1.00 61.94 ? 82  HOH A O   1 
HETATM 1514 O  O   . HOH G 3 .  ? -17.112 1.895   2.811   1.00 57.68 ? 86  HOH A O   1 
HETATM 1515 O  O   . HOH G 3 .  ? 1.218   2.394   14.995  1.00 52.57 ? 87  HOH A O   1 
HETATM 1516 O  O   . HOH G 3 .  ? -15.000 13.397  4.724   1.00 38.35 ? 90  HOH A O   1 
HETATM 1517 O  O   . HOH G 3 .  ? -17.201 11.727  4.475   1.00 36.96 ? 91  HOH A O   1 
HETATM 1518 O  O   . HOH G 3 .  ? -1.515  6.395   20.249  1.00 49.41 ? 92  HOH A O   1 
HETATM 1519 O  O   . HOH G 3 .  ? 3.860   0.982   11.212  1.00 47.03 ? 93  HOH A O   1 
HETATM 1520 O  O   . HOH G 3 .  ? 9.874   14.288  2.693   1.00 56.22 ? 96  HOH A O   1 
HETATM 1521 O  O   . HOH G 3 .  ? 3.807   9.601   -5.732  1.00 47.28 ? 97  HOH A O   1 
HETATM 1522 O  O   . HOH G 3 .  ? -3.765  0.106   -4.400  1.00 50.36 ? 98  HOH A O   1 
HETATM 1523 O  O   . HOH G 3 .  ? -9.536  17.673  2.006   1.00 60.91 ? 99  HOH A O   1 
HETATM 1524 O  O   . HOH G 3 .  ? 9.796   13.520  15.919  1.00 50.81 ? 101 HOH A O   1 
HETATM 1525 O  O   . HOH G 3 .  ? 6.735   16.905  16.716  1.00 67.64 ? 103 HOH A O   1 
HETATM 1526 O  O   . HOH H 3 .  ? 4.612   -11.312 -4.312  1.00 34.00 ? 1   HOH B O   1 
HETATM 1527 O  O   . HOH H 3 .  ? -3.799  -9.785  -20.283 1.00 40.94 ? 2   HOH B O   1 
HETATM 1528 O  O   . HOH H 3 .  ? -2.242  -7.502  -23.291 1.00 50.97 ? 4   HOH B O   1 
HETATM 1529 O  O   . HOH H 3 .  ? -2.259  -2.946  5.831   1.00 53.18 ? 6   HOH B O   1 
HETATM 1530 O  O   . HOH H 3 .  ? -1.660  -4.978  -19.258 1.00 36.53 ? 8   HOH B O   1 
HETATM 1531 O  O   . HOH H 3 .  ? -0.269  2.089   -16.460 1.00 43.37 ? 10  HOH B O   1 
HETATM 1532 O  O   . HOH H 3 .  ? 6.035   0.057   -10.974 1.00 44.86 ? 11  HOH B O   1 
HETATM 1533 O  O   . HOH H 3 .  ? 8.980   -8.233  -21.292 1.00 40.42 ? 16  HOH B O   1 
HETATM 1534 O  O   . HOH H 3 .  ? -4.084  -17.541 -19.462 1.00 57.54 ? 17  HOH B O   1 
HETATM 1535 O  O   . HOH H 3 .  ? 14.832  4.080   -11.226 1.00 39.25 ? 18  HOH B O   1 
HETATM 1536 O  O   . HOH H 3 .  ? 4.221   -2.052  -9.916  1.00 34.56 ? 19  HOH B O   1 
HETATM 1537 O  O   . HOH H 3 .  ? -8.547  -2.628  -4.314  1.00 40.55 ? 20  HOH B O   1 
HETATM 1538 O  O   . HOH H 3 .  ? 2.591   1.668   -23.198 1.00 43.04 ? 21  HOH B O   1 
HETATM 1539 O  O   . HOH H 3 .  ? -3.284  -4.012  -7.541  1.00 40.56 ? 22  HOH B O   1 
HETATM 1540 O  O   . HOH H 3 .  ? 0.212   -2.164  -28.396 1.00 55.59 ? 23  HOH B O   1 
HETATM 1541 O  O   . HOH H 3 .  ? 5.878   -14.063 -8.767  1.00 45.52 ? 24  HOH B O   1 
HETATM 1542 O  O   . HOH H 3 .  ? -1.820  -1.054  -3.847  1.00 43.31 ? 26  HOH B O   1 
HETATM 1543 O  O   . HOH H 3 .  ? 9.742   -12.576 -16.281 1.00 48.02 ? 27  HOH B O   1 
HETATM 1544 O  O   . HOH H 3 .  ? 17.292  -8.926  -0.894  1.00 46.43 ? 29  HOH B O   1 
HETATM 1545 O  O   . HOH H 3 .  ? 3.694   -10.108 -25.521 1.00 50.71 ? 32  HOH B O   1 
HETATM 1546 O  O   . HOH H 3 .  ? 0.540   -14.267 -16.662 1.00 46.22 ? 34  HOH B O   1 
HETATM 1547 O  O   . HOH H 3 .  ? 21.522  5.453   -9.252  1.00 76.07 ? 36  HOH B O   1 
HETATM 1548 O  O   . HOH H 3 .  ? -3.268  -20.454 -3.330  1.00 55.74 ? 37  HOH B O   1 
HETATM 1549 O  O   . HOH H 3 .  ? 4.646   -12.335 -0.052  1.00 38.40 ? 38  HOH B O   1 
HETATM 1550 O  O   . HOH H 3 .  ? 7.317   -15.961 -2.782  1.00 68.06 ? 39  HOH B O   1 
HETATM 1551 O  O   . HOH H 3 .  ? 19.666  0.020   -11.900 1.00 58.81 ? 40  HOH B O   1 
HETATM 1552 O  O   . HOH H 3 .  ? 4.768   -13.523 -21.699 1.00 48.97 ? 43  HOH B O   1 
HETATM 1553 O  O   . HOH H 3 .  ? 6.615   7.468   -11.863 1.00 58.80 ? 45  HOH B O   1 
HETATM 1554 O  O   . HOH H 3 .  ? 4.473   -14.806 -2.086  1.00 54.02 ? 47  HOH B O   1 
HETATM 1555 O  O   . HOH H 3 .  ? -4.288  0.715   -19.360 1.00 55.90 ? 51  HOH B O   1 
HETATM 1556 O  O   . HOH H 3 .  ? 1.472   4.551   -13.387 1.00 61.02 ? 52  HOH B O   1 
HETATM 1557 O  O   . HOH H 3 .  ? 5.024   3.532   -23.273 1.00 46.62 ? 53  HOH B O   1 
HETATM 1558 O  O   . HOH H 3 .  ? 7.771   7.836   -14.665 1.00 64.76 ? 54  HOH B O   1 
HETATM 1559 O  O   . HOH H 3 .  ? -5.701  -4.015  -14.398 1.00 34.52 ? 55  HOH B O   1 
HETATM 1560 O  O   . HOH H 3 .  ? 3.155   -12.936 2.676   1.00 42.70 ? 57  HOH B O   1 
HETATM 1561 O  O   . HOH H 3 .  ? -4.332  -13.512 8.376   1.00 56.94 ? 58  HOH B O   1 
HETATM 1562 O  O   . HOH H 3 .  ? 16.731  -10.942 -5.138  1.00 43.39 ? 61  HOH B O   1 
HETATM 1563 O  O   . HOH H 3 .  ? -2.716  -18.211 3.950   1.00 45.08 ? 62  HOH B O   1 
HETATM 1564 O  O   . HOH H 3 .  ? -4.649  -4.396  -17.043 1.00 37.04 ? 63  HOH B O   1 
HETATM 1565 O  O   . HOH H 3 .  ? 0.081   -15.679 -7.304  1.00 49.93 ? 64  HOH B O   1 
HETATM 1566 O  O   . HOH H 3 .  ? -2.578  -0.911  -10.548 1.00 48.85 ? 65  HOH B O   1 
HETATM 1567 O  O   . HOH H 3 .  ? 3.201   -14.241 -11.576 1.00 54.34 ? 68  HOH B O   1 
HETATM 1568 O  O   . HOH H 3 .  ? 3.940   -13.907 -4.396  1.00 42.54 ? 69  HOH B O   1 
HETATM 1569 O  O   . HOH H 3 .  ? -11.608 -9.849  -17.598 1.00 55.94 ? 72  HOH B O   1 
HETATM 1570 O  O   . HOH H 3 .  ? -5.033  -1.387  -13.023 1.00 55.07 ? 74  HOH B O   1 
HETATM 1571 O  O   . HOH H 3 .  ? 2.506   1.219   -13.558 1.00 59.83 ? 76  HOH B O   1 
HETATM 1572 O  O   . HOH H 3 .  ? -9.538  -3.557  -17.236 1.00 54.81 ? 78  HOH B O   1 
HETATM 1573 O  O   . HOH H 3 .  ? 13.981  -12.586 -5.191  1.00 44.82 ? 83  HOH B O   1 
HETATM 1574 O  O   . HOH H 3 .  ? -6.927  -14.356 3.258   1.00 50.75 ? 84  HOH B O   1 
HETATM 1575 O  O   . HOH H 3 .  ? -10.255 -13.016 4.134   1.00 37.73 ? 85  HOH B O   1 
HETATM 1576 O  O   . HOH H 3 .  ? -6.350  -17.854 2.761   1.00 49.39 ? 88  HOH B O   1 
HETATM 1577 O  O   . HOH H 3 .  ? -10.305 -6.704  -16.493 1.00 49.84 ? 89  HOH B O   1 
HETATM 1578 O  O   . HOH H 3 .  ? -9.996  -16.245 -2.844  1.00 55.14 ? 94  HOH B O   1 
HETATM 1579 O  O   . HOH H 3 .  ? 12.626  3.112   -4.045  1.00 44.48 ? 95  HOH B O   1 
HETATM 1580 O  O   . HOH H 3 .  ? 15.640  4.671   -13.854 1.00 50.10 ? 100 HOH B O   1 
HETATM 1581 O  O   . HOH H 3 .  ? -6.088  -16.395 5.904   1.00 55.65 ? 102 HOH B O   1 
# 
